data_2DPZ
# 
_entry.id   2DPZ 
# 
_audit_conform.dict_name       mmcif_pdbx.dic 
_audit_conform.dict_version    5.398 
_audit_conform.dict_location   http://mmcif.pdb.org/dictionaries/ascii/mmcif_pdbx.dic 
# 
loop_
_database_2.database_id 
_database_2.database_code 
_database_2.pdbx_database_accession 
_database_2.pdbx_DOI 
PDB   2DPZ         pdb_00002dpz 10.2210/pdb2dpz/pdb 
RCSB  RCSB025704   ?            ?                   
WWPDB D_1000025704 ?            ?                   
# 
loop_
_pdbx_audit_revision_history.ordinal 
_pdbx_audit_revision_history.data_content_type 
_pdbx_audit_revision_history.major_revision 
_pdbx_audit_revision_history.minor_revision 
_pdbx_audit_revision_history.revision_date 
1 'Structure model' 1 0 2006-06-06 
2 'Structure model' 1 1 2008-04-30 
3 'Structure model' 1 2 2011-07-13 
4 'Structure model' 1 3 2017-10-11 
5 'Structure model' 1 4 2023-10-25 
6 'Structure model' 1 5 2024-10-30 
# 
_pdbx_audit_revision_details.ordinal             1 
_pdbx_audit_revision_details.revision_ordinal    1 
_pdbx_audit_revision_details.data_content_type   'Structure model' 
_pdbx_audit_revision_details.provider            repository 
_pdbx_audit_revision_details.type                'Initial release' 
_pdbx_audit_revision_details.description         ? 
_pdbx_audit_revision_details.details             ? 
# 
loop_
_pdbx_audit_revision_group.ordinal 
_pdbx_audit_revision_group.revision_ordinal 
_pdbx_audit_revision_group.data_content_type 
_pdbx_audit_revision_group.group 
1 2 'Structure model' 'Version format compliance' 
2 3 'Structure model' 'Version format compliance' 
3 4 'Structure model' 'Refinement description'    
4 5 'Structure model' 'Data collection'           
5 5 'Structure model' 'Database references'       
6 5 'Structure model' 'Derived calculations'      
7 5 'Structure model' 'Refinement description'    
8 6 'Structure model' 'Structure summary'         
# 
loop_
_pdbx_audit_revision_category.ordinal 
_pdbx_audit_revision_category.revision_ordinal 
_pdbx_audit_revision_category.data_content_type 
_pdbx_audit_revision_category.category 
1 4 'Structure model' software                      
2 5 'Structure model' chem_comp_atom                
3 5 'Structure model' chem_comp_bond                
4 5 'Structure model' database_2                    
5 5 'Structure model' pdbx_initial_refinement_model 
6 5 'Structure model' struct_site                   
7 6 'Structure model' pdbx_entry_details            
8 6 'Structure model' pdbx_modification_feature     
# 
loop_
_pdbx_audit_revision_item.ordinal 
_pdbx_audit_revision_item.revision_ordinal 
_pdbx_audit_revision_item.data_content_type 
_pdbx_audit_revision_item.item 
1 4 'Structure model' '_software.classification'            
2 4 'Structure model' '_software.name'                      
3 5 'Structure model' '_database_2.pdbx_DOI'                
4 5 'Structure model' '_database_2.pdbx_database_accession' 
5 5 'Structure model' '_struct_site.pdbx_auth_asym_id'      
6 5 'Structure model' '_struct_site.pdbx_auth_comp_id'      
7 5 'Structure model' '_struct_site.pdbx_auth_seq_id'       
# 
_pdbx_database_status.status_code                     REL 
_pdbx_database_status.entry_id                        2DPZ 
_pdbx_database_status.recvd_initial_deposition_date   2006-05-18 
_pdbx_database_status.deposit_site                    PDBJ 
_pdbx_database_status.process_site                    PDBJ 
_pdbx_database_status.status_code_sf                  ? 
_pdbx_database_status.status_code_mr                  ? 
_pdbx_database_status.SG_entry                        ? 
_pdbx_database_status.pdb_format_compatible           Y 
_pdbx_database_status.status_code_cs                  ? 
_pdbx_database_status.methods_development_category    ? 
_pdbx_database_status.status_code_nmr_data            ? 
# 
_pdbx_database_related.db_name        PDB 
_pdbx_database_related.db_id          1Q7A 
_pdbx_database_related.details        
;Crystal structure of the complex formed between russell's viper phospholipase A2 and an antiinflammatory agent oxyphenbutazone at 1.6A resolution
;
_pdbx_database_related.content_type   unspecified 
# 
loop_
_audit_author.name 
_audit_author.pdbx_ordinal 
'Singh, N.'   1 
'Sharma, S.'  2 
'Singh, T.P.' 3 
# 
_citation.id                        primary 
_citation.title                     
;Phospholipase A2 as a target protein for non-steroidal anti-inflammatory drugs (NSAIDs): Crystal structure of the complex formed between a group II phospholipase A2 and N-(4-hydroxyphenyl) - acetamide at 2.1  resolution
;
_citation.journal_abbrev            'To be Published' 
_citation.journal_volume            ? 
_citation.page_first                ? 
_citation.page_last                 ? 
_citation.year                      ? 
_citation.journal_id_ASTM           ? 
_citation.country                   ? 
_citation.journal_id_ISSN           ? 
_citation.journal_id_CSD            0353 
_citation.book_publisher            ? 
_citation.pdbx_database_id_PubMed   ? 
_citation.pdbx_database_id_DOI      ? 
# 
loop_
_citation_author.citation_id 
_citation_author.name 
_citation_author.ordinal 
_citation_author.identifier_ORCID 
primary 'Singh, N.'   1 ? 
primary 'Sharma, S.'  2 ? 
primary 'Singh, T.P.' 3 ? 
# 
loop_
_entity.id 
_entity.type 
_entity.src_method 
_entity.pdbx_description 
_entity.formula_weight 
_entity.pdbx_number_of_molecules 
_entity.pdbx_ec 
_entity.pdbx_mutation 
_entity.pdbx_fragment 
_entity.details 
1 polymer     nat 'Phospholipase A2 VRV-PL-VIIIa'          13629.767 1   3.1.1.4 ? ? ? 
2 non-polymer syn 'SULFATE ION'                            96.063    1   ?       ? ? ? 
3 non-polymer syn 'N-(4-HYDROXYPHENYL)ACETAMIDE (TYLENOL)' 151.163   1   ?       ? ? ? 
4 water       nat water                                    18.015    127 ?       ? ? ? 
# 
_entity_name_com.entity_id   1 
_entity_name_com.name        'Phospholipase A2, Phosphatidylcholine 2- acylhydrolase, DPLA2' 
# 
_entity_poly.entity_id                      1 
_entity_poly.type                           'polypeptide(L)' 
_entity_poly.nstd_linkage                   no 
_entity_poly.nstd_monomer                   no 
_entity_poly.pdbx_seq_one_letter_code       
;SLLEFGKMILEETGKLAIPSYSSYGCYCGWGGKGTPKDATDRCCFVHDCCYGNLPDCNPKSDRYKYKRVNGAIVCEKGTS
CENRICECDKAAAICFRQNLNTYSKKYMLYPDFLCKGELKC
;
_entity_poly.pdbx_seq_one_letter_code_can   
;SLLEFGKMILEETGKLAIPSYSSYGCYCGWGGKGTPKDATDRCCFVHDCCYGNLPDCNPKSDRYKYKRVNGAIVCEKGTS
CENRICECDKAAAICFRQNLNTYSKKYMLYPDFLCKGELKC
;
_entity_poly.pdbx_strand_id                 A 
_entity_poly.pdbx_target_identifier         ? 
# 
loop_
_pdbx_entity_nonpoly.entity_id 
_pdbx_entity_nonpoly.name 
_pdbx_entity_nonpoly.comp_id 
2 'SULFATE ION'                            SO4 
3 'N-(4-HYDROXYPHENYL)ACETAMIDE (TYLENOL)' TYL 
4 water                                    HOH 
# 
loop_
_entity_poly_seq.entity_id 
_entity_poly_seq.num 
_entity_poly_seq.mon_id 
_entity_poly_seq.hetero 
1 1   SER n 
1 2   LEU n 
1 3   LEU n 
1 4   GLU n 
1 5   PHE n 
1 6   GLY n 
1 7   LYS n 
1 8   MET n 
1 9   ILE n 
1 10  LEU n 
1 11  GLU n 
1 12  GLU n 
1 13  THR n 
1 14  GLY n 
1 15  LYS n 
1 16  LEU n 
1 17  ALA n 
1 18  ILE n 
1 19  PRO n 
1 20  SER n 
1 21  TYR n 
1 22  SER n 
1 23  SER n 
1 24  TYR n 
1 25  GLY n 
1 26  CYS n 
1 27  TYR n 
1 28  CYS n 
1 29  GLY n 
1 30  TRP n 
1 31  GLY n 
1 32  GLY n 
1 33  LYS n 
1 34  GLY n 
1 35  THR n 
1 36  PRO n 
1 37  LYS n 
1 38  ASP n 
1 39  ALA n 
1 40  THR n 
1 41  ASP n 
1 42  ARG n 
1 43  CYS n 
1 44  CYS n 
1 45  PHE n 
1 46  VAL n 
1 47  HIS n 
1 48  ASP n 
1 49  CYS n 
1 50  CYS n 
1 51  TYR n 
1 52  GLY n 
1 53  ASN n 
1 54  LEU n 
1 55  PRO n 
1 56  ASP n 
1 57  CYS n 
1 58  ASN n 
1 59  PRO n 
1 60  LYS n 
1 61  SER n 
1 62  ASP n 
1 63  ARG n 
1 64  TYR n 
1 65  LYS n 
1 66  TYR n 
1 67  LYS n 
1 68  ARG n 
1 69  VAL n 
1 70  ASN n 
1 71  GLY n 
1 72  ALA n 
1 73  ILE n 
1 74  VAL n 
1 75  CYS n 
1 76  GLU n 
1 77  LYS n 
1 78  GLY n 
1 79  THR n 
1 80  SER n 
1 81  CYS n 
1 82  GLU n 
1 83  ASN n 
1 84  ARG n 
1 85  ILE n 
1 86  CYS n 
1 87  GLU n 
1 88  CYS n 
1 89  ASP n 
1 90  LYS n 
1 91  ALA n 
1 92  ALA n 
1 93  ALA n 
1 94  ILE n 
1 95  CYS n 
1 96  PHE n 
1 97  ARG n 
1 98  GLN n 
1 99  ASN n 
1 100 LEU n 
1 101 ASN n 
1 102 THR n 
1 103 TYR n 
1 104 SER n 
1 105 LYS n 
1 106 LYS n 
1 107 TYR n 
1 108 MET n 
1 109 LEU n 
1 110 TYR n 
1 111 PRO n 
1 112 ASP n 
1 113 PHE n 
1 114 LEU n 
1 115 CYS n 
1 116 LYS n 
1 117 GLY n 
1 118 GLU n 
1 119 LEU n 
1 120 LYS n 
1 121 CYS n 
# 
_entity_src_nat.entity_id                  1 
_entity_src_nat.pdbx_src_id                1 
_entity_src_nat.pdbx_alt_source_flag       sample 
_entity_src_nat.pdbx_beg_seq_num           ? 
_entity_src_nat.pdbx_end_seq_num           ? 
_entity_src_nat.common_name                ? 
_entity_src_nat.pdbx_organism_scientific   'Daboia russellii pulchella' 
_entity_src_nat.pdbx_ncbi_taxonomy_id      97228 
_entity_src_nat.genus                      Daboia 
_entity_src_nat.species                    'Daboia russellii' 
_entity_src_nat.strain                     pulchella 
_entity_src_nat.tissue                     ? 
_entity_src_nat.tissue_fraction            ? 
_entity_src_nat.pdbx_secretion             ? 
_entity_src_nat.pdbx_fragment              ? 
_entity_src_nat.pdbx_variant               ? 
_entity_src_nat.pdbx_cell_line             ? 
_entity_src_nat.pdbx_atcc                  ? 
_entity_src_nat.pdbx_cellular_location     ? 
_entity_src_nat.pdbx_organ                 ? 
_entity_src_nat.pdbx_organelle             ? 
_entity_src_nat.pdbx_cell                  ? 
_entity_src_nat.pdbx_plasmid_name          ? 
_entity_src_nat.pdbx_plasmid_details       ? 
_entity_src_nat.details                    ? 
# 
loop_
_chem_comp.id 
_chem_comp.type 
_chem_comp.mon_nstd_flag 
_chem_comp.name 
_chem_comp.pdbx_synonyms 
_chem_comp.formula 
_chem_comp.formula_weight 
ALA 'L-peptide linking' y ALANINE                                  ? 'C3 H7 N O2'     89.093  
ARG 'L-peptide linking' y ARGININE                                 ? 'C6 H15 N4 O2 1' 175.209 
ASN 'L-peptide linking' y ASPARAGINE                               ? 'C4 H8 N2 O3'    132.118 
ASP 'L-peptide linking' y 'ASPARTIC ACID'                          ? 'C4 H7 N O4'     133.103 
CYS 'L-peptide linking' y CYSTEINE                                 ? 'C3 H7 N O2 S'   121.158 
GLN 'L-peptide linking' y GLUTAMINE                                ? 'C5 H10 N2 O3'   146.144 
GLU 'L-peptide linking' y 'GLUTAMIC ACID'                          ? 'C5 H9 N O4'     147.129 
GLY 'peptide linking'   y GLYCINE                                  ? 'C2 H5 N O2'     75.067  
HIS 'L-peptide linking' y HISTIDINE                                ? 'C6 H10 N3 O2 1' 156.162 
HOH non-polymer         . WATER                                    ? 'H2 O'           18.015  
ILE 'L-peptide linking' y ISOLEUCINE                               ? 'C6 H13 N O2'    131.173 
LEU 'L-peptide linking' y LEUCINE                                  ? 'C6 H13 N O2'    131.173 
LYS 'L-peptide linking' y LYSINE                                   ? 'C6 H15 N2 O2 1' 147.195 
MET 'L-peptide linking' y METHIONINE                               ? 'C5 H11 N O2 S'  149.211 
PHE 'L-peptide linking' y PHENYLALANINE                            ? 'C9 H11 N O2'    165.189 
PRO 'L-peptide linking' y PROLINE                                  ? 'C5 H9 N O2'     115.130 
SER 'L-peptide linking' y SERINE                                   ? 'C3 H7 N O3'     105.093 
SO4 non-polymer         . 'SULFATE ION'                            ? 'O4 S -2'        96.063  
THR 'L-peptide linking' y THREONINE                                ? 'C4 H9 N O3'     119.119 
TRP 'L-peptide linking' y TRYPTOPHAN                               ? 'C11 H12 N2 O2'  204.225 
TYL non-polymer         . 'N-(4-HYDROXYPHENYL)ACETAMIDE (TYLENOL)' ? 'C8 H9 N O2'     151.163 
TYR 'L-peptide linking' y TYROSINE                                 ? 'C9 H11 N O3'    181.189 
VAL 'L-peptide linking' y VALINE                                   ? 'C5 H11 N O2'    117.146 
# 
loop_
_pdbx_poly_seq_scheme.asym_id 
_pdbx_poly_seq_scheme.entity_id 
_pdbx_poly_seq_scheme.seq_id 
_pdbx_poly_seq_scheme.mon_id 
_pdbx_poly_seq_scheme.ndb_seq_num 
_pdbx_poly_seq_scheme.pdb_seq_num 
_pdbx_poly_seq_scheme.auth_seq_num 
_pdbx_poly_seq_scheme.pdb_mon_id 
_pdbx_poly_seq_scheme.auth_mon_id 
_pdbx_poly_seq_scheme.pdb_strand_id 
_pdbx_poly_seq_scheme.pdb_ins_code 
_pdbx_poly_seq_scheme.hetero 
A 1 1   SER 1   1   1   SER SER A . n 
A 1 2   LEU 2   2   2   LEU LEU A . n 
A 1 3   LEU 3   3   3   LEU LEU A . n 
A 1 4   GLU 4   4   4   GLU GLU A . n 
A 1 5   PHE 5   5   5   PHE PHE A . n 
A 1 6   GLY 6   6   6   GLY GLY A . n 
A 1 7   LYS 7   7   7   LYS LYS A . n 
A 1 8   MET 8   8   8   MET MET A . n 
A 1 9   ILE 9   9   9   ILE ILE A . n 
A 1 10  LEU 10  10  10  LEU LEU A . n 
A 1 11  GLU 11  11  11  GLU GLU A . n 
A 1 12  GLU 12  12  12  GLU GLU A . n 
A 1 13  THR 13  13  13  THR THR A . n 
A 1 14  GLY 14  14  14  GLY GLY A . n 
A 1 15  LYS 15  16  16  LYS LYS A . n 
A 1 16  LEU 16  17  17  LEU LEU A . n 
A 1 17  ALA 17  18  18  ALA ALA A . n 
A 1 18  ILE 18  19  19  ILE ILE A . n 
A 1 19  PRO 19  20  20  PRO PRO A . n 
A 1 20  SER 20  21  21  SER SER A . n 
A 1 21  TYR 21  22  22  TYR TYR A . n 
A 1 22  SER 22  23  23  SER SER A . n 
A 1 23  SER 23  24  24  SER SER A . n 
A 1 24  TYR 24  25  25  TYR TYR A . n 
A 1 25  GLY 25  26  26  GLY GLY A . n 
A 1 26  CYS 26  27  27  CYS CYS A . n 
A 1 27  TYR 27  28  28  TYR TYR A . n 
A 1 28  CYS 28  29  29  CYS CYS A . n 
A 1 29  GLY 29  30  30  GLY GLY A . n 
A 1 30  TRP 30  31  31  TRP TRP A . n 
A 1 31  GLY 31  32  32  GLY GLY A . n 
A 1 32  GLY 32  33  33  GLY GLY A . n 
A 1 33  LYS 33  34  34  LYS LYS A . n 
A 1 34  GLY 34  35  35  GLY GLY A . n 
A 1 35  THR 35  36  36  THR THR A . n 
A 1 36  PRO 36  37  37  PRO PRO A . n 
A 1 37  LYS 37  38  38  LYS LYS A . n 
A 1 38  ASP 38  39  39  ASP ASP A . n 
A 1 39  ALA 39  40  40  ALA ALA A . n 
A 1 40  THR 40  41  41  THR THR A . n 
A 1 41  ASP 41  42  42  ASP ASP A . n 
A 1 42  ARG 42  43  43  ARG ARG A . n 
A 1 43  CYS 43  44  44  CYS CYS A . n 
A 1 44  CYS 44  45  45  CYS CYS A . n 
A 1 45  PHE 45  46  46  PHE PHE A . n 
A 1 46  VAL 46  47  47  VAL VAL A . n 
A 1 47  HIS 47  48  48  HIS HIS A . n 
A 1 48  ASP 48  49  49  ASP ASP A . n 
A 1 49  CYS 49  50  50  CYS CYS A . n 
A 1 50  CYS 50  51  51  CYS CYS A . n 
A 1 51  TYR 51  52  52  TYR TYR A . n 
A 1 52  GLY 52  53  53  GLY GLY A . n 
A 1 53  ASN 53  54  54  ASN ASN A . n 
A 1 54  LEU 54  55  55  LEU LEU A . n 
A 1 55  PRO 55  56  56  PRO PRO A . n 
A 1 56  ASP 56  59  59  ASP ASP A . n 
A 1 57  CYS 57  61  61  CYS CYS A . n 
A 1 58  ASN 58  67  67  ASN ASN A . n 
A 1 59  PRO 59  68  68  PRO PRO A . n 
A 1 60  LYS 60  69  69  LYS LYS A . n 
A 1 61  SER 61  70  70  SER SER A . n 
A 1 62  ASP 62  71  71  ASP ASP A . n 
A 1 63  ARG 63  72  72  ARG ARG A . n 
A 1 64  TYR 64  73  73  TYR TYR A . n 
A 1 65  LYS 65  74  74  LYS LYS A . n 
A 1 66  TYR 66  75  75  TYR TYR A . n 
A 1 67  LYS 67  76  76  LYS LYS A . n 
A 1 68  ARG 68  77  77  ARG ARG A . n 
A 1 69  VAL 69  78  78  VAL VAL A . n 
A 1 70  ASN 70  79  79  ASN ASN A . n 
A 1 71  GLY 71  80  80  GLY GLY A . n 
A 1 72  ALA 72  81  81  ALA ALA A . n 
A 1 73  ILE 73  82  82  ILE ILE A . n 
A 1 74  VAL 74  83  83  VAL VAL A . n 
A 1 75  CYS 75  84  84  CYS CYS A . n 
A 1 76  GLU 76  85  85  GLU GLU A . n 
A 1 77  LYS 77  86  86  LYS LYS A . n 
A 1 78  GLY 78  88  88  GLY GLY A . n 
A 1 79  THR 79  89  89  THR THR A . n 
A 1 80  SER 80  90  90  SER SER A . n 
A 1 81  CYS 81  91  91  CYS CYS A . n 
A 1 82  GLU 82  92  92  GLU GLU A . n 
A 1 83  ASN 83  93  93  ASN ASN A . n 
A 1 84  ARG 84  94  94  ARG ARG A . n 
A 1 85  ILE 85  95  95  ILE ILE A . n 
A 1 86  CYS 86  96  96  CYS CYS A . n 
A 1 87  GLU 87  97  97  GLU GLU A . n 
A 1 88  CYS 88  98  98  CYS CYS A . n 
A 1 89  ASP 89  99  99  ASP ASP A . n 
A 1 90  LYS 90  100 100 LYS LYS A . n 
A 1 91  ALA 91  101 101 ALA ALA A . n 
A 1 92  ALA 92  102 102 ALA ALA A . n 
A 1 93  ALA 93  103 103 ALA ALA A . n 
A 1 94  ILE 94  104 104 ILE ILE A . n 
A 1 95  CYS 95  105 105 CYS CYS A . n 
A 1 96  PHE 96  106 106 PHE PHE A . n 
A 1 97  ARG 97  107 107 ARG ARG A . n 
A 1 98  GLN 98  108 108 GLN GLN A . n 
A 1 99  ASN 99  109 109 ASN ASN A . n 
A 1 100 LEU 100 110 110 LEU LEU A . n 
A 1 101 ASN 101 111 111 ASN ASN A . n 
A 1 102 THR 102 112 112 THR THR A . n 
A 1 103 TYR 103 113 113 TYR TYR A . n 
A 1 104 SER 104 114 114 SER SER A . n 
A 1 105 LYS 105 115 115 LYS GLY A . n 
A 1 106 LYS 106 116 116 LYS LYS A . n 
A 1 107 TYR 107 117 117 TYR TYR A . n 
A 1 108 MET 108 118 118 MET MET A . n 
A 1 109 LEU 109 119 119 LEU LEU A . n 
A 1 110 TYR 110 120 120 TYR TYR A . n 
A 1 111 PRO 111 121 121 PRO PRO A . n 
A 1 112 ASP 112 122 122 ASP ASP A . n 
A 1 113 PHE 113 124 124 PHE PHE A . n 
A 1 114 LEU 114 125 125 LEU LEU A . n 
A 1 115 CYS 115 126 126 CYS CYS A . n 
A 1 116 LYS 116 127 127 LYS LYS A . n 
A 1 117 GLY 117 128 128 GLY GLY A . n 
A 1 118 GLU 118 129 129 GLU GLU A . n 
A 1 119 LEU 119 130 130 LEU LEU A . n 
A 1 120 LYS 120 131 131 LYS LYS A . n 
A 1 121 CYS 121 133 133 CYS CYS A . n 
# 
loop_
_pdbx_nonpoly_scheme.asym_id 
_pdbx_nonpoly_scheme.entity_id 
_pdbx_nonpoly_scheme.mon_id 
_pdbx_nonpoly_scheme.ndb_seq_num 
_pdbx_nonpoly_scheme.pdb_seq_num 
_pdbx_nonpoly_scheme.auth_seq_num 
_pdbx_nonpoly_scheme.pdb_mon_id 
_pdbx_nonpoly_scheme.auth_mon_id 
_pdbx_nonpoly_scheme.pdb_strand_id 
_pdbx_nonpoly_scheme.pdb_ins_code 
B 2 SO4 1   1001 1   SO4 SO4 A . 
C 3 TYL 1   2001 1   TYL PCT A . 
D 4 HOH 1   2002 0   HOH HOH A . 
D 4 HOH 2   2003 1   HOH HOH A . 
D 4 HOH 3   2004 2   HOH HOH A . 
D 4 HOH 4   2005 3   HOH HOH A . 
D 4 HOH 5   2006 4   HOH HOH A . 
D 4 HOH 6   2007 5   HOH HOH A . 
D 4 HOH 7   2008 6   HOH HOH A . 
D 4 HOH 8   2009 7   HOH HOH A . 
D 4 HOH 9   2010 8   HOH HOH A . 
D 4 HOH 10  2011 9   HOH HOH A . 
D 4 HOH 11  2012 10  HOH HOH A . 
D 4 HOH 12  2013 11  HOH HOH A . 
D 4 HOH 13  2014 12  HOH HOH A . 
D 4 HOH 14  2015 13  HOH HOH A . 
D 4 HOH 15  2016 14  HOH HOH A . 
D 4 HOH 16  2017 15  HOH HOH A . 
D 4 HOH 17  2018 16  HOH HOH A . 
D 4 HOH 18  2019 17  HOH HOH A . 
D 4 HOH 19  2020 18  HOH HOH A . 
D 4 HOH 20  2021 19  HOH HOH A . 
D 4 HOH 21  2022 20  HOH HOH A . 
D 4 HOH 22  2023 21  HOH HOH A . 
D 4 HOH 23  2024 22  HOH HOH A . 
D 4 HOH 24  2025 23  HOH HOH A . 
D 4 HOH 25  2026 24  HOH HOH A . 
D 4 HOH 26  2027 25  HOH HOH A . 
D 4 HOH 27  2028 26  HOH HOH A . 
D 4 HOH 28  2029 27  HOH HOH A . 
D 4 HOH 29  2030 28  HOH HOH A . 
D 4 HOH 30  2031 29  HOH HOH A . 
D 4 HOH 31  2032 30  HOH HOH A . 
D 4 HOH 32  2033 31  HOH HOH A . 
D 4 HOH 33  2034 32  HOH HOH A . 
D 4 HOH 34  2035 33  HOH HOH A . 
D 4 HOH 35  2036 34  HOH HOH A . 
D 4 HOH 36  2037 35  HOH HOH A . 
D 4 HOH 37  2038 36  HOH HOH A . 
D 4 HOH 38  2039 37  HOH HOH A . 
D 4 HOH 39  2040 38  HOH HOH A . 
D 4 HOH 40  2041 39  HOH HOH A . 
D 4 HOH 41  2042 40  HOH HOH A . 
D 4 HOH 42  2043 41  HOH HOH A . 
D 4 HOH 43  2044 42  HOH HOH A . 
D 4 HOH 44  2045 43  HOH HOH A . 
D 4 HOH 45  2046 44  HOH HOH A . 
D 4 HOH 46  2047 45  HOH HOH A . 
D 4 HOH 47  2048 46  HOH HOH A . 
D 4 HOH 48  2049 47  HOH HOH A . 
D 4 HOH 49  2050 48  HOH HOH A . 
D 4 HOH 50  2051 49  HOH HOH A . 
D 4 HOH 51  2052 50  HOH HOH A . 
D 4 HOH 52  2053 51  HOH HOH A . 
D 4 HOH 53  2054 52  HOH HOH A . 
D 4 HOH 54  2055 53  HOH HOH A . 
D 4 HOH 55  2056 54  HOH HOH A . 
D 4 HOH 56  2057 55  HOH HOH A . 
D 4 HOH 57  2058 56  HOH HOH A . 
D 4 HOH 58  2059 57  HOH HOH A . 
D 4 HOH 59  2060 58  HOH HOH A . 
D 4 HOH 60  2061 59  HOH HOH A . 
D 4 HOH 61  2062 60  HOH HOH A . 
D 4 HOH 62  2063 61  HOH HOH A . 
D 4 HOH 63  2064 62  HOH HOH A . 
D 4 HOH 64  2065 63  HOH HOH A . 
D 4 HOH 65  2066 64  HOH HOH A . 
D 4 HOH 66  2067 65  HOH HOH A . 
D 4 HOH 67  2068 66  HOH HOH A . 
D 4 HOH 68  2069 67  HOH HOH A . 
D 4 HOH 69  2070 68  HOH HOH A . 
D 4 HOH 70  2071 69  HOH HOH A . 
D 4 HOH 71  2072 70  HOH HOH A . 
D 4 HOH 72  2073 71  HOH HOH A . 
D 4 HOH 73  2074 72  HOH HOH A . 
D 4 HOH 74  2075 73  HOH HOH A . 
D 4 HOH 75  2076 74  HOH HOH A . 
D 4 HOH 76  2077 75  HOH HOH A . 
D 4 HOH 77  2078 76  HOH HOH A . 
D 4 HOH 78  2079 77  HOH HOH A . 
D 4 HOH 79  2080 78  HOH HOH A . 
D 4 HOH 80  2081 79  HOH HOH A . 
D 4 HOH 81  2082 80  HOH HOH A . 
D 4 HOH 82  2083 81  HOH HOH A . 
D 4 HOH 83  2084 82  HOH HOH A . 
D 4 HOH 84  2085 83  HOH HOH A . 
D 4 HOH 85  2086 84  HOH HOH A . 
D 4 HOH 86  2087 85  HOH HOH A . 
D 4 HOH 87  2088 86  HOH HOH A . 
D 4 HOH 88  2089 87  HOH HOH A . 
D 4 HOH 89  2090 88  HOH HOH A . 
D 4 HOH 90  2091 89  HOH HOH A . 
D 4 HOH 91  2092 90  HOH HOH A . 
D 4 HOH 92  2093 91  HOH HOH A . 
D 4 HOH 93  2094 92  HOH HOH A . 
D 4 HOH 94  2095 93  HOH HOH A . 
D 4 HOH 95  2096 94  HOH HOH A . 
D 4 HOH 96  2097 95  HOH HOH A . 
D 4 HOH 97  2098 96  HOH HOH A . 
D 4 HOH 98  2099 97  HOH HOH A . 
D 4 HOH 99  2100 98  HOH HOH A . 
D 4 HOH 100 2101 99  HOH HOH A . 
D 4 HOH 101 2102 100 HOH HOH A . 
D 4 HOH 102 2103 101 HOH HOH A . 
D 4 HOH 103 2104 102 HOH HOH A . 
D 4 HOH 104 2105 103 HOH HOH A . 
D 4 HOH 105 2106 104 HOH HOH A . 
D 4 HOH 106 2107 105 HOH HOH A . 
D 4 HOH 107 2108 106 HOH HOH A . 
D 4 HOH 108 2109 107 HOH HOH A . 
D 4 HOH 109 2110 108 HOH HOH A . 
D 4 HOH 110 2111 109 HOH HOH A . 
D 4 HOH 111 2112 110 HOH HOH A . 
D 4 HOH 112 2113 111 HOH HOH A . 
D 4 HOH 113 2114 112 HOH HOH A . 
D 4 HOH 114 2115 113 HOH HOH A . 
D 4 HOH 115 2116 114 HOH HOH A . 
D 4 HOH 116 2117 115 HOH HOH A . 
D 4 HOH 117 2118 116 HOH HOH A . 
D 4 HOH 118 2119 117 HOH HOH A . 
D 4 HOH 119 2120 118 HOH HOH A . 
D 4 HOH 120 2121 119 HOH HOH A . 
D 4 HOH 121 2122 120 HOH HOH A . 
D 4 HOH 122 2123 121 HOH HOH A . 
D 4 HOH 123 2124 122 HOH HOH A . 
D 4 HOH 124 2125 123 HOH HOH A . 
D 4 HOH 125 2126 124 HOH HOH A . 
D 4 HOH 126 2127 125 HOH HOH A . 
D 4 HOH 127 2128 126 HOH HOH A . 
# 
loop_
_pdbx_unobs_or_zero_occ_atoms.id 
_pdbx_unobs_or_zero_occ_atoms.PDB_model_num 
_pdbx_unobs_or_zero_occ_atoms.polymer_flag 
_pdbx_unobs_or_zero_occ_atoms.occupancy_flag 
_pdbx_unobs_or_zero_occ_atoms.auth_asym_id 
_pdbx_unobs_or_zero_occ_atoms.auth_comp_id 
_pdbx_unobs_or_zero_occ_atoms.auth_seq_id 
_pdbx_unobs_or_zero_occ_atoms.PDB_ins_code 
_pdbx_unobs_or_zero_occ_atoms.auth_atom_id 
_pdbx_unobs_or_zero_occ_atoms.label_alt_id 
_pdbx_unobs_or_zero_occ_atoms.label_asym_id 
_pdbx_unobs_or_zero_occ_atoms.label_comp_id 
_pdbx_unobs_or_zero_occ_atoms.label_seq_id 
_pdbx_unobs_or_zero_occ_atoms.label_atom_id 
1 1 Y 1 A LYS 115 ? CB ? A LYS 105 CB 
2 1 Y 1 A LYS 115 ? CG ? A LYS 105 CG 
3 1 Y 1 A LYS 115 ? CD ? A LYS 105 CD 
4 1 Y 1 A LYS 115 ? CE ? A LYS 105 CE 
5 1 Y 1 A LYS 115 ? NZ ? A LYS 105 NZ 
# 
loop_
_software.name 
_software.classification 
_software.version 
_software.citation_id 
_software.pdbx_ordinal 
REFMAC  refinement       5.0 ? 1 
DENZO   'data reduction' .   ? 2 
AUTOMAR 'data reduction' .   ? 3 
AMoRE   phasing          .   ? 4 
# 
_cell.entry_id           2DPZ 
_cell.length_a           53.063 
_cell.length_b           53.063 
_cell.length_c           48.201 
_cell.angle_alpha        90.00 
_cell.angle_beta         90.00 
_cell.angle_gamma        90.00 
_cell.Z_PDB              4 
_cell.pdbx_unique_axis   ? 
_cell.length_a_esd       ? 
_cell.length_b_esd       ? 
_cell.length_c_esd       ? 
_cell.angle_alpha_esd    ? 
_cell.angle_beta_esd     ? 
_cell.angle_gamma_esd    ? 
# 
_symmetry.entry_id                         2DPZ 
_symmetry.space_group_name_H-M             'P 43' 
_symmetry.pdbx_full_space_group_name_H-M   ? 
_symmetry.cell_setting                     ? 
_symmetry.Int_Tables_number                78 
_symmetry.space_group_name_Hall            ? 
# 
_exptl.entry_id          2DPZ 
_exptl.method            'X-RAY DIFFRACTION' 
_exptl.crystals_number   1 
# 
_exptl_crystal.id                    1 
_exptl_crystal.density_meas          ? 
_exptl_crystal.density_Matthews      2.49 
_exptl_crystal.density_percent_sol   50.57 
_exptl_crystal.description           ? 
_exptl_crystal.F_000                 ? 
_exptl_crystal.preparation           ? 
# 
_exptl_crystal_grow.crystal_id      1 
_exptl_crystal_grow.method          'VAPOR DIFFUSION, HANGING DROP' 
_exptl_crystal_grow.temp            298 
_exptl_crystal_grow.temp_details    ? 
_exptl_crystal_grow.pH              6.8 
_exptl_crystal_grow.pdbx_details    '0.2M ammonium sulphate, 30% PEG 4000, pH 6.8, VAPOR DIFFUSION, HANGING DROP, temperature 298K' 
_exptl_crystal_grow.pdbx_pH_range   . 
# 
_diffrn.id                     1 
_diffrn.ambient_temp           292 
_diffrn.ambient_temp_details   ? 
_diffrn.crystal_id             1 
# 
_diffrn_detector.diffrn_id              1 
_diffrn_detector.detector               'IMAGE PLATE' 
_diffrn_detector.type                   'MAR scanner 345 mm plate' 
_diffrn_detector.pdbx_collection_date   2005-07-23 
_diffrn_detector.details                ? 
# 
_diffrn_radiation.diffrn_id                        1 
_diffrn_radiation.wavelength_id                    1 
_diffrn_radiation.pdbx_monochromatic_or_laue_m_l   M 
_diffrn_radiation.monochromator                    graphite 
_diffrn_radiation.pdbx_diffrn_protocol             'SINGLE WAVELENGTH' 
_diffrn_radiation.pdbx_scattering_type             x-ray 
# 
_diffrn_radiation_wavelength.id           1 
_diffrn_radiation_wavelength.wavelength   1.5412 
_diffrn_radiation_wavelength.wt           1.0 
# 
_diffrn_source.diffrn_id                   1 
_diffrn_source.source                      'ROTATING ANODE' 
_diffrn_source.type                        'RIGAKU RU300' 
_diffrn_source.pdbx_synchrotron_site       ? 
_diffrn_source.pdbx_synchrotron_beamline   ? 
_diffrn_source.pdbx_wavelength             ? 
_diffrn_source.pdbx_wavelength_list        1.5412 
# 
_reflns.entry_id                     2DPZ 
_reflns.observed_criterion_sigma_F   0 
_reflns.observed_criterion_sigma_I   0 
_reflns.d_resolution_high            2.1 
_reflns.d_resolution_low             52.70 
_reflns.number_all                   7815 
_reflns.number_obs                   7815 
_reflns.percent_possible_obs         98.5 
_reflns.pdbx_Rmerge_I_obs            ? 
_reflns.pdbx_Rsym_value              ? 
_reflns.pdbx_netI_over_sigmaI        ? 
_reflns.B_iso_Wilson_estimate        ? 
_reflns.pdbx_redundancy              ? 
_reflns.R_free_details               ? 
_reflns.limit_h_max                  ? 
_reflns.limit_h_min                  ? 
_reflns.limit_k_max                  ? 
_reflns.limit_k_min                  ? 
_reflns.limit_l_max                  ? 
_reflns.limit_l_min                  ? 
_reflns.observed_criterion_F_max     ? 
_reflns.observed_criterion_F_min     ? 
_reflns.pdbx_chi_squared             ? 
_reflns.pdbx_scaling_rejects         ? 
_reflns.pdbx_diffrn_id               1 
_reflns.pdbx_ordinal                 1 
# 
_reflns_shell.d_res_high             2.10 
_reflns_shell.d_res_low              2.14 
_reflns_shell.percent_possible_all   90.9 
_reflns_shell.Rmerge_I_obs           ? 
_reflns_shell.pdbx_Rsym_value        ? 
_reflns_shell.meanI_over_sigI_obs    ? 
_reflns_shell.pdbx_redundancy        ? 
_reflns_shell.percent_possible_obs   ? 
_reflns_shell.number_unique_all      ? 
_reflns_shell.number_measured_all    ? 
_reflns_shell.number_measured_obs    ? 
_reflns_shell.number_unique_obs      ? 
_reflns_shell.pdbx_chi_squared       ? 
_reflns_shell.pdbx_diffrn_id         ? 
_reflns_shell.pdbx_ordinal           1 
# 
_refine.entry_id                                 2DPZ 
_refine.ls_number_reflns_obs                     7437 
_refine.ls_number_reflns_all                     7815 
_refine.pdbx_ls_sigma_I                          ? 
_refine.pdbx_ls_sigma_F                          0 
_refine.pdbx_data_cutoff_high_absF               ? 
_refine.pdbx_data_cutoff_low_absF                ? 
_refine.pdbx_data_cutoff_high_rms_absF           ? 
_refine.ls_d_res_low                             20 
_refine.ls_d_res_high                            2.10 
_refine.ls_percent_reflns_obs                    98.50 
_refine.ls_R_factor_obs                          0.20531 
_refine.ls_R_factor_all                          0.21 
_refine.ls_R_factor_R_work                       0.20472 
_refine.ls_R_factor_R_free                       0.21701 
_refine.ls_R_factor_R_free_error                 ? 
_refine.ls_R_factor_R_free_error_details         ? 
_refine.ls_percent_reflns_R_free                 4.6 
_refine.ls_number_reflns_R_free                  362 
_refine.ls_number_parameters                     ? 
_refine.ls_number_restraints                     ? 
_refine.occupancy_min                            ? 
_refine.occupancy_max                            ? 
_refine.correlation_coeff_Fo_to_Fc               0.937 
_refine.correlation_coeff_Fo_to_Fc_free          0.922 
_refine.B_iso_mean                               33.131 
_refine.aniso_B[1][1]                            0.38 
_refine.aniso_B[2][2]                            0.38 
_refine.aniso_B[3][3]                            -0.76 
_refine.aniso_B[1][2]                            0.00 
_refine.aniso_B[1][3]                            0.00 
_refine.aniso_B[2][3]                            0.00 
_refine.solvent_model_details                    'BABINET MODEL WITH MASK' 
_refine.solvent_model_param_ksol                 ? 
_refine.solvent_model_param_bsol                 ? 
_refine.pdbx_solvent_vdw_probe_radii             1.40 
_refine.pdbx_solvent_ion_probe_radii             0.80 
_refine.pdbx_solvent_shrinkage_radii             0.80 
_refine.pdbx_ls_cross_valid_method               THROUGHOUT 
_refine.details                                  ? 
_refine.pdbx_starting_model                      1FB2 
_refine.pdbx_method_to_determine_struct          'MOLECULAR REPLACEMENT' 
_refine.pdbx_isotropic_thermal_model             ? 
_refine.pdbx_stereochemistry_target_values       'MAXIMUM LIKELIHOOD' 
_refine.pdbx_stereochem_target_val_spec_case     ? 
_refine.pdbx_R_Free_selection_details            RANDOM 
_refine.pdbx_overall_ESU_R                       0.259 
_refine.pdbx_overall_ESU_R_Free                  0.177 
_refine.overall_SU_ML                            0.201 
_refine.overall_SU_B                             7.406 
_refine.ls_redundancy_reflns_obs                 ? 
_refine.B_iso_min                                ? 
_refine.B_iso_max                                ? 
_refine.overall_SU_R_Cruickshank_DPI             ? 
_refine.overall_SU_R_free                        ? 
_refine.ls_wR_factor_R_free                      ? 
_refine.ls_wR_factor_R_work                      ? 
_refine.overall_FOM_free_R_set                   ? 
_refine.overall_FOM_work_R_set                   ? 
_refine.pdbx_refine_id                           'X-RAY DIFFRACTION' 
_refine.pdbx_diffrn_id                           1 
_refine.pdbx_TLS_residual_ADP_flag               ? 
_refine.pdbx_overall_phase_error                 ? 
_refine.pdbx_overall_SU_R_free_Cruickshank_DPI   ? 
_refine.pdbx_overall_SU_R_Blow_DPI               ? 
_refine.pdbx_overall_SU_R_free_Blow_DPI          ? 
# 
_refine_hist.pdbx_refine_id                   'X-RAY DIFFRACTION' 
_refine_hist.cycle_id                         LAST 
_refine_hist.pdbx_number_atoms_protein        938 
_refine_hist.pdbx_number_atoms_nucleic_acid   0 
_refine_hist.pdbx_number_atoms_ligand         16 
_refine_hist.number_atoms_solvent             127 
_refine_hist.number_atoms_total               1081 
_refine_hist.d_res_high                       2.10 
_refine_hist.d_res_low                        20 
# 
loop_
_refine_ls_restr.type 
_refine_ls_restr.dev_ideal 
_refine_ls_restr.dev_ideal_target 
_refine_ls_restr.weight 
_refine_ls_restr.number 
_refine_ls_restr.pdbx_refine_id 
_refine_ls_restr.pdbx_restraint_function 
r_bond_refined_d             0.013  0.021  ? 972  'X-RAY DIFFRACTION' ? 
r_bond_other_d               ?      ?      ? ?    'X-RAY DIFFRACTION' ? 
r_angle_refined_deg          1.696  2.002  ? 1297 'X-RAY DIFFRACTION' ? 
r_angle_other_deg            ?      ?      ? ?    'X-RAY DIFFRACTION' ? 
r_dihedral_angle_1_deg       3.534  3.000  ? 113  'X-RAY DIFFRACTION' ? 
r_dihedral_angle_2_deg       ?      ?      ? ?    'X-RAY DIFFRACTION' ? 
r_dihedral_angle_3_deg       16.680 15.000 ? 176  'X-RAY DIFFRACTION' ? 
r_dihedral_angle_4_deg       ?      ?      ? ?    'X-RAY DIFFRACTION' ? 
r_chiral_restr               0.100  0.200  ? 131  'X-RAY DIFFRACTION' ? 
r_gen_planes_refined         0.006  0.020  ? 708  'X-RAY DIFFRACTION' ? 
r_gen_planes_other           ?      ?      ? ?    'X-RAY DIFFRACTION' ? 
r_nbd_refined                0.392  0.300  ? 523  'X-RAY DIFFRACTION' ? 
r_nbd_other                  ?      ?      ? ?    'X-RAY DIFFRACTION' ? 
r_nbtor_refined              ?      ?      ? ?    'X-RAY DIFFRACTION' ? 
r_nbtor_other                ?      ?      ? ?    'X-RAY DIFFRACTION' ? 
r_xyhbond_nbd_refined        0.239  0.500  ? 105  'X-RAY DIFFRACTION' ? 
r_xyhbond_nbd_other          ?      ?      ? ?    'X-RAY DIFFRACTION' ? 
r_metal_ion_refined          ?      ?      ? ?    'X-RAY DIFFRACTION' ? 
r_metal_ion_other            ?      ?      ? ?    'X-RAY DIFFRACTION' ? 
r_symmetry_vdw_refined       0.190  0.300  ? 29   'X-RAY DIFFRACTION' ? 
r_symmetry_vdw_other         ?      ?      ? ?    'X-RAY DIFFRACTION' ? 
r_symmetry_hbond_refined     0.523  0.500  ? 11   'X-RAY DIFFRACTION' ? 
r_symmetry_hbond_other       ?      ?      ? ?    'X-RAY DIFFRACTION' ? 
r_symmetry_metal_ion_refined ?      ?      ? ?    'X-RAY DIFFRACTION' ? 
r_symmetry_metal_ion_other   ?      ?      ? ?    'X-RAY DIFFRACTION' ? 
r_mcbond_it                  0.862  1.500  ? 590  'X-RAY DIFFRACTION' ? 
r_mcbond_other               ?      ?      ? ?    'X-RAY DIFFRACTION' ? 
r_mcangle_it                 1.605  2.000  ? 930  'X-RAY DIFFRACTION' ? 
r_scbond_it                  2.171  3.000  ? 382  'X-RAY DIFFRACTION' ? 
r_scangle_it                 3.572  4.500  ? 367  'X-RAY DIFFRACTION' ? 
r_rigid_bond_restr           ?      ?      ? ?    'X-RAY DIFFRACTION' ? 
r_sphericity_free            ?      ?      ? ?    'X-RAY DIFFRACTION' ? 
r_sphericity_bonded          ?      ?      ? ?    'X-RAY DIFFRACTION' ? 
# 
_refine_ls_shell.pdbx_total_number_of_bins_used   20 
_refine_ls_shell.d_res_high                       2.100 
_refine_ls_shell.d_res_low                        2.154 
_refine_ls_shell.number_reflns_R_work             506 
_refine_ls_shell.R_factor_R_work                  0.276 
_refine_ls_shell.percent_reflns_obs               ? 
_refine_ls_shell.R_factor_R_free                  0.242 
_refine_ls_shell.R_factor_R_free_error            ? 
_refine_ls_shell.percent_reflns_R_free            ? 
_refine_ls_shell.number_reflns_R_free             18 
_refine_ls_shell.number_reflns_all                ? 
_refine_ls_shell.R_factor_all                     ? 
_refine_ls_shell.number_reflns_obs                ? 
_refine_ls_shell.redundancy_reflns_obs            ? 
_refine_ls_shell.pdbx_refine_id                   'X-RAY DIFFRACTION' 
# 
_struct.entry_id                  2DPZ 
_struct.title                     
'Structure of the complex of phospholipase A2 with N-(4-hydroxyphenyl)- acetamide at 2.1 A resolution' 
_struct.pdbx_model_details        ? 
_struct.pdbx_CASP_flag            ? 
_struct.pdbx_model_type_details   ? 
# 
_struct_keywords.entry_id        2DPZ 
_struct_keywords.pdbx_keywords   HYDROLASE 
_struct_keywords.text            'NSAIDs, Complex, Hydrolase' 
# 
loop_
_struct_asym.id 
_struct_asym.pdbx_blank_PDB_chainid_flag 
_struct_asym.pdbx_modified 
_struct_asym.entity_id 
_struct_asym.details 
A N N 1 ? 
B N N 2 ? 
C N N 3 ? 
D N N 4 ? 
# 
_struct_ref.id                         1 
_struct_ref.db_name                    UNP 
_struct_ref.db_code                    PA28_DABRP 
_struct_ref.pdbx_db_accession          P59071 
_struct_ref.entity_id                  1 
_struct_ref.pdbx_align_begin           1 
_struct_ref.pdbx_db_isoform            ? 
_struct_ref.pdbx_seq_one_letter_code   ? 
# 
_struct_ref_seq.align_id                      1 
_struct_ref_seq.ref_id                        1 
_struct_ref_seq.pdbx_PDB_id_code              2DPZ 
_struct_ref_seq.pdbx_strand_id                A 
_struct_ref_seq.seq_align_beg                 1 
_struct_ref_seq.pdbx_seq_align_beg_ins_code   ? 
_struct_ref_seq.seq_align_end                 121 
_struct_ref_seq.pdbx_seq_align_end_ins_code   ? 
_struct_ref_seq.pdbx_db_accession             P59071 
_struct_ref_seq.db_align_beg                  1 
_struct_ref_seq.pdbx_db_align_beg_ins_code    ? 
_struct_ref_seq.db_align_end                  121 
_struct_ref_seq.pdbx_db_align_end_ins_code    ? 
_struct_ref_seq.pdbx_auth_seq_align_beg       1 
_struct_ref_seq.pdbx_auth_seq_align_end       133 
# 
_pdbx_struct_assembly.id                   1 
_pdbx_struct_assembly.details              author_defined_assembly 
_pdbx_struct_assembly.method_details       ? 
_pdbx_struct_assembly.oligomeric_details   monomeric 
_pdbx_struct_assembly.oligomeric_count     1 
# 
_pdbx_struct_assembly_gen.assembly_id       1 
_pdbx_struct_assembly_gen.oper_expression   1 
_pdbx_struct_assembly_gen.asym_id_list      A,B,C,D 
# 
_pdbx_struct_oper_list.id                   1 
_pdbx_struct_oper_list.type                 'identity operation' 
_pdbx_struct_oper_list.name                 1_555 
_pdbx_struct_oper_list.symmetry_operation   x,y,z 
_pdbx_struct_oper_list.matrix[1][1]         1.0000000000 
_pdbx_struct_oper_list.matrix[1][2]         0.0000000000 
_pdbx_struct_oper_list.matrix[1][3]         0.0000000000 
_pdbx_struct_oper_list.vector[1]            0.0000000000 
_pdbx_struct_oper_list.matrix[2][1]         0.0000000000 
_pdbx_struct_oper_list.matrix[2][2]         1.0000000000 
_pdbx_struct_oper_list.matrix[2][3]         0.0000000000 
_pdbx_struct_oper_list.vector[2]            0.0000000000 
_pdbx_struct_oper_list.matrix[3][1]         0.0000000000 
_pdbx_struct_oper_list.matrix[3][2]         0.0000000000 
_pdbx_struct_oper_list.matrix[3][3]         1.0000000000 
_pdbx_struct_oper_list.vector[3]            0.0000000000 
# 
loop_
_struct_conf.conf_type_id 
_struct_conf.id 
_struct_conf.pdbx_PDB_helix_id 
_struct_conf.beg_label_comp_id 
_struct_conf.beg_label_asym_id 
_struct_conf.beg_label_seq_id 
_struct_conf.pdbx_beg_PDB_ins_code 
_struct_conf.end_label_comp_id 
_struct_conf.end_label_asym_id 
_struct_conf.end_label_seq_id 
_struct_conf.pdbx_end_PDB_ins_code 
_struct_conf.beg_auth_comp_id 
_struct_conf.beg_auth_asym_id 
_struct_conf.beg_auth_seq_id 
_struct_conf.end_auth_comp_id 
_struct_conf.end_auth_asym_id 
_struct_conf.end_auth_seq_id 
_struct_conf.pdbx_PDB_helix_class 
_struct_conf.details 
_struct_conf.pdbx_PDB_helix_length 
HELX_P HELX_P1 1 SER A 1   ? GLY A 14  ? SER A 1   GLY A 14  1 ? 14 
HELX_P HELX_P2 2 LEU A 16  ? TYR A 21  ? LEU A 17  TYR A 22  1 ? 6  
HELX_P HELX_P3 3 ASP A 38  ? ASN A 53  ? ASP A 39  ASN A 54  1 ? 16 
HELX_P HELX_P4 4 THR A 79  ? ASN A 99  ? THR A 89  ASN A 109 1 ? 21 
HELX_P HELX_P5 5 LEU A 100 ? TYR A 103 ? LEU A 110 TYR A 113 5 ? 4  
HELX_P HELX_P6 6 SER A 104 ? MET A 108 ? SER A 114 MET A 118 5 ? 5  
HELX_P HELX_P7 7 PRO A 111 ? CYS A 115 ? PRO A 121 CYS A 126 5 ? 5  
# 
_struct_conf_type.id          HELX_P 
_struct_conf_type.criteria    ? 
_struct_conf_type.reference   ? 
# 
loop_
_struct_conn.id 
_struct_conn.conn_type_id 
_struct_conn.pdbx_leaving_atom_flag 
_struct_conn.pdbx_PDB_id 
_struct_conn.ptnr1_label_asym_id 
_struct_conn.ptnr1_label_comp_id 
_struct_conn.ptnr1_label_seq_id 
_struct_conn.ptnr1_label_atom_id 
_struct_conn.pdbx_ptnr1_label_alt_id 
_struct_conn.pdbx_ptnr1_PDB_ins_code 
_struct_conn.pdbx_ptnr1_standard_comp_id 
_struct_conn.ptnr1_symmetry 
_struct_conn.ptnr2_label_asym_id 
_struct_conn.ptnr2_label_comp_id 
_struct_conn.ptnr2_label_seq_id 
_struct_conn.ptnr2_label_atom_id 
_struct_conn.pdbx_ptnr2_label_alt_id 
_struct_conn.pdbx_ptnr2_PDB_ins_code 
_struct_conn.ptnr1_auth_asym_id 
_struct_conn.ptnr1_auth_comp_id 
_struct_conn.ptnr1_auth_seq_id 
_struct_conn.ptnr2_auth_asym_id 
_struct_conn.ptnr2_auth_comp_id 
_struct_conn.ptnr2_auth_seq_id 
_struct_conn.ptnr2_symmetry 
_struct_conn.pdbx_ptnr3_label_atom_id 
_struct_conn.pdbx_ptnr3_label_seq_id 
_struct_conn.pdbx_ptnr3_label_comp_id 
_struct_conn.pdbx_ptnr3_label_asym_id 
_struct_conn.pdbx_ptnr3_label_alt_id 
_struct_conn.pdbx_ptnr3_PDB_ins_code 
_struct_conn.details 
_struct_conn.pdbx_dist_value 
_struct_conn.pdbx_value_order 
_struct_conn.pdbx_role 
disulf1 disulf ? ? A CYS 26 SG ? ? ? 1_555 A CYS 115 SG ? ? A CYS 27 A CYS 126 1_555 ? ? ? ? ? ? ? 1.976 ? ? 
disulf2 disulf ? ? A CYS 28 SG ? ? ? 1_555 A CYS 44  SG ? ? A CYS 29 A CYS 45  1_555 ? ? ? ? ? ? ? 2.200 ? ? 
disulf3 disulf ? ? A CYS 43 SG ? ? ? 1_555 A CYS 95  SG ? ? A CYS 44 A CYS 105 1_555 ? ? ? ? ? ? ? 2.006 ? ? 
disulf4 disulf ? ? A CYS 49 SG ? ? ? 1_555 A CYS 121 SG ? ? A CYS 50 A CYS 133 1_555 ? ? ? ? ? ? ? 1.825 ? ? 
disulf5 disulf ? ? A CYS 50 SG ? ? ? 1_555 A CYS 88  SG ? ? A CYS 51 A CYS 98  1_555 ? ? ? ? ? ? ? 1.996 ? ? 
disulf6 disulf ? ? A CYS 57 SG ? ? ? 1_555 A CYS 81  SG ? ? A CYS 61 A CYS 91  1_555 ? ? ? ? ? ? ? 2.262 ? ? 
disulf7 disulf ? ? A CYS 75 SG ? ? ? 1_555 A CYS 86  SG ? ? A CYS 84 A CYS 96  1_555 ? ? ? ? ? ? ? 2.036 ? ? 
# 
_struct_conn_type.id          disulf 
_struct_conn_type.criteria    ? 
_struct_conn_type.reference   ? 
# 
loop_
_pdbx_modification_feature.ordinal 
_pdbx_modification_feature.label_comp_id 
_pdbx_modification_feature.label_asym_id 
_pdbx_modification_feature.label_seq_id 
_pdbx_modification_feature.label_alt_id 
_pdbx_modification_feature.modified_residue_label_comp_id 
_pdbx_modification_feature.modified_residue_label_asym_id 
_pdbx_modification_feature.modified_residue_label_seq_id 
_pdbx_modification_feature.modified_residue_label_alt_id 
_pdbx_modification_feature.auth_comp_id 
_pdbx_modification_feature.auth_asym_id 
_pdbx_modification_feature.auth_seq_id 
_pdbx_modification_feature.PDB_ins_code 
_pdbx_modification_feature.symmetry 
_pdbx_modification_feature.modified_residue_auth_comp_id 
_pdbx_modification_feature.modified_residue_auth_asym_id 
_pdbx_modification_feature.modified_residue_auth_seq_id 
_pdbx_modification_feature.modified_residue_PDB_ins_code 
_pdbx_modification_feature.modified_residue_symmetry 
_pdbx_modification_feature.comp_id_linking_atom 
_pdbx_modification_feature.modified_residue_id_linking_atom 
_pdbx_modification_feature.modified_residue_id 
_pdbx_modification_feature.ref_pcm_id 
_pdbx_modification_feature.ref_comp_id 
_pdbx_modification_feature.type 
_pdbx_modification_feature.category 
1 CYS A 26 ? CYS A 115 ? CYS A 27 ? 1_555 CYS A 126 ? 1_555 SG SG . . . None 'Disulfide bridge' 
2 CYS A 28 ? CYS A 44  ? CYS A 29 ? 1_555 CYS A 45  ? 1_555 SG SG . . . None 'Disulfide bridge' 
3 CYS A 43 ? CYS A 95  ? CYS A 44 ? 1_555 CYS A 105 ? 1_555 SG SG . . . None 'Disulfide bridge' 
4 CYS A 49 ? CYS A 121 ? CYS A 50 ? 1_555 CYS A 133 ? 1_555 SG SG . . . None 'Disulfide bridge' 
5 CYS A 50 ? CYS A 88  ? CYS A 51 ? 1_555 CYS A 98  ? 1_555 SG SG . . . None 'Disulfide bridge' 
6 CYS A 57 ? CYS A 81  ? CYS A 61 ? 1_555 CYS A 91  ? 1_555 SG SG . . . None 'Disulfide bridge' 
7 CYS A 75 ? CYS A 86  ? CYS A 84 ? 1_555 CYS A 96  ? 1_555 SG SG . . . None 'Disulfide bridge' 
# 
_struct_mon_prot_cis.pdbx_id                1 
_struct_mon_prot_cis.label_comp_id          ILE 
_struct_mon_prot_cis.label_seq_id           18 
_struct_mon_prot_cis.label_asym_id          A 
_struct_mon_prot_cis.label_alt_id           . 
_struct_mon_prot_cis.pdbx_PDB_ins_code      ? 
_struct_mon_prot_cis.auth_comp_id           ILE 
_struct_mon_prot_cis.auth_seq_id            19 
_struct_mon_prot_cis.auth_asym_id           A 
_struct_mon_prot_cis.pdbx_label_comp_id_2   PRO 
_struct_mon_prot_cis.pdbx_label_seq_id_2    19 
_struct_mon_prot_cis.pdbx_label_asym_id_2   A 
_struct_mon_prot_cis.pdbx_PDB_ins_code_2    ? 
_struct_mon_prot_cis.pdbx_auth_comp_id_2    PRO 
_struct_mon_prot_cis.pdbx_auth_seq_id_2     20 
_struct_mon_prot_cis.pdbx_auth_asym_id_2    A 
_struct_mon_prot_cis.pdbx_PDB_model_num     1 
_struct_mon_prot_cis.pdbx_omega_angle       3.93 
# 
_struct_sheet.id               A 
_struct_sheet.type             ? 
_struct_sheet.number_strands   2 
_struct_sheet.details          ? 
# 
_struct_sheet_order.sheet_id     A 
_struct_sheet_order.range_id_1   1 
_struct_sheet_order.range_id_2   2 
_struct_sheet_order.offset       ? 
_struct_sheet_order.sense        anti-parallel 
# 
loop_
_struct_sheet_range.sheet_id 
_struct_sheet_range.id 
_struct_sheet_range.beg_label_comp_id 
_struct_sheet_range.beg_label_asym_id 
_struct_sheet_range.beg_label_seq_id 
_struct_sheet_range.pdbx_beg_PDB_ins_code 
_struct_sheet_range.end_label_comp_id 
_struct_sheet_range.end_label_asym_id 
_struct_sheet_range.end_label_seq_id 
_struct_sheet_range.pdbx_end_PDB_ins_code 
_struct_sheet_range.beg_auth_comp_id 
_struct_sheet_range.beg_auth_asym_id 
_struct_sheet_range.beg_auth_seq_id 
_struct_sheet_range.end_auth_comp_id 
_struct_sheet_range.end_auth_asym_id 
_struct_sheet_range.end_auth_seq_id 
A 1 TYR A 66 ? VAL A 69 ? TYR A 75 VAL A 78 
A 2 ALA A 72 ? CYS A 75 ? ALA A 81 CYS A 84 
# 
_pdbx_struct_sheet_hbond.sheet_id                A 
_pdbx_struct_sheet_hbond.range_id_1              1 
_pdbx_struct_sheet_hbond.range_id_2              2 
_pdbx_struct_sheet_hbond.range_1_label_atom_id   N 
_pdbx_struct_sheet_hbond.range_1_label_comp_id   LYS 
_pdbx_struct_sheet_hbond.range_1_label_asym_id   A 
_pdbx_struct_sheet_hbond.range_1_label_seq_id    67 
_pdbx_struct_sheet_hbond.range_1_PDB_ins_code    ? 
_pdbx_struct_sheet_hbond.range_1_auth_atom_id    N 
_pdbx_struct_sheet_hbond.range_1_auth_comp_id    LYS 
_pdbx_struct_sheet_hbond.range_1_auth_asym_id    A 
_pdbx_struct_sheet_hbond.range_1_auth_seq_id     76 
_pdbx_struct_sheet_hbond.range_2_label_atom_id   O 
_pdbx_struct_sheet_hbond.range_2_label_comp_id   VAL 
_pdbx_struct_sheet_hbond.range_2_label_asym_id   A 
_pdbx_struct_sheet_hbond.range_2_label_seq_id    74 
_pdbx_struct_sheet_hbond.range_2_PDB_ins_code    ? 
_pdbx_struct_sheet_hbond.range_2_auth_atom_id    O 
_pdbx_struct_sheet_hbond.range_2_auth_comp_id    VAL 
_pdbx_struct_sheet_hbond.range_2_auth_asym_id    A 
_pdbx_struct_sheet_hbond.range_2_auth_seq_id     83 
# 
loop_
_struct_site.id 
_struct_site.pdbx_evidence_code 
_struct_site.pdbx_auth_asym_id 
_struct_site.pdbx_auth_comp_id 
_struct_site.pdbx_auth_seq_id 
_struct_site.pdbx_auth_ins_code 
_struct_site.pdbx_num_residues 
_struct_site.details 
AC1 Software A SO4 1001 ? 4  'BINDING SITE FOR RESIDUE SO4 A 1001' 
AC2 Software A TYL 2001 ? 11 'BINDING SITE FOR RESIDUE TYL A 2001' 
# 
loop_
_struct_site_gen.id 
_struct_site_gen.site_id 
_struct_site_gen.pdbx_num_res 
_struct_site_gen.label_comp_id 
_struct_site_gen.label_asym_id 
_struct_site_gen.label_seq_id 
_struct_site_gen.pdbx_auth_ins_code 
_struct_site_gen.auth_comp_id 
_struct_site_gen.auth_asym_id 
_struct_site_gen.auth_seq_id 
_struct_site_gen.label_atom_id 
_struct_site_gen.label_alt_id 
_struct_site_gen.symmetry 
_struct_site_gen.details 
1  AC1 4  SER A 1  ? SER A 1    . ? 1_555 ? 
2  AC1 4  LEU A 3  ? LEU A 3    . ? 1_555 ? 
3  AC1 4  ARG A 63 ? ARG A 72   . ? 1_555 ? 
4  AC1 4  HOH D .  ? HOH A 2081 . ? 1_555 ? 
5  AC2 11 LEU A 2  ? LEU A 2    . ? 1_555 ? 
6  AC2 11 PHE A 5  ? PHE A 5    . ? 1_555 ? 
7  AC2 11 ALA A 17 ? ALA A 18   . ? 1_555 ? 
8  AC2 11 HIS A 47 ? HIS A 48   . ? 1_555 ? 
9  AC2 11 ASP A 48 ? ASP A 49   . ? 1_555 ? 
10 AC2 11 TYR A 51 ? TYR A 52   . ? 1_555 ? 
11 AC2 11 LYS A 60 ? LYS A 69   . ? 1_555 ? 
12 AC2 11 HOH D .  ? HOH A 2053 . ? 1_555 ? 
13 AC2 11 HOH D .  ? HOH A 2075 . ? 1_555 ? 
14 AC2 11 HOH D .  ? HOH A 2123 . ? 1_555 ? 
15 AC2 11 HOH D .  ? HOH A 2126 . ? 1_555 ? 
# 
_pdbx_entry_details.entry_id                   2DPZ 
_pdbx_entry_details.compound_details           ? 
_pdbx_entry_details.source_details             ? 
_pdbx_entry_details.nonpolymer_details         ? 
_pdbx_entry_details.sequence_details           ? 
_pdbx_entry_details.has_ligand_of_interest     ? 
_pdbx_entry_details.has_protein_modification   Y 
# 
_pdbx_validate_torsion.id              1 
_pdbx_validate_torsion.PDB_model_num   1 
_pdbx_validate_torsion.auth_comp_id    SER 
_pdbx_validate_torsion.auth_asym_id    A 
_pdbx_validate_torsion.auth_seq_id     24 
_pdbx_validate_torsion.PDB_ins_code    ? 
_pdbx_validate_torsion.label_alt_id    ? 
_pdbx_validate_torsion.phi             -149.24 
_pdbx_validate_torsion.psi             44.33 
# 
loop_
_chem_comp_atom.comp_id 
_chem_comp_atom.atom_id 
_chem_comp_atom.type_symbol 
_chem_comp_atom.pdbx_aromatic_flag 
_chem_comp_atom.pdbx_stereo_config 
_chem_comp_atom.pdbx_ordinal 
ALA N    N N N 1   
ALA CA   C N S 2   
ALA C    C N N 3   
ALA O    O N N 4   
ALA CB   C N N 5   
ALA OXT  O N N 6   
ALA H    H N N 7   
ALA H2   H N N 8   
ALA HA   H N N 9   
ALA HB1  H N N 10  
ALA HB2  H N N 11  
ALA HB3  H N N 12  
ALA HXT  H N N 13  
ARG N    N N N 14  
ARG CA   C N S 15  
ARG C    C N N 16  
ARG O    O N N 17  
ARG CB   C N N 18  
ARG CG   C N N 19  
ARG CD   C N N 20  
ARG NE   N N N 21  
ARG CZ   C N N 22  
ARG NH1  N N N 23  
ARG NH2  N N N 24  
ARG OXT  O N N 25  
ARG H    H N N 26  
ARG H2   H N N 27  
ARG HA   H N N 28  
ARG HB2  H N N 29  
ARG HB3  H N N 30  
ARG HG2  H N N 31  
ARG HG3  H N N 32  
ARG HD2  H N N 33  
ARG HD3  H N N 34  
ARG HE   H N N 35  
ARG HH11 H N N 36  
ARG HH12 H N N 37  
ARG HH21 H N N 38  
ARG HH22 H N N 39  
ARG HXT  H N N 40  
ASN N    N N N 41  
ASN CA   C N S 42  
ASN C    C N N 43  
ASN O    O N N 44  
ASN CB   C N N 45  
ASN CG   C N N 46  
ASN OD1  O N N 47  
ASN ND2  N N N 48  
ASN OXT  O N N 49  
ASN H    H N N 50  
ASN H2   H N N 51  
ASN HA   H N N 52  
ASN HB2  H N N 53  
ASN HB3  H N N 54  
ASN HD21 H N N 55  
ASN HD22 H N N 56  
ASN HXT  H N N 57  
ASP N    N N N 58  
ASP CA   C N S 59  
ASP C    C N N 60  
ASP O    O N N 61  
ASP CB   C N N 62  
ASP CG   C N N 63  
ASP OD1  O N N 64  
ASP OD2  O N N 65  
ASP OXT  O N N 66  
ASP H    H N N 67  
ASP H2   H N N 68  
ASP HA   H N N 69  
ASP HB2  H N N 70  
ASP HB3  H N N 71  
ASP HD2  H N N 72  
ASP HXT  H N N 73  
CYS N    N N N 74  
CYS CA   C N R 75  
CYS C    C N N 76  
CYS O    O N N 77  
CYS CB   C N N 78  
CYS SG   S N N 79  
CYS OXT  O N N 80  
CYS H    H N N 81  
CYS H2   H N N 82  
CYS HA   H N N 83  
CYS HB2  H N N 84  
CYS HB3  H N N 85  
CYS HG   H N N 86  
CYS HXT  H N N 87  
GLN N    N N N 88  
GLN CA   C N S 89  
GLN C    C N N 90  
GLN O    O N N 91  
GLN CB   C N N 92  
GLN CG   C N N 93  
GLN CD   C N N 94  
GLN OE1  O N N 95  
GLN NE2  N N N 96  
GLN OXT  O N N 97  
GLN H    H N N 98  
GLN H2   H N N 99  
GLN HA   H N N 100 
GLN HB2  H N N 101 
GLN HB3  H N N 102 
GLN HG2  H N N 103 
GLN HG3  H N N 104 
GLN HE21 H N N 105 
GLN HE22 H N N 106 
GLN HXT  H N N 107 
GLU N    N N N 108 
GLU CA   C N S 109 
GLU C    C N N 110 
GLU O    O N N 111 
GLU CB   C N N 112 
GLU CG   C N N 113 
GLU CD   C N N 114 
GLU OE1  O N N 115 
GLU OE2  O N N 116 
GLU OXT  O N N 117 
GLU H    H N N 118 
GLU H2   H N N 119 
GLU HA   H N N 120 
GLU HB2  H N N 121 
GLU HB3  H N N 122 
GLU HG2  H N N 123 
GLU HG3  H N N 124 
GLU HE2  H N N 125 
GLU HXT  H N N 126 
GLY N    N N N 127 
GLY CA   C N N 128 
GLY C    C N N 129 
GLY O    O N N 130 
GLY OXT  O N N 131 
GLY H    H N N 132 
GLY H2   H N N 133 
GLY HA2  H N N 134 
GLY HA3  H N N 135 
GLY HXT  H N N 136 
HIS N    N N N 137 
HIS CA   C N S 138 
HIS C    C N N 139 
HIS O    O N N 140 
HIS CB   C N N 141 
HIS CG   C Y N 142 
HIS ND1  N Y N 143 
HIS CD2  C Y N 144 
HIS CE1  C Y N 145 
HIS NE2  N Y N 146 
HIS OXT  O N N 147 
HIS H    H N N 148 
HIS H2   H N N 149 
HIS HA   H N N 150 
HIS HB2  H N N 151 
HIS HB3  H N N 152 
HIS HD1  H N N 153 
HIS HD2  H N N 154 
HIS HE1  H N N 155 
HIS HE2  H N N 156 
HIS HXT  H N N 157 
HOH O    O N N 158 
HOH H1   H N N 159 
HOH H2   H N N 160 
ILE N    N N N 161 
ILE CA   C N S 162 
ILE C    C N N 163 
ILE O    O N N 164 
ILE CB   C N S 165 
ILE CG1  C N N 166 
ILE CG2  C N N 167 
ILE CD1  C N N 168 
ILE OXT  O N N 169 
ILE H    H N N 170 
ILE H2   H N N 171 
ILE HA   H N N 172 
ILE HB   H N N 173 
ILE HG12 H N N 174 
ILE HG13 H N N 175 
ILE HG21 H N N 176 
ILE HG22 H N N 177 
ILE HG23 H N N 178 
ILE HD11 H N N 179 
ILE HD12 H N N 180 
ILE HD13 H N N 181 
ILE HXT  H N N 182 
LEU N    N N N 183 
LEU CA   C N S 184 
LEU C    C N N 185 
LEU O    O N N 186 
LEU CB   C N N 187 
LEU CG   C N N 188 
LEU CD1  C N N 189 
LEU CD2  C N N 190 
LEU OXT  O N N 191 
LEU H    H N N 192 
LEU H2   H N N 193 
LEU HA   H N N 194 
LEU HB2  H N N 195 
LEU HB3  H N N 196 
LEU HG   H N N 197 
LEU HD11 H N N 198 
LEU HD12 H N N 199 
LEU HD13 H N N 200 
LEU HD21 H N N 201 
LEU HD22 H N N 202 
LEU HD23 H N N 203 
LEU HXT  H N N 204 
LYS N    N N N 205 
LYS CA   C N S 206 
LYS C    C N N 207 
LYS O    O N N 208 
LYS CB   C N N 209 
LYS CG   C N N 210 
LYS CD   C N N 211 
LYS CE   C N N 212 
LYS NZ   N N N 213 
LYS OXT  O N N 214 
LYS H    H N N 215 
LYS H2   H N N 216 
LYS HA   H N N 217 
LYS HB2  H N N 218 
LYS HB3  H N N 219 
LYS HG2  H N N 220 
LYS HG3  H N N 221 
LYS HD2  H N N 222 
LYS HD3  H N N 223 
LYS HE2  H N N 224 
LYS HE3  H N N 225 
LYS HZ1  H N N 226 
LYS HZ2  H N N 227 
LYS HZ3  H N N 228 
LYS HXT  H N N 229 
MET N    N N N 230 
MET CA   C N S 231 
MET C    C N N 232 
MET O    O N N 233 
MET CB   C N N 234 
MET CG   C N N 235 
MET SD   S N N 236 
MET CE   C N N 237 
MET OXT  O N N 238 
MET H    H N N 239 
MET H2   H N N 240 
MET HA   H N N 241 
MET HB2  H N N 242 
MET HB3  H N N 243 
MET HG2  H N N 244 
MET HG3  H N N 245 
MET HE1  H N N 246 
MET HE2  H N N 247 
MET HE3  H N N 248 
MET HXT  H N N 249 
PHE N    N N N 250 
PHE CA   C N S 251 
PHE C    C N N 252 
PHE O    O N N 253 
PHE CB   C N N 254 
PHE CG   C Y N 255 
PHE CD1  C Y N 256 
PHE CD2  C Y N 257 
PHE CE1  C Y N 258 
PHE CE2  C Y N 259 
PHE CZ   C Y N 260 
PHE OXT  O N N 261 
PHE H    H N N 262 
PHE H2   H N N 263 
PHE HA   H N N 264 
PHE HB2  H N N 265 
PHE HB3  H N N 266 
PHE HD1  H N N 267 
PHE HD2  H N N 268 
PHE HE1  H N N 269 
PHE HE2  H N N 270 
PHE HZ   H N N 271 
PHE HXT  H N N 272 
PRO N    N N N 273 
PRO CA   C N S 274 
PRO C    C N N 275 
PRO O    O N N 276 
PRO CB   C N N 277 
PRO CG   C N N 278 
PRO CD   C N N 279 
PRO OXT  O N N 280 
PRO H    H N N 281 
PRO HA   H N N 282 
PRO HB2  H N N 283 
PRO HB3  H N N 284 
PRO HG2  H N N 285 
PRO HG3  H N N 286 
PRO HD2  H N N 287 
PRO HD3  H N N 288 
PRO HXT  H N N 289 
SER N    N N N 290 
SER CA   C N S 291 
SER C    C N N 292 
SER O    O N N 293 
SER CB   C N N 294 
SER OG   O N N 295 
SER OXT  O N N 296 
SER H    H N N 297 
SER H2   H N N 298 
SER HA   H N N 299 
SER HB2  H N N 300 
SER HB3  H N N 301 
SER HG   H N N 302 
SER HXT  H N N 303 
SO4 S    S N N 304 
SO4 O1   O N N 305 
SO4 O2   O N N 306 
SO4 O3   O N N 307 
SO4 O4   O N N 308 
THR N    N N N 309 
THR CA   C N S 310 
THR C    C N N 311 
THR O    O N N 312 
THR CB   C N R 313 
THR OG1  O N N 314 
THR CG2  C N N 315 
THR OXT  O N N 316 
THR H    H N N 317 
THR H2   H N N 318 
THR HA   H N N 319 
THR HB   H N N 320 
THR HG1  H N N 321 
THR HG21 H N N 322 
THR HG22 H N N 323 
THR HG23 H N N 324 
THR HXT  H N N 325 
TRP N    N N N 326 
TRP CA   C N S 327 
TRP C    C N N 328 
TRP O    O N N 329 
TRP CB   C N N 330 
TRP CG   C Y N 331 
TRP CD1  C Y N 332 
TRP CD2  C Y N 333 
TRP NE1  N Y N 334 
TRP CE2  C Y N 335 
TRP CE3  C Y N 336 
TRP CZ2  C Y N 337 
TRP CZ3  C Y N 338 
TRP CH2  C Y N 339 
TRP OXT  O N N 340 
TRP H    H N N 341 
TRP H2   H N N 342 
TRP HA   H N N 343 
TRP HB2  H N N 344 
TRP HB3  H N N 345 
TRP HD1  H N N 346 
TRP HE1  H N N 347 
TRP HE3  H N N 348 
TRP HZ2  H N N 349 
TRP HZ3  H N N 350 
TRP HH2  H N N 351 
TRP HXT  H N N 352 
TYL C1   C Y N 353 
TYL C2   C Y N 354 
TYL C3   C Y N 355 
TYL C4   C Y N 356 
TYL C5   C Y N 357 
TYL C6   C Y N 358 
TYL N    N N N 359 
TYL C    C N N 360 
TYL CM   C N N 361 
TYL O4   O N N 362 
TYL O    O N N 363 
TYL H2   H N N 364 
TYL H3   H N N 365 
TYL H5   H N N 366 
TYL H6   H N N 367 
TYL HN   H N N 368 
TYL HM1  H N N 369 
TYL HM2  H N N 370 
TYL HM3  H N N 371 
TYL HO4  H N N 372 
TYR N    N N N 373 
TYR CA   C N S 374 
TYR C    C N N 375 
TYR O    O N N 376 
TYR CB   C N N 377 
TYR CG   C Y N 378 
TYR CD1  C Y N 379 
TYR CD2  C Y N 380 
TYR CE1  C Y N 381 
TYR CE2  C Y N 382 
TYR CZ   C Y N 383 
TYR OH   O N N 384 
TYR OXT  O N N 385 
TYR H    H N N 386 
TYR H2   H N N 387 
TYR HA   H N N 388 
TYR HB2  H N N 389 
TYR HB3  H N N 390 
TYR HD1  H N N 391 
TYR HD2  H N N 392 
TYR HE1  H N N 393 
TYR HE2  H N N 394 
TYR HH   H N N 395 
TYR HXT  H N N 396 
VAL N    N N N 397 
VAL CA   C N S 398 
VAL C    C N N 399 
VAL O    O N N 400 
VAL CB   C N N 401 
VAL CG1  C N N 402 
VAL CG2  C N N 403 
VAL OXT  O N N 404 
VAL H    H N N 405 
VAL H2   H N N 406 
VAL HA   H N N 407 
VAL HB   H N N 408 
VAL HG11 H N N 409 
VAL HG12 H N N 410 
VAL HG13 H N N 411 
VAL HG21 H N N 412 
VAL HG22 H N N 413 
VAL HG23 H N N 414 
VAL HXT  H N N 415 
# 
loop_
_chem_comp_bond.comp_id 
_chem_comp_bond.atom_id_1 
_chem_comp_bond.atom_id_2 
_chem_comp_bond.value_order 
_chem_comp_bond.pdbx_aromatic_flag 
_chem_comp_bond.pdbx_stereo_config 
_chem_comp_bond.pdbx_ordinal 
ALA N   CA   sing N N 1   
ALA N   H    sing N N 2   
ALA N   H2   sing N N 3   
ALA CA  C    sing N N 4   
ALA CA  CB   sing N N 5   
ALA CA  HA   sing N N 6   
ALA C   O    doub N N 7   
ALA C   OXT  sing N N 8   
ALA CB  HB1  sing N N 9   
ALA CB  HB2  sing N N 10  
ALA CB  HB3  sing N N 11  
ALA OXT HXT  sing N N 12  
ARG N   CA   sing N N 13  
ARG N   H    sing N N 14  
ARG N   H2   sing N N 15  
ARG CA  C    sing N N 16  
ARG CA  CB   sing N N 17  
ARG CA  HA   sing N N 18  
ARG C   O    doub N N 19  
ARG C   OXT  sing N N 20  
ARG CB  CG   sing N N 21  
ARG CB  HB2  sing N N 22  
ARG CB  HB3  sing N N 23  
ARG CG  CD   sing N N 24  
ARG CG  HG2  sing N N 25  
ARG CG  HG3  sing N N 26  
ARG CD  NE   sing N N 27  
ARG CD  HD2  sing N N 28  
ARG CD  HD3  sing N N 29  
ARG NE  CZ   sing N N 30  
ARG NE  HE   sing N N 31  
ARG CZ  NH1  sing N N 32  
ARG CZ  NH2  doub N N 33  
ARG NH1 HH11 sing N N 34  
ARG NH1 HH12 sing N N 35  
ARG NH2 HH21 sing N N 36  
ARG NH2 HH22 sing N N 37  
ARG OXT HXT  sing N N 38  
ASN N   CA   sing N N 39  
ASN N   H    sing N N 40  
ASN N   H2   sing N N 41  
ASN CA  C    sing N N 42  
ASN CA  CB   sing N N 43  
ASN CA  HA   sing N N 44  
ASN C   O    doub N N 45  
ASN C   OXT  sing N N 46  
ASN CB  CG   sing N N 47  
ASN CB  HB2  sing N N 48  
ASN CB  HB3  sing N N 49  
ASN CG  OD1  doub N N 50  
ASN CG  ND2  sing N N 51  
ASN ND2 HD21 sing N N 52  
ASN ND2 HD22 sing N N 53  
ASN OXT HXT  sing N N 54  
ASP N   CA   sing N N 55  
ASP N   H    sing N N 56  
ASP N   H2   sing N N 57  
ASP CA  C    sing N N 58  
ASP CA  CB   sing N N 59  
ASP CA  HA   sing N N 60  
ASP C   O    doub N N 61  
ASP C   OXT  sing N N 62  
ASP CB  CG   sing N N 63  
ASP CB  HB2  sing N N 64  
ASP CB  HB3  sing N N 65  
ASP CG  OD1  doub N N 66  
ASP CG  OD2  sing N N 67  
ASP OD2 HD2  sing N N 68  
ASP OXT HXT  sing N N 69  
CYS N   CA   sing N N 70  
CYS N   H    sing N N 71  
CYS N   H2   sing N N 72  
CYS CA  C    sing N N 73  
CYS CA  CB   sing N N 74  
CYS CA  HA   sing N N 75  
CYS C   O    doub N N 76  
CYS C   OXT  sing N N 77  
CYS CB  SG   sing N N 78  
CYS CB  HB2  sing N N 79  
CYS CB  HB3  sing N N 80  
CYS SG  HG   sing N N 81  
CYS OXT HXT  sing N N 82  
GLN N   CA   sing N N 83  
GLN N   H    sing N N 84  
GLN N   H2   sing N N 85  
GLN CA  C    sing N N 86  
GLN CA  CB   sing N N 87  
GLN CA  HA   sing N N 88  
GLN C   O    doub N N 89  
GLN C   OXT  sing N N 90  
GLN CB  CG   sing N N 91  
GLN CB  HB2  sing N N 92  
GLN CB  HB3  sing N N 93  
GLN CG  CD   sing N N 94  
GLN CG  HG2  sing N N 95  
GLN CG  HG3  sing N N 96  
GLN CD  OE1  doub N N 97  
GLN CD  NE2  sing N N 98  
GLN NE2 HE21 sing N N 99  
GLN NE2 HE22 sing N N 100 
GLN OXT HXT  sing N N 101 
GLU N   CA   sing N N 102 
GLU N   H    sing N N 103 
GLU N   H2   sing N N 104 
GLU CA  C    sing N N 105 
GLU CA  CB   sing N N 106 
GLU CA  HA   sing N N 107 
GLU C   O    doub N N 108 
GLU C   OXT  sing N N 109 
GLU CB  CG   sing N N 110 
GLU CB  HB2  sing N N 111 
GLU CB  HB3  sing N N 112 
GLU CG  CD   sing N N 113 
GLU CG  HG2  sing N N 114 
GLU CG  HG3  sing N N 115 
GLU CD  OE1  doub N N 116 
GLU CD  OE2  sing N N 117 
GLU OE2 HE2  sing N N 118 
GLU OXT HXT  sing N N 119 
GLY N   CA   sing N N 120 
GLY N   H    sing N N 121 
GLY N   H2   sing N N 122 
GLY CA  C    sing N N 123 
GLY CA  HA2  sing N N 124 
GLY CA  HA3  sing N N 125 
GLY C   O    doub N N 126 
GLY C   OXT  sing N N 127 
GLY OXT HXT  sing N N 128 
HIS N   CA   sing N N 129 
HIS N   H    sing N N 130 
HIS N   H2   sing N N 131 
HIS CA  C    sing N N 132 
HIS CA  CB   sing N N 133 
HIS CA  HA   sing N N 134 
HIS C   O    doub N N 135 
HIS C   OXT  sing N N 136 
HIS CB  CG   sing N N 137 
HIS CB  HB2  sing N N 138 
HIS CB  HB3  sing N N 139 
HIS CG  ND1  sing Y N 140 
HIS CG  CD2  doub Y N 141 
HIS ND1 CE1  doub Y N 142 
HIS ND1 HD1  sing N N 143 
HIS CD2 NE2  sing Y N 144 
HIS CD2 HD2  sing N N 145 
HIS CE1 NE2  sing Y N 146 
HIS CE1 HE1  sing N N 147 
HIS NE2 HE2  sing N N 148 
HIS OXT HXT  sing N N 149 
HOH O   H1   sing N N 150 
HOH O   H2   sing N N 151 
ILE N   CA   sing N N 152 
ILE N   H    sing N N 153 
ILE N   H2   sing N N 154 
ILE CA  C    sing N N 155 
ILE CA  CB   sing N N 156 
ILE CA  HA   sing N N 157 
ILE C   O    doub N N 158 
ILE C   OXT  sing N N 159 
ILE CB  CG1  sing N N 160 
ILE CB  CG2  sing N N 161 
ILE CB  HB   sing N N 162 
ILE CG1 CD1  sing N N 163 
ILE CG1 HG12 sing N N 164 
ILE CG1 HG13 sing N N 165 
ILE CG2 HG21 sing N N 166 
ILE CG2 HG22 sing N N 167 
ILE CG2 HG23 sing N N 168 
ILE CD1 HD11 sing N N 169 
ILE CD1 HD12 sing N N 170 
ILE CD1 HD13 sing N N 171 
ILE OXT HXT  sing N N 172 
LEU N   CA   sing N N 173 
LEU N   H    sing N N 174 
LEU N   H2   sing N N 175 
LEU CA  C    sing N N 176 
LEU CA  CB   sing N N 177 
LEU CA  HA   sing N N 178 
LEU C   O    doub N N 179 
LEU C   OXT  sing N N 180 
LEU CB  CG   sing N N 181 
LEU CB  HB2  sing N N 182 
LEU CB  HB3  sing N N 183 
LEU CG  CD1  sing N N 184 
LEU CG  CD2  sing N N 185 
LEU CG  HG   sing N N 186 
LEU CD1 HD11 sing N N 187 
LEU CD1 HD12 sing N N 188 
LEU CD1 HD13 sing N N 189 
LEU CD2 HD21 sing N N 190 
LEU CD2 HD22 sing N N 191 
LEU CD2 HD23 sing N N 192 
LEU OXT HXT  sing N N 193 
LYS N   CA   sing N N 194 
LYS N   H    sing N N 195 
LYS N   H2   sing N N 196 
LYS CA  C    sing N N 197 
LYS CA  CB   sing N N 198 
LYS CA  HA   sing N N 199 
LYS C   O    doub N N 200 
LYS C   OXT  sing N N 201 
LYS CB  CG   sing N N 202 
LYS CB  HB2  sing N N 203 
LYS CB  HB3  sing N N 204 
LYS CG  CD   sing N N 205 
LYS CG  HG2  sing N N 206 
LYS CG  HG3  sing N N 207 
LYS CD  CE   sing N N 208 
LYS CD  HD2  sing N N 209 
LYS CD  HD3  sing N N 210 
LYS CE  NZ   sing N N 211 
LYS CE  HE2  sing N N 212 
LYS CE  HE3  sing N N 213 
LYS NZ  HZ1  sing N N 214 
LYS NZ  HZ2  sing N N 215 
LYS NZ  HZ3  sing N N 216 
LYS OXT HXT  sing N N 217 
MET N   CA   sing N N 218 
MET N   H    sing N N 219 
MET N   H2   sing N N 220 
MET CA  C    sing N N 221 
MET CA  CB   sing N N 222 
MET CA  HA   sing N N 223 
MET C   O    doub N N 224 
MET C   OXT  sing N N 225 
MET CB  CG   sing N N 226 
MET CB  HB2  sing N N 227 
MET CB  HB3  sing N N 228 
MET CG  SD   sing N N 229 
MET CG  HG2  sing N N 230 
MET CG  HG3  sing N N 231 
MET SD  CE   sing N N 232 
MET CE  HE1  sing N N 233 
MET CE  HE2  sing N N 234 
MET CE  HE3  sing N N 235 
MET OXT HXT  sing N N 236 
PHE N   CA   sing N N 237 
PHE N   H    sing N N 238 
PHE N   H2   sing N N 239 
PHE CA  C    sing N N 240 
PHE CA  CB   sing N N 241 
PHE CA  HA   sing N N 242 
PHE C   O    doub N N 243 
PHE C   OXT  sing N N 244 
PHE CB  CG   sing N N 245 
PHE CB  HB2  sing N N 246 
PHE CB  HB3  sing N N 247 
PHE CG  CD1  doub Y N 248 
PHE CG  CD2  sing Y N 249 
PHE CD1 CE1  sing Y N 250 
PHE CD1 HD1  sing N N 251 
PHE CD2 CE2  doub Y N 252 
PHE CD2 HD2  sing N N 253 
PHE CE1 CZ   doub Y N 254 
PHE CE1 HE1  sing N N 255 
PHE CE2 CZ   sing Y N 256 
PHE CE2 HE2  sing N N 257 
PHE CZ  HZ   sing N N 258 
PHE OXT HXT  sing N N 259 
PRO N   CA   sing N N 260 
PRO N   CD   sing N N 261 
PRO N   H    sing N N 262 
PRO CA  C    sing N N 263 
PRO CA  CB   sing N N 264 
PRO CA  HA   sing N N 265 
PRO C   O    doub N N 266 
PRO C   OXT  sing N N 267 
PRO CB  CG   sing N N 268 
PRO CB  HB2  sing N N 269 
PRO CB  HB3  sing N N 270 
PRO CG  CD   sing N N 271 
PRO CG  HG2  sing N N 272 
PRO CG  HG3  sing N N 273 
PRO CD  HD2  sing N N 274 
PRO CD  HD3  sing N N 275 
PRO OXT HXT  sing N N 276 
SER N   CA   sing N N 277 
SER N   H    sing N N 278 
SER N   H2   sing N N 279 
SER CA  C    sing N N 280 
SER CA  CB   sing N N 281 
SER CA  HA   sing N N 282 
SER C   O    doub N N 283 
SER C   OXT  sing N N 284 
SER CB  OG   sing N N 285 
SER CB  HB2  sing N N 286 
SER CB  HB3  sing N N 287 
SER OG  HG   sing N N 288 
SER OXT HXT  sing N N 289 
SO4 S   O1   doub N N 290 
SO4 S   O2   doub N N 291 
SO4 S   O3   sing N N 292 
SO4 S   O4   sing N N 293 
THR N   CA   sing N N 294 
THR N   H    sing N N 295 
THR N   H2   sing N N 296 
THR CA  C    sing N N 297 
THR CA  CB   sing N N 298 
THR CA  HA   sing N N 299 
THR C   O    doub N N 300 
THR C   OXT  sing N N 301 
THR CB  OG1  sing N N 302 
THR CB  CG2  sing N N 303 
THR CB  HB   sing N N 304 
THR OG1 HG1  sing N N 305 
THR CG2 HG21 sing N N 306 
THR CG2 HG22 sing N N 307 
THR CG2 HG23 sing N N 308 
THR OXT HXT  sing N N 309 
TRP N   CA   sing N N 310 
TRP N   H    sing N N 311 
TRP N   H2   sing N N 312 
TRP CA  C    sing N N 313 
TRP CA  CB   sing N N 314 
TRP CA  HA   sing N N 315 
TRP C   O    doub N N 316 
TRP C   OXT  sing N N 317 
TRP CB  CG   sing N N 318 
TRP CB  HB2  sing N N 319 
TRP CB  HB3  sing N N 320 
TRP CG  CD1  doub Y N 321 
TRP CG  CD2  sing Y N 322 
TRP CD1 NE1  sing Y N 323 
TRP CD1 HD1  sing N N 324 
TRP CD2 CE2  doub Y N 325 
TRP CD2 CE3  sing Y N 326 
TRP NE1 CE2  sing Y N 327 
TRP NE1 HE1  sing N N 328 
TRP CE2 CZ2  sing Y N 329 
TRP CE3 CZ3  doub Y N 330 
TRP CE3 HE3  sing N N 331 
TRP CZ2 CH2  doub Y N 332 
TRP CZ2 HZ2  sing N N 333 
TRP CZ3 CH2  sing Y N 334 
TRP CZ3 HZ3  sing N N 335 
TRP CH2 HH2  sing N N 336 
TRP OXT HXT  sing N N 337 
TYL C1  C2   doub Y N 338 
TYL C1  C6   sing Y N 339 
TYL C1  N    sing N N 340 
TYL C2  C3   sing Y N 341 
TYL C2  H2   sing N N 342 
TYL C3  C4   doub Y N 343 
TYL C3  H3   sing N N 344 
TYL C4  C5   sing Y N 345 
TYL C4  O4   sing N N 346 
TYL C5  C6   doub Y N 347 
TYL C5  H5   sing N N 348 
TYL C6  H6   sing N N 349 
TYL N   C    sing N N 350 
TYL N   HN   sing N N 351 
TYL C   CM   sing N N 352 
TYL C   O    doub N N 353 
TYL CM  HM1  sing N N 354 
TYL CM  HM2  sing N N 355 
TYL CM  HM3  sing N N 356 
TYL O4  HO4  sing N N 357 
TYR N   CA   sing N N 358 
TYR N   H    sing N N 359 
TYR N   H2   sing N N 360 
TYR CA  C    sing N N 361 
TYR CA  CB   sing N N 362 
TYR CA  HA   sing N N 363 
TYR C   O    doub N N 364 
TYR C   OXT  sing N N 365 
TYR CB  CG   sing N N 366 
TYR CB  HB2  sing N N 367 
TYR CB  HB3  sing N N 368 
TYR CG  CD1  doub Y N 369 
TYR CG  CD2  sing Y N 370 
TYR CD1 CE1  sing Y N 371 
TYR CD1 HD1  sing N N 372 
TYR CD2 CE2  doub Y N 373 
TYR CD2 HD2  sing N N 374 
TYR CE1 CZ   doub Y N 375 
TYR CE1 HE1  sing N N 376 
TYR CE2 CZ   sing Y N 377 
TYR CE2 HE2  sing N N 378 
TYR CZ  OH   sing N N 379 
TYR OH  HH   sing N N 380 
TYR OXT HXT  sing N N 381 
VAL N   CA   sing N N 382 
VAL N   H    sing N N 383 
VAL N   H2   sing N N 384 
VAL CA  C    sing N N 385 
VAL CA  CB   sing N N 386 
VAL CA  HA   sing N N 387 
VAL C   O    doub N N 388 
VAL C   OXT  sing N N 389 
VAL CB  CG1  sing N N 390 
VAL CB  CG2  sing N N 391 
VAL CB  HB   sing N N 392 
VAL CG1 HG11 sing N N 393 
VAL CG1 HG12 sing N N 394 
VAL CG1 HG13 sing N N 395 
VAL CG2 HG21 sing N N 396 
VAL CG2 HG22 sing N N 397 
VAL CG2 HG23 sing N N 398 
VAL OXT HXT  sing N N 399 
# 
_pdbx_initial_refinement_model.id               1 
_pdbx_initial_refinement_model.entity_id_list   ? 
_pdbx_initial_refinement_model.type             'experimental model' 
_pdbx_initial_refinement_model.source_name      PDB 
_pdbx_initial_refinement_model.accession_code   1FB2 
_pdbx_initial_refinement_model.details          ? 
# 
_atom_sites.entry_id                    2DPZ 
_atom_sites.fract_transf_matrix[1][1]   -0.00777450 
_atom_sites.fract_transf_matrix[1][2]   -0.01655266 
_atom_sites.fract_transf_matrix[1][3]   -0.00455394 
_atom_sites.fract_transf_matrix[2][1]   0.01405563 
_atom_sites.fract_transf_matrix[2][2]   -0.00900759 
_atom_sites.fract_transf_matrix[2][3]   0.00874496 
_atom_sites.fract_transf_matrix[3][1]   -0.01085118 
_atom_sites.fract_transf_matrix[3][2]   0.00023242 
_atom_sites.fract_transf_matrix[3][3]   0.01768034 
_atom_sites.fract_transf_vector[1]      0.161748 
_atom_sites.fract_transf_vector[2]      0.470662 
_atom_sites.fract_transf_vector[3]      -0.004529 
# 
loop_
_atom_type.symbol 
C 
N 
O 
S 
# 
loop_
_atom_site.group_PDB 
_atom_site.id 
_atom_site.type_symbol 
_atom_site.label_atom_id 
_atom_site.label_alt_id 
_atom_site.label_comp_id 
_atom_site.label_asym_id 
_atom_site.label_entity_id 
_atom_site.label_seq_id 
_atom_site.pdbx_PDB_ins_code 
_atom_site.Cartn_x 
_atom_site.Cartn_y 
_atom_site.Cartn_z 
_atom_site.occupancy 
_atom_site.B_iso_or_equiv 
_atom_site.pdbx_formal_charge 
_atom_site.auth_seq_id 
_atom_site.auth_comp_id 
_atom_site.auth_asym_id 
_atom_site.auth_atom_id 
_atom_site.pdbx_PDB_model_num 
ATOM   1    N N   . SER A 1 1   ? -7.611  -0.226  -8.603  1.00 28.18 ? 1    SER A N   1 
ATOM   2    C CA  . SER A 1 1   ? -6.624  0.514   -9.441  1.00 29.90 ? 1    SER A CA  1 
ATOM   3    C C   . SER A 1 1   ? -5.810  1.512   -8.618  1.00 31.16 ? 1    SER A C   1 
ATOM   4    O O   . SER A 1 1   ? -6.156  1.877   -7.476  1.00 29.97 ? 1    SER A O   1 
ATOM   5    C CB  . SER A 1 1   ? -7.254  1.203   -10.672 1.00 29.67 ? 1    SER A CB  1 
ATOM   6    O OG  . SER A 1 1   ? -7.871  2.434   -10.329 1.00 28.90 ? 1    SER A OG  1 
ATOM   7    N N   . LEU A 1 2   ? -4.719  1.948   -9.226  1.00 32.61 ? 2    LEU A N   1 
ATOM   8    C CA  . LEU A 1 2   ? -3.761  2.788   -8.560  1.00 34.71 ? 2    LEU A CA  1 
ATOM   9    C C   . LEU A 1 2   ? -4.304  4.168   -8.197  1.00 35.34 ? 2    LEU A C   1 
ATOM   10   O O   . LEU A 1 2   ? -3.781  4.811   -7.280  1.00 35.39 ? 2    LEU A O   1 
ATOM   11   C CB  . LEU A 1 2   ? -2.524  2.920   -9.430  1.00 35.74 ? 2    LEU A CB  1 
ATOM   12   C CG  . LEU A 1 2   ? -1.219  3.030   -8.660  1.00 38.09 ? 2    LEU A CG  1 
ATOM   13   C CD1 . LEU A 1 2   ? -1.322  2.260   -7.370  1.00 40.05 ? 2    LEU A CD1 1 
ATOM   14   C CD2 . LEU A 1 2   ? -0.059  2.532   -9.500  1.00 40.65 ? 2    LEU A CD2 1 
ATOM   15   N N   . LEU A 1 3   ? -5.344  4.603   -8.904  1.00 35.40 ? 3    LEU A N   1 
ATOM   16   C CA  . LEU A 1 3   ? -5.954  5.909   -8.675  1.00 36.14 ? 3    LEU A CA  1 
ATOM   17   C C   . LEU A 1 3   ? -6.858  5.851   -7.463  1.00 35.69 ? 3    LEU A C   1 
ATOM   18   O O   . LEU A 1 3   ? -6.915  6.790   -6.671  1.00 35.46 ? 3    LEU A O   1 
ATOM   19   C CB  . LEU A 1 3   ? -6.733  6.395   -9.900  1.00 36.36 ? 3    LEU A CB  1 
ATOM   20   C CG  . LEU A 1 3   ? -6.061  7.476   -10.766 1.00 38.14 ? 3    LEU A CG  1 
ATOM   21   C CD1 . LEU A 1 3   ? -6.066  8.829   -10.046 1.00 39.40 ? 3    LEU A CD1 1 
ATOM   22   C CD2 . LEU A 1 3   ? -4.638  7.096   -11.159 1.00 39.00 ? 3    LEU A CD2 1 
ATOM   23   N N   . GLU A 1 4   ? -7.505  4.740   -7.273  1.00 35.08 ? 4    GLU A N   1 
ATOM   24   C CA  . GLU A 1 4   ? -8.331  4.696   -6.097  1.00 34.75 ? 4    GLU A CA  1 
ATOM   25   C C   . GLU A 1 4   ? -7.566  4.326   -4.855  1.00 32.75 ? 4    GLU A C   1 
ATOM   26   O O   . GLU A 1 4   ? -7.985  4.671   -3.757  1.00 32.73 ? 4    GLU A O   1 
ATOM   27   C CB  . GLU A 1 4   ? -9.483  3.830   -6.284  1.00 34.56 ? 4    GLU A CB  1 
ATOM   28   C CG  . GLU A 1 4   ? -9.495  3.195   -7.601  1.00 39.57 ? 4    GLU A CG  1 
ATOM   29   C CD  . GLU A 1 4   ? -10.564 2.220   -7.386  1.00 41.83 ? 4    GLU A CD  1 
ATOM   30   O OE1 . GLU A 1 4   ? -11.361 2.391   -6.424  1.00 43.51 ? 4    GLU A OE1 1 
ATOM   31   O OE2 . GLU A 1 4   ? -10.650 1.247   -8.182  1.00 43.27 ? 4    GLU A OE2 1 
ATOM   32   N N   . PHE A 1 5   ? -6.439  3.654   -4.982  1.00 31.06 ? 5    PHE A N   1 
ATOM   33   C CA  . PHE A 1 5   ? -5.595  3.371   -3.796  1.00 29.88 ? 5    PHE A CA  1 
ATOM   34   C C   . PHE A 1 5   ? -5.044  4.664   -3.298  1.00 29.10 ? 5    PHE A C   1 
ATOM   35   O O   . PHE A 1 5   ? -4.923  4.901   -2.100  1.00 29.27 ? 5    PHE A O   1 
ATOM   36   C CB  . PHE A 1 5   ? -4.414  2.460   -4.068  1.00 29.26 ? 5    PHE A CB  1 
ATOM   37   C CG  . PHE A 1 5   ? -3.560  1.996   -2.877  1.00 29.71 ? 5    PHE A CG  1 
ATOM   38   C CD1 . PHE A 1 5   ? -4.046  1.856   -1.583  1.00 27.12 ? 5    PHE A CD1 1 
ATOM   39   C CD2 . PHE A 1 5   ? -2.246  1.674   -3.120  1.00 29.18 ? 5    PHE A CD2 1 
ATOM   40   C CE1 . PHE A 1 5   ? -3.215  1.374   -0.583  1.00 29.22 ? 5    PHE A CE1 1 
ATOM   41   C CE2 . PHE A 1 5   ? -1.400  1.203   -2.133  1.00 31.62 ? 5    PHE A CE2 1 
ATOM   42   C CZ  . PHE A 1 5   ? -1.896  1.067   -0.863  1.00 31.26 ? 5    PHE A CZ  1 
ATOM   43   N N   . GLY A 1 6   ? -4.708  5.539   -4.242  1.00 28.52 ? 6    GLY A N   1 
ATOM   44   C CA  . GLY A 1 6   ? -4.233  6.881   -3.961  1.00 28.86 ? 6    GLY A CA  1 
ATOM   45   C C   . GLY A 1 6   ? -5.261  7.678   -3.190  1.00 28.83 ? 6    GLY A C   1 
ATOM   46   O O   . GLY A 1 6   ? -4.938  8.330   -2.203  1.00 28.68 ? 6    GLY A O   1 
ATOM   47   N N   . LYS A 1 7   ? -6.517  7.561   -3.598  1.00 28.88 ? 7    LYS A N   1 
ATOM   48   C CA  . LYS A 1 7   ? -7.569  8.321   -2.973  1.00 29.47 ? 7    LYS A CA  1 
ATOM   49   C C   . LYS A 1 7   ? -7.984  7.749   -1.618  1.00 28.79 ? 7    LYS A C   1 
ATOM   50   O O   . LYS A 1 7   ? -8.333  8.495   -0.699  1.00 28.41 ? 7    LYS A O   1 
ATOM   51   C CB  . LYS A 1 7   ? -8.729  8.481   -3.949  1.00 30.12 ? 7    LYS A CB  1 
ATOM   52   C CG  . LYS A 1 7   ? -10.048 8.891   -3.317  1.00 34.53 ? 7    LYS A CG  1 
ATOM   53   C CD  . LYS A 1 7   ? -11.060 9.246   -4.390  1.00 39.74 ? 7    LYS A CD  1 
ATOM   54   C CE  . LYS A 1 7   ? -12.466 8.887   -3.934  1.00 44.24 ? 7    LYS A CE  1 
ATOM   55   N NZ  . LYS A 1 7   ? -13.387 10.059  -3.952  1.00 47.11 ? 7    LYS A NZ  1 
ATOM   56   N N   . MET A 1 8   ? -7.913  6.428   -1.484  1.00 27.47 ? 8    MET A N   1 
ATOM   57   C CA  . MET A 1 8   ? -8.136  5.768   -0.203  1.00 27.15 ? 8    MET A CA  1 
ATOM   58   C C   . MET A 1 8   ? -7.072  6.208   0.835   1.00 26.80 ? 8    MET A C   1 
ATOM   59   O O   . MET A 1 8   ? -7.406  6.522   1.995   1.00 26.46 ? 8    MET A O   1 
ATOM   60   C CB  . MET A 1 8   ? -8.083  4.256   -0.409  1.00 27.15 ? 8    MET A CB  1 
ATOM   61   C CG  . MET A 1 8   ? -8.513  3.403   0.731   1.00 27.62 ? 8    MET A CG  1 
ATOM   62   S SD  . MET A 1 8   ? -8.449  1.630   0.246   1.00 27.45 ? 8    MET A SD  1 
ATOM   63   C CE  . MET A 1 8   ? -9.816  1.463   -0.770  1.00 27.88 ? 8    MET A CE  1 
ATOM   64   N N   . ILE A 1 9   ? -5.806  6.212   0.420   1.00 25.86 ? 9    ILE A N   1 
ATOM   65   C CA  . ILE A 1 9   ? -4.709  6.649   1.277   1.00 26.55 ? 9    ILE A CA  1 
ATOM   66   C C   . ILE A 1 9   ? -4.915  8.091   1.751   1.00 27.06 ? 9    ILE A C   1 
ATOM   67   O O   . ILE A 1 9   ? -4.824  8.376   2.944   1.00 26.38 ? 9    ILE A O   1 
ATOM   68   C CB  . ILE A 1 9   ? -3.359  6.541   0.554   1.00 25.92 ? 9    ILE A CB  1 
ATOM   69   C CG1 . ILE A 1 9   ? -2.962  5.084   0.330   1.00 26.61 ? 9    ILE A CG1 1 
ATOM   70   C CG2 . ILE A 1 9   ? -2.256  7.234   1.349   1.00 26.25 ? 9    ILE A CG2 1 
ATOM   71   C CD1 . ILE A 1 9   ? -1.756  4.938   -0.637  1.00 26.48 ? 9    ILE A CD1 1 
ATOM   72   N N   . LEU A 1 10  ? -5.190  8.994   0.808   1.00 28.02 ? 10   LEU A N   1 
ATOM   73   C CA  . LEU A 1 10  ? -5.437  10.399  1.147   1.00 29.27 ? 10   LEU A CA  1 
ATOM   74   C C   . LEU A 1 10  ? -6.570  10.506  2.171   1.00 29.68 ? 10   LEU A C   1 
ATOM   75   O O   . LEU A 1 10  ? -6.442  11.217  3.166   1.00 29.23 ? 10   LEU A O   1 
ATOM   76   C CB  . LEU A 1 10  ? -5.776  11.227  -0.106  1.00 29.82 ? 10   LEU A CB  1 
ATOM   77   C CG  . LEU A 1 10  ? -6.201  12.692  0.091   1.00 30.97 ? 10   LEU A CG  1 
ATOM   78   C CD1 . LEU A 1 10  ? -5.139  13.509  0.838   1.00 31.54 ? 10   LEU A CD1 1 
ATOM   79   C CD2 . LEU A 1 10  ? -6.541  13.359  -1.235  1.00 32.00 ? 10   LEU A CD2 1 
ATOM   80   N N   . GLU A 1 11  ? -7.672  9.790   1.932   1.00 29.72 ? 11   GLU A N   1 
ATOM   81   C CA  . GLU A 1 11  ? -8.802  9.839   2.848   1.00 30.47 ? 11   GLU A CA  1 
ATOM   82   C C   . GLU A 1 11  ? -8.439  9.349   4.255   1.00 30.76 ? 11   GLU A C   1 
ATOM   83   O O   . GLU A 1 11  ? -8.905  9.897   5.255   1.00 30.29 ? 11   GLU A O   1 
ATOM   84   C CB  . GLU A 1 11  ? -9.981  9.011   2.350   1.00 30.45 ? 11   GLU A CB  1 
ATOM   85   C CG  . GLU A 1 11  ? -10.479 9.314   0.954   1.00 32.27 ? 11   GLU A CG  1 
ATOM   86   C CD  . GLU A 1 11  ? -11.694 8.479   0.608   1.00 33.12 ? 11   GLU A CD  1 
ATOM   87   O OE1 . GLU A 1 11  ? -11.748 7.301   1.009   1.00 31.46 ? 11   GLU A OE1 1 
ATOM   88   O OE2 . GLU A 1 11  ? -12.604 9.009   -0.043  1.00 34.17 ? 11   GLU A OE2 1 
ATOM   89   N N   . GLU A 1 12  ? -7.627  8.302   4.315   1.00 30.80 ? 12   GLU A N   1 
ATOM   90   C CA  . GLU A 1 12  ? -7.250  7.717   5.577   1.00 31.16 ? 12   GLU A CA  1 
ATOM   91   C C   . GLU A 1 12  ? -6.262  8.505   6.379   1.00 30.92 ? 12   GLU A C   1 
ATOM   92   O O   . GLU A 1 12  ? -6.398  8.657   7.582   1.00 31.02 ? 12   GLU A O   1 
ATOM   93   C CB  . GLU A 1 12  ? -6.534  6.388   5.410   1.00 31.46 ? 12   GLU A CB  1 
ATOM   94   C CG  . GLU A 1 12  ? -7.473  5.194   5.194   1.00 32.97 ? 12   GLU A CG  1 
ATOM   95   C CD  . GLU A 1 12  ? -8.264  4.774   6.414   1.00 31.67 ? 12   GLU A CD  1 
ATOM   96   O OE1 . GLU A 1 12  ? -7.688  4.734   7.531   1.00 32.24 ? 12   GLU A OE1 1 
ATOM   97   O OE2 . GLU A 1 12  ? -9.469  4.499   6.253   1.00 33.09 ? 12   GLU A OE2 1 
ATOM   98   N N   . THR A 1 13  ? -5.237  9.011   5.697   1.00 29.69 ? 13   THR A N   1 
ATOM   99   C CA  . THR A 1 13  ? -4.092  9.634   6.343   1.00 30.14 ? 13   THR A CA  1 
ATOM   100  C C   . THR A 1 13  ? -3.943  11.156  6.198   1.00 30.93 ? 13   THR A C   1 
ATOM   101  O O   . THR A 1 13  ? -3.228  11.775  6.969   1.00 30.49 ? 13   THR A O   1 
ATOM   102  C CB  . THR A 1 13  ? -2.793  9.007   5.788   1.00 30.09 ? 13   THR A CB  1 
ATOM   103  O OG1 . THR A 1 13  ? -2.634  9.395   4.418   1.00 30.35 ? 13   THR A OG1 1 
ATOM   104  C CG2 . THR A 1 13  ? -2.885  7.479   5.710   1.00 28.91 ? 13   THR A CG2 1 
ATOM   105  N N   . GLY A 1 14  ? -4.539  11.726  5.182   1.00 31.10 ? 14   GLY A N   1 
ATOM   106  C CA  . GLY A 1 14  ? -4.359  13.141  4.974   1.00 32.35 ? 14   GLY A CA  1 
ATOM   107  C C   . GLY A 1 14  ? -3.046  13.373  4.203   1.00 33.32 ? 14   GLY A C   1 
ATOM   108  O O   . GLY A 1 14  ? -2.630  14.539  4.068   1.00 34.28 ? 14   GLY A O   1 
ATOM   109  N N   . LYS A 1 15  ? -2.371  12.354  3.715   1.00 34.47 ? 16   LYS A N   1 
ATOM   110  C CA  . LYS A 1 15  ? -1.158  12.592  2.942   1.00 34.75 ? 16   LYS A CA  1 
ATOM   111  C C   . LYS A 1 15  ? -1.408  12.119  1.505   1.00 34.58 ? 16   LYS A C   1 
ATOM   112  O O   . LYS A 1 15  ? -2.111  11.119  1.268   1.00 34.44 ? 16   LYS A O   1 
ATOM   113  C CB  . LYS A 1 15  ? 0.040   11.837  3.510   1.00 34.89 ? 16   LYS A CB  1 
ATOM   114  C CG  . LYS A 1 15  ? 0.296   12.150  4.973   1.00 36.39 ? 16   LYS A CG  1 
ATOM   115  C CD  . LYS A 1 15  ? 1.129   11.049  5.617   1.00 39.94 ? 16   LYS A CD  1 
ATOM   116  C CE  . LYS A 1 15  ? 2.601   11.421  5.692   1.00 42.65 ? 16   LYS A CE  1 
ATOM   117  N NZ  . LYS A 1 15  ? 2.813   12.684  6.449   1.00 44.30 ? 16   LYS A NZ  1 
ATOM   118  N N   . LEU A 1 16  ? -0.820  12.862  0.560   1.00 34.23 ? 17   LEU A N   1 
ATOM   119  C CA  . LEU A 1 16  ? -0.935  12.521  -0.827  1.00 34.57 ? 17   LEU A CA  1 
ATOM   120  C C   . LEU A 1 16  ? -0.055  11.320  -1.090  1.00 34.10 ? 17   LEU A C   1 
ATOM   121  O O   . LEU A 1 16  ? 1.080   11.243  -0.624  1.00 33.85 ? 17   LEU A O   1 
ATOM   122  C CB  . LEU A 1 16  ? -0.531  13.694  -1.684  1.00 34.72 ? 17   LEU A CB  1 
ATOM   123  C CG  . LEU A 1 16  ? -1.547  14.824  -1.673  1.00 36.54 ? 17   LEU A CG  1 
ATOM   124  C CD1 . LEU A 1 16  ? -0.921  16.131  -2.108  1.00 37.03 ? 17   LEU A CD1 1 
ATOM   125  C CD2 . LEU A 1 16  ? -2.745  14.478  -2.555  1.00 37.79 ? 17   LEU A CD2 1 
ATOM   126  N N   . ALA A 1 17  ? -0.619  10.347  -1.832  1.00 34.22 ? 18   ALA A N   1 
ATOM   127  C CA  . ALA A 1 17  ? 0.066   9.096   -2.167  1.00 34.74 ? 18   ALA A CA  1 
ATOM   128  C C   . ALA A 1 17  ? 1.402   9.362   -2.845  1.00 35.40 ? 18   ALA A C   1 
ATOM   129  O O   . ALA A 1 17  ? 2.430   8.746   -2.527  1.00 35.16 ? 18   ALA A O   1 
ATOM   130  C CB  . ALA A 1 17  ? -0.819  8.256   -3.071  1.00 34.86 ? 18   ALA A CB  1 
ATOM   131  N N   . ILE A 1 18  ? 1.356   10.297  -3.819  1.00 36.20 ? 19   ILE A N   1 
ATOM   132  C CA  . ILE A 1 18  ? 2.550   10.889  -4.415  1.00 37.30 ? 19   ILE A CA  1 
ATOM   133  C C   . ILE A 1 18  ? 2.634   12.279  -3.810  1.00 37.22 ? 19   ILE A C   1 
ATOM   134  O O   . ILE A 1 18  ? 1.733   13.092  -4.015  1.00 37.21 ? 19   ILE A O   1 
ATOM   135  C CB  . ILE A 1 18  ? 2.356   11.080  -5.937  1.00 38.15 ? 19   ILE A CB  1 
ATOM   136  C CG1 . ILE A 1 18  ? 1.825   9.807   -6.595  1.00 39.22 ? 19   ILE A CG1 1 
ATOM   137  C CG2 . ILE A 1 18  ? 3.641   11.608  -6.584  1.00 37.67 ? 19   ILE A CG2 1 
ATOM   138  C CD1 . ILE A 1 18  ? 2.877   8.764   -6.829  1.00 42.90 ? 19   ILE A CD1 1 
ATOM   139  N N   . PRO A 1 19  ? 3.717   12.607  -3.124  1.00 37.31 ? 20   PRO A N   1 
ATOM   140  C CA  . PRO A 1 19  ? 4.897   11.755  -2.967  1.00 37.33 ? 20   PRO A CA  1 
ATOM   141  C C   . PRO A 1 19  ? 5.079   11.038  -1.634  1.00 36.90 ? 20   PRO A C   1 
ATOM   142  O O   . PRO A 1 19  ? 6.106   10.383  -1.462  1.00 38.18 ? 20   PRO A O   1 
ATOM   143  C CB  . PRO A 1 19  ? 6.029   12.778  -3.004  1.00 37.42 ? 20   PRO A CB  1 
ATOM   144  C CG  . PRO A 1 19  ? 5.395   14.101  -2.544  1.00 37.88 ? 20   PRO A CG  1 
ATOM   145  C CD  . PRO A 1 19  ? 3.896   13.923  -2.481  1.00 37.38 ? 20   PRO A CD  1 
ATOM   146  N N   . SER A 1 20  ? 4.153   11.154  -0.703  1.00 35.44 ? 21   SER A N   1 
ATOM   147  C CA  . SER A 1 20  ? 4.387   10.600  0.624   1.00 34.34 ? 21   SER A CA  1 
ATOM   148  C C   . SER A 1 20  ? 4.687   9.102   0.695   1.00 33.51 ? 21   SER A C   1 
ATOM   149  O O   . SER A 1 20  ? 5.496   8.659   1.514   1.00 33.16 ? 21   SER A O   1 
ATOM   150  C CB  . SER A 1 20  ? 3.199   10.912  1.517   1.00 33.98 ? 21   SER A CB  1 
ATOM   151  O OG  . SER A 1 20  ? 3.347   12.176  2.088   1.00 34.96 ? 21   SER A OG  1 
ATOM   152  N N   . TYR A 1 21  ? 4.027   8.326   -0.150  1.00 32.58 ? 22   TYR A N   1 
ATOM   153  C CA  . TYR A 1 21  ? 4.152   6.879   -0.074  1.00 32.05 ? 22   TYR A CA  1 
ATOM   154  C C   . TYR A 1 21  ? 4.665   6.272   -1.394  1.00 32.26 ? 22   TYR A C   1 
ATOM   155  O O   . TYR A 1 21  ? 4.615   5.062   -1.586  1.00 32.98 ? 22   TYR A O   1 
ATOM   156  C CB  . TYR A 1 21  ? 2.815   6.259   0.320   1.00 31.42 ? 22   TYR A CB  1 
ATOM   157  C CG  . TYR A 1 21  ? 2.334   6.584   1.739   1.00 31.08 ? 22   TYR A CG  1 
ATOM   158  C CD1 . TYR A 1 21  ? 1.362   7.540   1.961   1.00 28.92 ? 22   TYR A CD1 1 
ATOM   159  C CD2 . TYR A 1 21  ? 2.868   5.933   2.842   1.00 30.10 ? 22   TYR A CD2 1 
ATOM   160  C CE1 . TYR A 1 21  ? 0.910   7.835   3.240   1.00 28.82 ? 22   TYR A CE1 1 
ATOM   161  C CE2 . TYR A 1 21  ? 2.419   6.216   4.137   1.00 30.41 ? 22   TYR A CE2 1 
ATOM   162  C CZ  . TYR A 1 21  ? 1.447   7.177   4.320   1.00 29.76 ? 22   TYR A CZ  1 
ATOM   163  O OH  . TYR A 1 21  ? 0.989   7.481   5.570   1.00 29.26 ? 22   TYR A OH  1 
ATOM   164  N N   . SER A 1 22  ? 5.178   7.098   -2.294  1.00 31.51 ? 23   SER A N   1 
ATOM   165  C CA  . SER A 1 22  ? 5.670   6.555   -3.563  1.00 31.71 ? 23   SER A CA  1 
ATOM   166  C C   . SER A 1 22  ? 7.195   6.379   -3.642  1.00 30.96 ? 23   SER A C   1 
ATOM   167  O O   . SER A 1 22  ? 7.692   5.845   -4.612  1.00 30.72 ? 23   SER A O   1 
ATOM   168  C CB  . SER A 1 22  ? 5.151   7.379   -4.736  1.00 31.40 ? 23   SER A CB  1 
ATOM   169  O OG  . SER A 1 22  ? 5.383   8.758   -4.501  1.00 33.37 ? 23   SER A OG  1 
ATOM   170  N N   . SER A 1 23  ? 7.933   6.816   -2.635  1.00 30.56 ? 24   SER A N   1 
ATOM   171  C CA  . SER A 1 23  ? 9.367   6.595   -2.636  1.00 30.89 ? 24   SER A CA  1 
ATOM   172  C C   . SER A 1 23  ? 9.823   6.465   -1.199  1.00 30.21 ? 24   SER A C   1 
ATOM   173  O O   . SER A 1 23  ? 10.839  7.025   -0.790  1.00 30.34 ? 24   SER A O   1 
ATOM   174  C CB  . SER A 1 23  ? 10.092  7.757   -3.292  1.00 31.55 ? 24   SER A CB  1 
ATOM   175  O OG  . SER A 1 23  ? 9.882   8.930   -2.531  1.00 34.19 ? 24   SER A OG  1 
ATOM   176  N N   . TYR A 1 24  ? 9.068   5.707   -0.425  1.00 28.69 ? 25   TYR A N   1 
ATOM   177  C CA  . TYR A 1 24  ? 9.379   5.577   0.978   1.00 27.44 ? 25   TYR A CA  1 
ATOM   178  C C   . TYR A 1 24  ? 10.032  4.235   1.276   1.00 26.67 ? 25   TYR A C   1 
ATOM   179  O O   . TYR A 1 24  ? 9.569   3.186   0.842   1.00 25.84 ? 25   TYR A O   1 
ATOM   180  C CB  . TYR A 1 24  ? 8.095   5.770   1.772   1.00 27.59 ? 25   TYR A CB  1 
ATOM   181  C CG  . TYR A 1 24  ? 8.251   5.896   3.268   1.00 27.51 ? 25   TYR A CG  1 
ATOM   182  C CD1 . TYR A 1 24  ? 8.461   4.770   4.072   1.00 26.85 ? 25   TYR A CD1 1 
ATOM   183  C CD2 . TYR A 1 24  ? 8.133   7.133   3.882   1.00 26.96 ? 25   TYR A CD2 1 
ATOM   184  C CE1 . TYR A 1 24  ? 8.566   4.891   5.460   1.00 27.44 ? 25   TYR A CE1 1 
ATOM   185  C CE2 . TYR A 1 24  ? 8.241   7.272   5.268   1.00 28.13 ? 25   TYR A CE2 1 
ATOM   186  C CZ  . TYR A 1 24  ? 8.447   6.146   6.040   1.00 26.49 ? 25   TYR A CZ  1 
ATOM   187  O OH  . TYR A 1 24  ? 8.571   6.249   7.373   1.00 26.51 ? 25   TYR A OH  1 
ATOM   188  N N   . GLY A 1 25  ? 11.115  4.279   2.033   1.00 26.00 ? 26   GLY A N   1 
ATOM   189  C CA  . GLY A 1 25  ? 11.829  3.077   2.373   1.00 26.75 ? 26   GLY A CA  1 
ATOM   190  C C   . GLY A 1 25  ? 12.242  2.187   1.215   1.00 27.66 ? 26   GLY A C   1 
ATOM   191  O O   . GLY A 1 25  ? 12.695  2.631   0.161   1.00 27.76 ? 26   GLY A O   1 
ATOM   192  N N   . CYS A 1 26  ? 12.070  0.906   1.429   1.00 27.90 ? 27   CYS A N   1 
ATOM   193  C CA  . CYS A 1 26  ? 12.461  -0.086  0.457   1.00 28.17 ? 27   CYS A CA  1 
ATOM   194  C C   . CYS A 1 26  ? 11.315  -0.675  -0.361  1.00 28.42 ? 27   CYS A C   1 
ATOM   195  O O   . CYS A 1 26  ? 11.546  -1.199  -1.451  1.00 28.40 ? 27   CYS A O   1 
ATOM   196  C CB  . CYS A 1 26  ? 13.240  -1.195  1.153   1.00 28.03 ? 27   CYS A CB  1 
ATOM   197  S SG  . CYS A 1 26  ? 14.845  -0.687  1.850   1.00 29.92 ? 27   CYS A SG  1 
ATOM   198  N N   . TYR A 1 27  ? 10.097  -0.594  0.144   1.00 28.64 ? 28   TYR A N   1 
ATOM   199  C CA  . TYR A 1 27  ? 8.925   -1.202  -0.486  1.00 28.77 ? 28   TYR A CA  1 
ATOM   200  C C   . TYR A 1 27  ? 7.750   -0.284  -0.813  1.00 29.74 ? 28   TYR A C   1 
ATOM   201  O O   . TYR A 1 27  ? 6.773   -0.726  -1.422  1.00 30.42 ? 28   TYR A O   1 
ATOM   202  C CB  . TYR A 1 27  ? 8.411   -2.340  0.388   1.00 27.91 ? 28   TYR A CB  1 
ATOM   203  C CG  . TYR A 1 27  ? 9.355   -3.510  0.400   1.00 28.19 ? 28   TYR A CG  1 
ATOM   204  C CD1 . TYR A 1 27  ? 10.350  -3.611  1.358   1.00 25.06 ? 28   TYR A CD1 1 
ATOM   205  C CD2 . TYR A 1 27  ? 9.245   -4.519  -0.554  1.00 26.72 ? 28   TYR A CD2 1 
ATOM   206  C CE1 . TYR A 1 27  ? 11.229  -4.663  1.374   1.00 27.44 ? 28   TYR A CE1 1 
ATOM   207  C CE2 . TYR A 1 27  ? 10.137  -5.551  -0.554  1.00 28.48 ? 28   TYR A CE2 1 
ATOM   208  C CZ  . TYR A 1 27  ? 11.135  -5.622  0.401   1.00 28.61 ? 28   TYR A CZ  1 
ATOM   209  O OH  . TYR A 1 27  ? 12.051  -6.654  0.386   1.00 28.10 ? 28   TYR A OH  1 
ATOM   210  N N   . CYS A 1 28  ? 7.818   0.948   -0.384  1.00 31.04 ? 29   CYS A N   1 
ATOM   211  C CA  . CYS A 1 28  ? 6.763   1.835   -0.707  1.00 32.67 ? 29   CYS A CA  1 
ATOM   212  C C   . CYS A 1 28  ? 7.088   2.495   -2.048  1.00 35.92 ? 29   CYS A C   1 
ATOM   213  O O   . CYS A 1 28  ? 8.117   3.171   -2.181  1.00 36.15 ? 29   CYS A O   1 
ATOM   214  C CB  . CYS A 1 28  ? 6.592   2.943   0.350   1.00 32.31 ? 29   CYS A CB  1 
ATOM   215  S SG  . CYS A 1 28  ? 6.179   2.349   2.024   1.00 26.55 ? 29   CYS A SG  1 
ATOM   216  N N   . GLY A 1 29  ? 6.230   2.304   -3.029  1.00 38.01 ? 30   GLY A N   1 
ATOM   217  C CA  . GLY A 1 29  ? 6.411   3.027   -4.265  1.00 42.57 ? 30   GLY A CA  1 
ATOM   218  C C   . GLY A 1 29  ? 6.817   2.145   -5.401  1.00 45.02 ? 30   GLY A C   1 
ATOM   219  O O   . GLY A 1 29  ? 5.997   1.756   -6.230  1.00 45.90 ? 30   GLY A O   1 
ATOM   220  N N   . TRP A 1 30  ? 8.093   1.802   -5.366  1.00 47.31 ? 31   TRP A N   1 
ATOM   221  C CA  . TRP A 1 30  ? 8.816   1.058   -6.364  1.00 49.60 ? 31   TRP A CA  1 
ATOM   222  C C   . TRP A 1 30  ? 9.735   0.244   -5.458  1.00 50.00 ? 31   TRP A C   1 
ATOM   223  O O   . TRP A 1 30  ? 10.708  0.778   -4.924  1.00 50.47 ? 31   TRP A O   1 
ATOM   224  C CB  . TRP A 1 30  ? 9.637   2.105   -7.093  1.00 50.65 ? 31   TRP A CB  1 
ATOM   225  C CG  . TRP A 1 30  ? 10.229  1.780   -8.404  1.00 54.45 ? 31   TRP A CG  1 
ATOM   226  C CD1 . TRP A 1 30  ? 10.175  2.560   -9.527  1.00 57.68 ? 31   TRP A CD1 1 
ATOM   227  C CD2 . TRP A 1 30  ? 11.041  0.649   -8.741  1.00 58.21 ? 31   TRP A CD2 1 
ATOM   228  N NE1 . TRP A 1 30  ? 10.875  1.966   -10.552 1.00 59.67 ? 31   TRP A NE1 1 
ATOM   229  C CE2 . TRP A 1 30  ? 11.409  0.788   -10.098 1.00 59.27 ? 31   TRP A CE2 1 
ATOM   230  C CE3 . TRP A 1 30  ? 11.463  -0.494  -8.046  1.00 60.24 ? 31   TRP A CE3 1 
ATOM   231  C CZ2 . TRP A 1 30  ? 12.194  -0.152  -10.758 1.00 60.30 ? 31   TRP A CZ2 1 
ATOM   232  C CZ3 . TRP A 1 30  ? 12.232  -1.429  -8.707  1.00 60.80 ? 31   TRP A CZ3 1 
ATOM   233  C CH2 . TRP A 1 30  ? 12.591  -1.252  -10.048 1.00 61.33 ? 31   TRP A CH2 1 
ATOM   234  N N   . GLY A 1 31  ? 9.426   -1.024  -5.232  1.00 50.21 ? 32   GLY A N   1 
ATOM   235  C CA  . GLY A 1 31  ? 10.217  -1.777  -4.275  1.00 49.70 ? 32   GLY A CA  1 
ATOM   236  C C   . GLY A 1 31  ? 10.394  -3.235  -4.608  1.00 49.29 ? 32   GLY A C   1 
ATOM   237  O O   . GLY A 1 31  ? 9.447   -3.920  -4.983  1.00 49.67 ? 32   GLY A O   1 
ATOM   238  N N   . GLY A 1 32  ? 11.614  -3.726  -4.445  1.00 48.70 ? 33   GLY A N   1 
ATOM   239  C CA  . GLY A 1 32  ? 11.831  -5.115  -4.769  1.00 47.41 ? 33   GLY A CA  1 
ATOM   240  C C   . GLY A 1 32  ? 12.529  -5.931  -3.692  1.00 46.75 ? 33   GLY A C   1 
ATOM   241  O O   . GLY A 1 32  ? 12.348  -7.159  -3.651  1.00 47.02 ? 33   GLY A O   1 
ATOM   242  N N   . LYS A 1 33  ? 13.306  -5.309  -2.812  1.00 45.49 ? 34   LYS A N   1 
ATOM   243  C CA  . LYS A 1 33  ? 14.063  -6.107  -1.856  1.00 44.21 ? 34   LYS A CA  1 
ATOM   244  C C   . LYS A 1 33  ? 14.568  -5.344  -0.624  1.00 42.82 ? 34   LYS A C   1 
ATOM   245  O O   . LYS A 1 33  ? 14.394  -4.135  -0.479  1.00 41.92 ? 34   LYS A O   1 
ATOM   246  C CB  . LYS A 1 33  ? 15.286  -6.689  -2.560  1.00 44.86 ? 34   LYS A CB  1 
ATOM   247  C CG  . LYS A 1 33  ? 16.251  -5.610  -3.026  1.00 46.23 ? 34   LYS A CG  1 
ATOM   248  C CD  . LYS A 1 33  ? 17.439  -6.188  -3.790  1.00 49.87 ? 34   LYS A CD  1 
ATOM   249  C CE  . LYS A 1 33  ? 18.416  -5.086  -4.170  1.00 52.27 ? 34   LYS A CE  1 
ATOM   250  N NZ  . LYS A 1 33  ? 19.602  -5.612  -4.893  1.00 54.49 ? 34   LYS A NZ  1 
ATOM   251  N N   . GLY A 1 34  ? 15.235  -6.110  0.221   1.00 41.58 ? 35   GLY A N   1 
ATOM   252  C CA  . GLY A 1 34  ? 15.818  -5.626  1.461   1.00 39.94 ? 35   GLY A CA  1 
ATOM   253  C C   . GLY A 1 34  ? 14.858  -5.866  2.607   1.00 38.85 ? 35   GLY A C   1 
ATOM   254  O O   . GLY A 1 34  ? 13.799  -6.485  2.443   1.00 38.32 ? 35   GLY A O   1 
ATOM   255  N N   . THR A 1 35  ? 15.246  -5.367  3.770   1.00 38.25 ? 36   THR A N   1 
ATOM   256  C CA  . THR A 1 35  ? 14.441  -5.425  4.969   1.00 37.41 ? 36   THR A CA  1 
ATOM   257  C C   . THR A 1 35  ? 13.659  -4.117  5.023   1.00 36.18 ? 36   THR A C   1 
ATOM   258  O O   . THR A 1 35  ? 14.232  -3.067  4.780   1.00 35.95 ? 36   THR A O   1 
ATOM   259  C CB  . THR A 1 35  ? 15.362  -5.499  6.187   1.00 37.79 ? 36   THR A CB  1 
ATOM   260  O OG1 . THR A 1 35  ? 16.190  -6.660  6.084   1.00 39.42 ? 36   THR A OG1 1 
ATOM   261  C CG2 . THR A 1 35  ? 14.545  -5.722  7.485   1.00 38.80 ? 36   THR A CG2 1 
ATOM   262  N N   . PRO A 1 36  ? 12.359  -4.182  5.315   1.00 34.83 ? 37   PRO A N   1 
ATOM   263  C CA  . PRO A 1 36  ? 11.537  -2.978  5.482   1.00 33.54 ? 37   PRO A CA  1 
ATOM   264  C C   . PRO A 1 36  ? 12.110  -2.125  6.593   1.00 32.41 ? 37   PRO A C   1 
ATOM   265  O O   . PRO A 1 36  ? 12.415  -2.656  7.656   1.00 31.96 ? 37   PRO A O   1 
ATOM   266  C CB  . PRO A 1 36  ? 10.160  -3.543  5.894   1.00 34.04 ? 37   PRO A CB  1 
ATOM   267  C CG  . PRO A 1 36  ? 10.133  -4.923  5.310   1.00 33.40 ? 37   PRO A CG  1 
ATOM   268  C CD  . PRO A 1 36  ? 11.563  -5.417  5.452   1.00 35.13 ? 37   PRO A CD  1 
ATOM   269  N N   . LYS A 1 37  ? 12.234  -0.820  6.351   1.00 31.08 ? 38   LYS A N   1 
ATOM   270  C CA  . LYS A 1 37  ? 12.865  0.116   7.287   1.00 29.76 ? 38   LYS A CA  1 
ATOM   271  C C   . LYS A 1 37  ? 12.086  0.433   8.579   1.00 28.81 ? 38   LYS A C   1 
ATOM   272  O O   . LYS A 1 37  ? 12.678  0.654   9.628   1.00 27.68 ? 38   LYS A O   1 
ATOM   273  C CB  . LYS A 1 37  ? 13.211  1.416   6.549   1.00 30.12 ? 38   LYS A CB  1 
ATOM   274  C CG  . LYS A 1 37  ? 14.284  1.261   5.456   1.00 31.65 ? 38   LYS A CG  1 
ATOM   275  C CD  . LYS A 1 37  ? 15.553  0.629   6.036   1.00 35.74 ? 38   LYS A CD  1 
ATOM   276  C CE  . LYS A 1 37  ? 16.521  0.170   4.950   1.00 38.90 ? 38   LYS A CE  1 
ATOM   277  N NZ  . LYS A 1 37  ? 17.772  -0.380  5.534   1.00 41.51 ? 38   LYS A NZ  1 
ATOM   278  N N   . ASP A 1 38  ? 10.772  0.446   8.505   1.00 27.03 ? 39   ASP A N   1 
ATOM   279  C CA  . ASP A 1 38  ? 9.964   0.720   9.666   1.00 25.41 ? 39   ASP A CA  1 
ATOM   280  C C   . ASP A 1 38  ? 8.534   0.256   9.424   1.00 24.23 ? 39   ASP A C   1 
ATOM   281  O O   . ASP A 1 38  ? 8.221   -0.231  8.337   1.00 23.33 ? 39   ASP A O   1 
ATOM   282  C CB  . ASP A 1 38  ? 9.935   2.210   9.954   1.00 25.08 ? 39   ASP A CB  1 
ATOM   283  C CG  . ASP A 1 38  ? 9.210   3.017   8.870   1.00 26.38 ? 39   ASP A CG  1 
ATOM   284  O OD1 . ASP A 1 38  ? 8.899   2.443   7.794   1.00 26.24 ? 39   ASP A OD1 1 
ATOM   285  O OD2 . ASP A 1 38  ? 8.962   4.225   9.092   1.00 28.03 ? 39   ASP A OD2 1 
ATOM   286  N N   . ALA A 1 39  ? 7.674   0.426   10.396  1.00 22.17 ? 40   ALA A N   1 
ATOM   287  C CA  . ALA A 1 39  ? 6.267   -0.033  10.301  1.00 22.02 ? 40   ALA A CA  1 
ATOM   288  C C   . ALA A 1 39  ? 5.543   0.320   8.982   1.00 21.16 ? 40   ALA A C   1 
ATOM   289  O O   . ALA A 1 39  ? 4.932   -0.555  8.341   1.00 20.48 ? 40   ALA A O   1 
ATOM   290  C CB  . ALA A 1 39  ? 5.489   0.521   11.482  1.00 21.67 ? 40   ALA A CB  1 
ATOM   291  N N   . THR A 1 40  ? 5.609   1.585   8.591   1.00 20.84 ? 41   THR A N   1 
ATOM   292  C CA  . THR A 1 40  ? 4.965   2.059   7.360   1.00 20.33 ? 41   THR A CA  1 
ATOM   293  C C   . THR A 1 40  ? 5.481   1.307   6.158   1.00 19.64 ? 41   THR A C   1 
ATOM   294  O O   . THR A 1 40  ? 4.723   0.966   5.289   1.00 19.88 ? 41   THR A O   1 
ATOM   295  C CB  . THR A 1 40  ? 5.241   3.562   7.145   1.00 20.26 ? 41   THR A CB  1 
ATOM   296  O OG1 . THR A 1 40  ? 4.480   4.314   8.106   1.00 22.33 ? 41   THR A OG1 1 
ATOM   297  C CG2 . THR A 1 40  ? 4.675   3.986   5.794   1.00 18.37 ? 41   THR A CG2 1 
ATOM   298  N N   . ASP A 1 41  ? 6.788   1.078   6.118   1.00 19.60 ? 42   ASP A N   1 
ATOM   299  C CA  . ASP A 1 41  ? 7.432   0.310   5.043   1.00 20.37 ? 42   ASP A CA  1 
ATOM   300  C C   . ASP A 1 41  ? 7.021   -1.169  5.163   1.00 20.22 ? 42   ASP A C   1 
ATOM   301  O O   . ASP A 1 41  ? 6.983   -1.889  4.179   1.00 19.43 ? 42   ASP A O   1 
ATOM   302  C CB  . ASP A 1 41  ? 8.961   0.411   5.187   1.00 19.45 ? 42   ASP A CB  1 
ATOM   303  C CG  . ASP A 1 41  ? 9.720   0.116   3.891   1.00 20.97 ? 42   ASP A CG  1 
ATOM   304  O OD1 . ASP A 1 41  ? 9.129   0.080   2.767   1.00 20.18 ? 42   ASP A OD1 1 
ATOM   305  O OD2 . ASP A 1 41  ? 10.956  -0.070  3.903   1.00 21.61 ? 42   ASP A OD2 1 
ATOM   306  N N   . ARG A 1 42  ? 6.685   -1.621  6.361   1.00 19.94 ? 43   ARG A N   1 
ATOM   307  C CA  . ARG A 1 42  ? 6.253   -3.014  6.457   1.00 20.61 ? 43   ARG A CA  1 
ATOM   308  C C   . ARG A 1 42  ? 4.855   -3.078  5.873   1.00 19.44 ? 43   ARG A C   1 
ATOM   309  O O   . ARG A 1 42  ? 4.484   -4.082  5.292   1.00 19.41 ? 43   ARG A O   1 
ATOM   310  C CB  . ARG A 1 42  ? 6.253   -3.568  7.890   1.00 20.49 ? 43   ARG A CB  1 
ATOM   311  C CG  . ARG A 1 42  ? 7.630   -3.835  8.431   1.00 26.96 ? 43   ARG A CG  1 
ATOM   312  C CD  . ARG A 1 42  ? 7.653   -4.659  9.740   1.00 33.31 ? 43   ARG A CD  1 
ATOM   313  N NE  . ARG A 1 42  ? 7.211   -3.883  10.898  1.00 38.21 ? 43   ARG A NE  1 
ATOM   314  C CZ  . ARG A 1 42  ? 7.973   -3.022  11.573  1.00 41.39 ? 43   ARG A CZ  1 
ATOM   315  N NH1 . ARG A 1 42  ? 9.235   -2.790  11.212  1.00 41.69 ? 43   ARG A NH1 1 
ATOM   316  N NH2 . ARG A 1 42  ? 7.470   -2.386  12.620  1.00 42.28 ? 43   ARG A NH2 1 
ATOM   317  N N   . CYS A 1 43  ? 4.083   -2.012  6.027   1.00 18.91 ? 44   CYS A N   1 
ATOM   318  C CA  . CYS A 1 43  ? 2.764   -1.988  5.402   1.00 19.71 ? 44   CYS A CA  1 
ATOM   319  C C   . CYS A 1 43  ? 2.885   -2.169  3.896   1.00 19.45 ? 44   CYS A C   1 
ATOM   320  O O   . CYS A 1 43  ? 2.085   -2.862  3.316   1.00 20.23 ? 44   CYS A O   1 
ATOM   321  C CB  . CYS A 1 43  ? 2.004   -0.683  5.652   1.00 19.15 ? 44   CYS A CB  1 
ATOM   322  S SG  . CYS A 1 43  ? 1.669   -0.201  7.351   1.00 21.60 ? 44   CYS A SG  1 
ATOM   323  N N   . CYS A 1 44  ? 3.829   -1.469  3.266   1.00 19.51 ? 45   CYS A N   1 
ATOM   324  C CA  . CYS A 1 44  ? 4.047   -1.555  1.837   1.00 19.38 ? 45   CYS A CA  1 
ATOM   325  C C   . CYS A 1 44  ? 4.533   -2.944  1.465   1.00 19.56 ? 45   CYS A C   1 
ATOM   326  O O   . CYS A 1 44  ? 4.145   -3.497  0.440   1.00 19.41 ? 45   CYS A O   1 
ATOM   327  C CB  . CYS A 1 44  ? 5.064   -0.513  1.396   1.00 18.45 ? 45   CYS A CB  1 
ATOM   328  S SG  . CYS A 1 44  ? 4.401   1.153   1.528   1.00 20.12 ? 45   CYS A SG  1 
ATOM   329  N N   . PHE A 1 45  ? 5.376   -3.522  2.315   1.00 19.59 ? 46   PHE A N   1 
ATOM   330  C CA  . PHE A 1 45  ? 5.847   -4.871  2.050   1.00 20.63 ? 46   PHE A CA  1 
ATOM   331  C C   . PHE A 1 45  ? 4.660   -5.828  2.021   1.00 19.08 ? 46   PHE A C   1 
ATOM   332  O O   . PHE A 1 45  ? 4.539   -6.630  1.106   1.00 19.02 ? 46   PHE A O   1 
ATOM   333  C CB  . PHE A 1 45  ? 6.814   -5.328  3.156   1.00 21.91 ? 46   PHE A CB  1 
ATOM   334  C CG  . PHE A 1 45  ? 7.313   -6.741  2.982   1.00 23.68 ? 46   PHE A CG  1 
ATOM   335  C CD1 . PHE A 1 45  ? 8.293   -7.021  2.043   1.00 25.57 ? 46   PHE A CD1 1 
ATOM   336  C CD2 . PHE A 1 45  ? 6.825   -7.784  3.771   1.00 25.41 ? 46   PHE A CD2 1 
ATOM   337  C CE1 . PHE A 1 45  ? 8.757   -8.317  1.857   1.00 27.27 ? 46   PHE A CE1 1 
ATOM   338  C CE2 . PHE A 1 45  ? 7.307   -9.100  3.601   1.00 27.14 ? 46   PHE A CE2 1 
ATOM   339  C CZ  . PHE A 1 45  ? 8.281   -9.361  2.649   1.00 28.26 ? 46   PHE A CZ  1 
ATOM   340  N N   . VAL A 1 46  ? 3.809   -5.758  3.049   1.00 18.69 ? 47   VAL A N   1 
ATOM   341  C CA  . VAL A 1 46  ? 2.663   -6.645  3.126   1.00 18.59 ? 47   VAL A CA  1 
ATOM   342  C C   . VAL A 1 46  ? 1.718   -6.373  1.948   1.00 18.72 ? 47   VAL A C   1 
ATOM   343  O O   . VAL A 1 46  ? 1.171   -7.282  1.315   1.00 18.48 ? 47   VAL A O   1 
ATOM   344  C CB  . VAL A 1 46  ? 1.920   -6.527  4.490   1.00 18.89 ? 47   VAL A CB  1 
ATOM   345  C CG1 . VAL A 1 46  ? 0.616   -7.336  4.461   1.00 17.95 ? 47   VAL A CG1 1 
ATOM   346  C CG2 . VAL A 1 46  ? 2.824   -7.012  5.605   1.00 16.46 ? 47   VAL A CG2 1 
ATOM   347  N N   . HIS A 1 47  ? 1.580   -5.101  1.619   1.00 19.46 ? 48   HIS A N   1 
ATOM   348  C CA  . HIS A 1 47  ? 0.751   -4.750  0.463   1.00 19.62 ? 48   HIS A CA  1 
ATOM   349  C C   . HIS A 1 47  ? 1.248   -5.426  -0.838  1.00 20.12 ? 48   HIS A C   1 
ATOM   350  O O   . HIS A 1 47  ? 0.441   -5.930  -1.647  1.00 19.41 ? 48   HIS A O   1 
ATOM   351  C CB  . HIS A 1 47  ? 0.756   -3.238  0.276   1.00 19.43 ? 48   HIS A CB  1 
ATOM   352  C CG  . HIS A 1 47  ? -0.266  -2.777  -0.709  1.00 20.78 ? 48   HIS A CG  1 
ATOM   353  N ND1 . HIS A 1 47  ? 0.052   -2.252  -1.943  1.00 21.68 ? 48   HIS A ND1 1 
ATOM   354  C CD2 . HIS A 1 47  ? -1.616  -2.821  -0.653  1.00 20.02 ? 48   HIS A CD2 1 
ATOM   355  C CE1 . HIS A 1 47  ? -1.064  -1.951  -2.589  1.00 21.44 ? 48   HIS A CE1 1 
ATOM   356  N NE2 . HIS A 1 47  ? -2.088  -2.288  -1.827  1.00 22.06 ? 48   HIS A NE2 1 
ATOM   357  N N   . ASP A 1 48  ? 2.571   -5.410  -1.044  1.00 20.80 ? 49   ASP A N   1 
ATOM   358  C CA  . ASP A 1 48  ? 3.150   -6.046  -2.218  1.00 21.81 ? 49   ASP A CA  1 
ATOM   359  C C   . ASP A 1 48  ? 2.951   -7.571  -2.196  1.00 21.78 ? 49   ASP A C   1 
ATOM   360  O O   . ASP A 1 48  ? 2.700   -8.168  -3.212  1.00 21.74 ? 49   ASP A O   1 
ATOM   361  C CB  . ASP A 1 48  ? 4.632   -5.762  -2.325  1.00 22.40 ? 49   ASP A CB  1 
ATOM   362  C CG  . ASP A 1 48  ? 4.944   -4.307  -2.705  1.00 24.86 ? 49   ASP A CG  1 
ATOM   363  O OD1 . ASP A 1 48  ? 4.031   -3.483  -2.877  1.00 25.25 ? 49   ASP A OD1 1 
ATOM   364  O OD2 . ASP A 1 48  ? 6.115   -3.911  -2.789  1.00 28.64 ? 49   ASP A OD2 1 
ATOM   365  N N   . CYS A 1 49  ? 3.081   -8.186  -1.021  1.00 22.28 ? 50   CYS A N   1 
ATOM   366  C CA  . CYS A 1 49  ? 2.872   -9.623  -0.876  1.00 21.41 ? 50   CYS A CA  1 
ATOM   367  C C   . CYS A 1 49  ? 1.406   -9.925  -1.185  1.00 20.69 ? 50   CYS A C   1 
ATOM   368  O O   . CYS A 1 49  ? 1.085   -10.907 -1.842  1.00 20.64 ? 50   CYS A O   1 
ATOM   369  C CB  . CYS A 1 49  ? 3.209   -10.061 0.538   1.00 22.16 ? 50   CYS A CB  1 
ATOM   370  S SG  . CYS A 1 49  ? 4.971   -9.925  0.970   1.00 23.93 ? 50   CYS A SG  1 
ATOM   371  N N   . CYS A 1 50  ? 0.515   -9.051  -0.740  1.00 19.47 ? 51   CYS A N   1 
ATOM   372  C CA  . CYS A 1 50  ? -0.894  -9.270  -0.976  1.00 19.25 ? 51   CYS A CA  1 
ATOM   373  C C   . CYS A 1 50  ? -1.178  -9.293  -2.500  1.00 19.83 ? 51   CYS A C   1 
ATOM   374  O O   . CYS A 1 50  ? -1.822  -10.198 -2.960  1.00 19.81 ? 51   CYS A O   1 
ATOM   375  C CB  . CYS A 1 50  ? -1.699  -8.242  -0.237  1.00 18.50 ? 51   CYS A CB  1 
ATOM   376  S SG  . CYS A 1 50  ? -3.470  -8.517  -0.054  1.00 17.41 ? 51   CYS A SG  1 
ATOM   377  N N   . TYR A 1 51  ? -0.671  -8.325  -3.262  1.00 20.32 ? 52   TYR A N   1 
ATOM   378  C CA  . TYR A 1 51  ? -0.830  -8.316  -4.728  1.00 21.76 ? 52   TYR A CA  1 
ATOM   379  C C   . TYR A 1 51  ? -0.186  -9.592  -5.322  1.00 22.61 ? 52   TYR A C   1 
ATOM   380  O O   . TYR A 1 51  ? -0.679  -10.172 -6.286  1.00 22.98 ? 52   TYR A O   1 
ATOM   381  C CB  . TYR A 1 51  ? -0.112  -7.096  -5.346  1.00 21.11 ? 52   TYR A CB  1 
ATOM   382  C CG  . TYR A 1 51  ? -0.855  -5.776  -5.312  1.00 22.58 ? 52   TYR A CG  1 
ATOM   383  C CD1 . TYR A 1 51  ? -2.110  -5.669  -4.725  1.00 22.63 ? 52   TYR A CD1 1 
ATOM   384  C CD2 . TYR A 1 51  ? -0.300  -4.631  -5.888  1.00 23.58 ? 52   TYR A CD2 1 
ATOM   385  C CE1 . TYR A 1 51  ? -2.788  -4.465  -4.694  1.00 21.38 ? 52   TYR A CE1 1 
ATOM   386  C CE2 . TYR A 1 51  ? -0.974  -3.411  -5.858  1.00 23.69 ? 52   TYR A CE2 1 
ATOM   387  C CZ  . TYR A 1 51  ? -2.216  -3.338  -5.256  1.00 21.56 ? 52   TYR A CZ  1 
ATOM   388  O OH  . TYR A 1 51  ? -2.909  -2.146  -5.242  1.00 20.52 ? 52   TYR A OH  1 
ATOM   389  N N   . GLY A 1 52  ? 0.933   -9.998  -4.738  1.00 22.73 ? 53   GLY A N   1 
ATOM   390  C CA  . GLY A 1 52  ? 1.675   -11.157 -5.196  1.00 24.00 ? 53   GLY A CA  1 
ATOM   391  C C   . GLY A 1 52  ? 0.907   -12.455 -5.099  1.00 24.27 ? 53   GLY A C   1 
ATOM   392  O O   . GLY A 1 52  ? 1.215   -13.394 -5.800  1.00 24.24 ? 53   GLY A O   1 
ATOM   393  N N   . ASN A 1 53  ? -0.096  -12.500 -4.232  1.00 25.12 ? 54   ASN A N   1 
ATOM   394  C CA  . ASN A 1 53  ? -0.989  -13.644 -4.155  1.00 25.75 ? 54   ASN A CA  1 
ATOM   395  C C   . ASN A 1 53  ? -2.002  -13.650 -5.313  1.00 26.02 ? 54   ASN A C   1 
ATOM   396  O O   . ASN A 1 53  ? -2.814  -14.560 -5.408  1.00 26.31 ? 54   ASN A O   1 
ATOM   397  C CB  . ASN A 1 53  ? -1.786  -13.632 -2.853  1.00 25.84 ? 54   ASN A CB  1 
ATOM   398  C CG  . ASN A 1 53  ? -0.918  -13.856 -1.614  1.00 28.98 ? 54   ASN A CG  1 
ATOM   399  O OD1 . ASN A 1 53  ? 0.006   -14.647 -1.616  1.00 30.60 ? 54   ASN A OD1 1 
ATOM   400  N ND2 . ASN A 1 53  ? -1.236  -13.148 -0.548  1.00 32.46 ? 54   ASN A ND2 1 
ATOM   401  N N   . LEU A 1 54  ? -1.980  -12.635 -6.169  1.00 25.69 ? 55   LEU A N   1 
ATOM   402  C CA  . LEU A 1 54  ? -2.963  -12.546 -7.264  1.00 26.75 ? 55   LEU A CA  1 
ATOM   403  C C   . LEU A 1 54  ? -2.249  -12.450 -8.621  1.00 26.94 ? 55   LEU A C   1 
ATOM   404  O O   . LEU A 1 54  ? -2.342  -11.443 -9.293  1.00 27.03 ? 55   LEU A O   1 
ATOM   405  C CB  . LEU A 1 54  ? -3.889  -11.307 -7.071  1.00 26.21 ? 55   LEU A CB  1 
ATOM   406  C CG  . LEU A 1 54  ? -4.410  -11.025 -5.648  1.00 24.78 ? 55   LEU A CG  1 
ATOM   407  C CD1 . LEU A 1 54  ? -4.957  -9.596  -5.443  1.00 24.97 ? 55   LEU A CD1 1 
ATOM   408  C CD2 . LEU A 1 54  ? -5.438  -12.026 -5.235  1.00 23.01 ? 55   LEU A CD2 1 
ATOM   409  N N   . PRO A 1 55  ? -1.560  -13.506 -9.032  1.00 28.02 ? 56   PRO A N   1 
ATOM   410  C CA  . PRO A 1 55  ? -0.775  -13.476 -10.277 1.00 28.87 ? 56   PRO A CA  1 
ATOM   411  C C   . PRO A 1 55  ? -1.652  -13.132 -11.485 1.00 28.87 ? 56   PRO A C   1 
ATOM   412  O O   . PRO A 1 55  ? -1.160  -12.634 -12.504 1.00 30.04 ? 56   PRO A O   1 
ATOM   413  C CB  . PRO A 1 55  ? -0.248  -14.920 -10.423 1.00 28.73 ? 56   PRO A CB  1 
ATOM   414  C CG  . PRO A 1 55  ? -0.612  -15.642 -9.163  1.00 28.74 ? 56   PRO A CG  1 
ATOM   415  C CD  . PRO A 1 55  ? -1.535  -14.816 -8.367  1.00 28.56 ? 56   PRO A CD  1 
ATOM   416  N N   . ASP A 1 56  ? -2.963  -13.517 -11.537 1.00 28.84 ? 59   ASP A N   1 
ATOM   417  C CA  . ASP A 1 56  ? -3.787  -13.314 -12.788 1.00 29.51 ? 59   ASP A CA  1 
ATOM   418  C C   . ASP A 1 56  ? -4.787  -12.131 -12.711 1.00 29.39 ? 59   ASP A C   1 
ATOM   419  O O   . ASP A 1 56  ? -5.768  -12.070 -13.432 1.00 29.62 ? 59   ASP A O   1 
ATOM   420  C CB  . ASP A 1 56  ? -4.476  -14.646 -13.187 1.00 29.96 ? 59   ASP A CB  1 
ATOM   421  C CG  . ASP A 1 56  ? -3.481  -15.653 -13.754 1.00 31.55 ? 59   ASP A CG  1 
ATOM   422  O OD1 . ASP A 1 56  ? -3.885  -16.818 -14.018 1.00 35.14 ? 59   ASP A OD1 1 
ATOM   423  O OD2 . ASP A 1 56  ? -2.295  -15.276 -13.919 1.00 31.50 ? 59   ASP A OD2 1 
ATOM   424  N N   . CYS A 1 57  ? -4.456  -11.195 -11.810 1.00 21.01 ? 61   CYS A N   1 
ATOM   425  C CA  . CYS A 1 57  ? -5.197  -9.970  -11.541 1.00 19.97 ? 61   CYS A CA  1 
ATOM   426  C C   . CYS A 1 57  ? -4.282  -8.804  -11.943 1.00 20.06 ? 61   CYS A C   1 
ATOM   427  O O   . CYS A 1 57  ? -3.068  -8.978  -12.040 1.00 21.23 ? 61   CYS A O   1 
ATOM   428  C CB  . CYS A 1 57  ? -5.585  -9.857  -10.071 1.00 19.38 ? 61   CYS A CB  1 
ATOM   429  S SG  . CYS A 1 57  ? -6.488  -11.309 -9.431  1.00 17.67 ? 61   CYS A SG  1 
ATOM   430  N N   . ASN A 1 58  ? -4.853  -7.634  -12.179 1.00 21.66 ? 67   ASN A N   1 
ATOM   431  C CA  . ASN A 1 58  ? -4.101  -6.435  -12.576 1.00 23.12 ? 67   ASN A CA  1 
ATOM   432  C C   . ASN A 1 58  ? -4.466  -5.275  -11.653 1.00 23.75 ? 67   ASN A C   1 
ATOM   433  O O   . ASN A 1 58  ? -5.265  -4.392  -12.004 1.00 22.97 ? 67   ASN A O   1 
ATOM   434  C CB  . ASN A 1 58  ? -4.385  -6.100  -14.060 1.00 22.86 ? 67   ASN A CB  1 
ATOM   435  C CG  . ASN A 1 58  ? -3.855  -7.117  -15.080 1.00 25.43 ? 67   ASN A CG  1 
ATOM   436  O OD1 . ASN A 1 58  ? -2.723  -7.006  -15.547 1.00 27.86 ? 67   ASN A OD1 1 
ATOM   437  N ND2 . ASN A 1 58  ? -4.694  -8.099  -15.410 1.00 25.40 ? 67   ASN A ND2 1 
ATOM   438  N N   . PRO A 1 59  ? -3.871  -5.323  -10.457 1.00 25.06 ? 68   PRO A N   1 
ATOM   439  C CA  . PRO A 1 59  ? -4.051  -4.304  -9.417  1.00 25.35 ? 68   PRO A CA  1 
ATOM   440  C C   . PRO A 1 59  ? -3.894  -2.848  -9.789  1.00 25.85 ? 68   PRO A C   1 
ATOM   441  O O   . PRO A 1 59  ? -4.719  -2.058  -9.342  1.00 25.43 ? 68   PRO A O   1 
ATOM   442  C CB  . PRO A 1 59  ? -3.024  -4.702  -8.359  1.00 25.26 ? 68   PRO A CB  1 
ATOM   443  C CG  . PRO A 1 59  ? -2.906  -6.125  -8.484  1.00 26.34 ? 68   PRO A CG  1 
ATOM   444  C CD  . PRO A 1 59  ? -3.218  -6.528  -9.912  1.00 25.23 ? 68   PRO A CD  1 
ATOM   445  N N   . LYS A 1 60  ? -2.874  -2.499  -10.557 1.00 25.69 ? 69   LYS A N   1 
ATOM   446  C CA  . LYS A 1 60  ? -2.674  -1.095  -10.929 1.00 26.73 ? 69   LYS A CA  1 
ATOM   447  C C   . LYS A 1 60  ? -3.752  -0.527  -11.841 1.00 26.37 ? 69   LYS A C   1 
ATOM   448  O O   . LYS A 1 60  ? -4.051  0.671   -11.782 1.00 25.78 ? 69   LYS A O   1 
ATOM   449  C CB  . LYS A 1 60  ? -1.306  -0.893  -11.607 1.00 26.87 ? 69   LYS A CB  1 
ATOM   450  C CG  . LYS A 1 60  ? -0.144  -1.495  -10.852 1.00 28.85 ? 69   LYS A CG  1 
ATOM   451  C CD  . LYS A 1 60  ? 0.258   -0.703  -9.635  1.00 36.06 ? 69   LYS A CD  1 
ATOM   452  C CE  . LYS A 1 60  ? 1.592   -1.232  -9.047  1.00 39.26 ? 69   LYS A CE  1 
ATOM   453  N NZ  . LYS A 1 60  ? 1.605   -1.121  -7.571  1.00 40.85 ? 69   LYS A NZ  1 
ATOM   454  N N   . SER A 1 61  ? -4.360  -1.371  -12.670 1.00 25.34 ? 70   SER A N   1 
ATOM   455  C CA  . SER A 1 61  ? -5.300  -0.845  -13.648 1.00 24.81 ? 70   SER A CA  1 
ATOM   456  C C   . SER A 1 61  ? -6.744  -1.269  -13.501 1.00 24.42 ? 70   SER A C   1 
ATOM   457  O O   . SER A 1 61  ? -7.627  -0.641  -14.079 1.00 24.73 ? 70   SER A O   1 
ATOM   458  C CB  . SER A 1 61  ? -4.833  -1.204  -15.065 1.00 25.03 ? 70   SER A CB  1 
ATOM   459  O OG  . SER A 1 61  ? -4.909  -2.618  -15.275 1.00 26.06 ? 70   SER A OG  1 
ATOM   460  N N   . ASP A 1 62  ? -6.996  -2.351  -12.776 1.00 23.56 ? 71   ASP A N   1 
ATOM   461  C CA  . ASP A 1 62  ? -8.348  -2.840  -12.613 1.00 22.50 ? 71   ASP A CA  1 
ATOM   462  C C   . ASP A 1 62  ? -9.065  -1.973  -11.582 1.00 22.71 ? 71   ASP A C   1 
ATOM   463  O O   . ASP A 1 62  ? -8.563  -1.815  -10.476 1.00 22.32 ? 71   ASP A O   1 
ATOM   464  C CB  . ASP A 1 62  ? -8.294  -4.303  -12.150 1.00 22.30 ? 71   ASP A CB  1 
ATOM   465  C CG  . ASP A 1 62  ? -9.626  -5.019  -12.281 1.00 21.28 ? 71   ASP A CG  1 
ATOM   466  O OD1 . ASP A 1 62  ? -10.658 -4.347  -12.487 1.00 21.72 ? 71   ASP A OD1 1 
ATOM   467  O OD2 . ASP A 1 62  ? -9.743  -6.260  -12.167 1.00 18.03 ? 71   ASP A OD2 1 
ATOM   468  N N   . ARG A 1 63  ? -10.246 -1.436  -11.906 1.00 22.79 ? 72   ARG A N   1 
ATOM   469  C CA  . ARG A 1 63  ? -10.959 -0.601  -10.927 1.00 24.09 ? 72   ARG A CA  1 
ATOM   470  C C   . ARG A 1 63  ? -11.968 -1.381  -10.092 1.00 23.62 ? 72   ARG A C   1 
ATOM   471  O O   . ARG A 1 63  ? -12.649 -2.267  -10.596 1.00 22.98 ? 72   ARG A O   1 
ATOM   472  C CB  . ARG A 1 63  ? -11.642 0.613   -11.572 1.00 24.58 ? 72   ARG A CB  1 
ATOM   473  C CG  . ARG A 1 63  ? -10.833 1.198   -12.696 1.00 29.51 ? 72   ARG A CG  1 
ATOM   474  C CD  . ARG A 1 63  ? -10.619 2.691   -12.642 1.00 34.93 ? 72   ARG A CD  1 
ATOM   475  N NE  . ARG A 1 63  ? -11.842 3.456   -12.707 1.00 39.59 ? 72   ARG A NE  1 
ATOM   476  C CZ  . ARG A 1 63  ? -11.939 4.639   -13.303 1.00 42.80 ? 72   ARG A CZ  1 
ATOM   477  N NH1 . ARG A 1 63  ? -10.884 5.175   -13.912 1.00 43.09 ? 72   ARG A NH1 1 
ATOM   478  N NH2 . ARG A 1 63  ? -13.096 5.283   -13.293 1.00 43.15 ? 72   ARG A NH2 1 
ATOM   479  N N   . TYR A 1 64  ? -12.032 -1.057  -8.803  1.00 23.35 ? 73   TYR A N   1 
ATOM   480  C CA  . TYR A 1 64  ? -13.022 -1.653  -7.911  1.00 23.05 ? 73   TYR A CA  1 
ATOM   481  C C   . TYR A 1 64  ? -13.872 -0.538  -7.289  1.00 23.60 ? 73   TYR A C   1 
ATOM   482  O O   . TYR A 1 64  ? -13.583 0.666   -7.442  1.00 22.23 ? 73   TYR A O   1 
ATOM   483  C CB  . TYR A 1 64  ? -12.355 -2.511  -6.840  1.00 23.75 ? 73   TYR A CB  1 
ATOM   484  C CG  . TYR A 1 64  ? -11.335 -1.766  -6.006  1.00 22.90 ? 73   TYR A CG  1 
ATOM   485  C CD1 . TYR A 1 64  ? -11.720 -0.846  -5.059  1.00 21.45 ? 73   TYR A CD1 1 
ATOM   486  C CD2 . TYR A 1 64  ? -9.975  -1.969  -6.197  1.00 23.82 ? 73   TYR A CD2 1 
ATOM   487  C CE1 . TYR A 1 64  ? -10.758 -0.161  -4.283  1.00 21.25 ? 73   TYR A CE1 1 
ATOM   488  C CE2 . TYR A 1 64  ? -9.026  -1.293  -5.451  1.00 22.10 ? 73   TYR A CE2 1 
ATOM   489  C CZ  . TYR A 1 64  ? -9.412  -0.408  -4.493  1.00 23.23 ? 73   TYR A CZ  1 
ATOM   490  O OH  . TYR A 1 64  ? -8.411  0.224   -3.834  1.00 22.78 ? 73   TYR A OH  1 
ATOM   491  N N   . LYS A 1 65  ? -14.939 -0.936  -6.620  1.00 23.97 ? 74   LYS A N   1 
ATOM   492  C CA  . LYS A 1 65  ? -15.767 0.030   -5.979  1.00 25.45 ? 74   LYS A CA  1 
ATOM   493  C C   . LYS A 1 65  ? -15.715 -0.206  -4.498  1.00 25.37 ? 74   LYS A C   1 
ATOM   494  O O   . LYS A 1 65  ? -15.598 -1.338  -4.044  1.00 25.23 ? 74   LYS A O   1 
ATOM   495  C CB  . LYS A 1 65  ? -17.196 -0.091  -6.505  1.00 26.31 ? 74   LYS A CB  1 
ATOM   496  C CG  . LYS A 1 65  ? -17.230 0.162   -7.996  1.00 28.00 ? 74   LYS A CG  1 
ATOM   497  C CD  . LYS A 1 65  ? -17.145 1.666   -8.297  1.00 33.49 ? 74   LYS A CD  1 
ATOM   498  C CE  . LYS A 1 65  ? -17.346 1.901   -9.784  1.00 37.43 ? 74   LYS A CE  1 
ATOM   499  N NZ  . LYS A 1 65  ? -17.409 3.367   -10.129 1.00 39.65 ? 74   LYS A NZ  1 
ATOM   500  N N   . TYR A 1 66  ? -15.788 0.875   -3.746  1.00 25.67 ? 75   TYR A N   1 
ATOM   501  C CA  . TYR A 1 66  ? -15.841 0.762   -2.311  1.00 27.18 ? 75   TYR A CA  1 
ATOM   502  C C   . TYR A 1 66  ? -16.575 1.972   -1.760  1.00 28.25 ? 75   TYR A C   1 
ATOM   503  O O   . TYR A 1 66  ? -16.676 2.991   -2.427  1.00 27.34 ? 75   TYR A O   1 
ATOM   504  C CB  . TYR A 1 66  ? -14.436 0.650   -1.705  1.00 26.13 ? 75   TYR A CB  1 
ATOM   505  C CG  . TYR A 1 66  ? -13.707 1.959   -1.612  1.00 26.76 ? 75   TYR A CG  1 
ATOM   506  C CD1 . TYR A 1 66  ? -13.828 2.762   -0.484  1.00 24.91 ? 75   TYR A CD1 1 
ATOM   507  C CD2 . TYR A 1 66  ? -12.897 2.399   -2.645  1.00 23.56 ? 75   TYR A CD2 1 
ATOM   508  C CE1 . TYR A 1 66  ? -13.137 3.939   -0.383  1.00 24.67 ? 75   TYR A CE1 1 
ATOM   509  C CE2 . TYR A 1 66  ? -12.237 3.590   -2.559  1.00 25.41 ? 75   TYR A CE2 1 
ATOM   510  C CZ  . TYR A 1 66  ? -12.346 4.352   -1.414  1.00 23.59 ? 75   TYR A CZ  1 
ATOM   511  O OH  . TYR A 1 66  ? -11.675 5.553   -1.316  1.00 24.12 ? 75   TYR A OH  1 
ATOM   512  N N   . LYS A 1 67  ? -17.082 1.830   -0.541  1.00 29.41 ? 76   LYS A N   1 
ATOM   513  C CA  . LYS A 1 67  ? -17.832 2.882   0.118   1.00 31.72 ? 76   LYS A CA  1 
ATOM   514  C C   . LYS A 1 67  ? -17.357 2.996   1.556   1.00 32.61 ? 76   LYS A C   1 
ATOM   515  O O   . LYS A 1 67  ? -16.676 2.134   2.051   1.00 33.33 ? 76   LYS A O   1 
ATOM   516  C CB  . LYS A 1 67  ? -19.327 2.570   0.107   1.00 31.25 ? 76   LYS A CB  1 
ATOM   517  C CG  . LYS A 1 67  ? -19.666 1.131   0.571   1.00 32.16 ? 76   LYS A CG  1 
ATOM   518  C CD  . LYS A 1 67  ? -21.129 0.944   0.918   1.00 35.02 ? 76   LYS A CD  1 
ATOM   519  C CE  . LYS A 1 67  ? -21.470 -0.523  1.170   1.00 39.42 ? 76   LYS A CE  1 
ATOM   520  N NZ  . LYS A 1 67  ? -22.948 -0.769  1.274   1.00 40.70 ? 76   LYS A NZ  1 
ATOM   521  N N   . ARG A 1 68  ? -17.711 4.089   2.218   1.00 34.72 ? 77   ARG A N   1 
ATOM   522  C CA  . ARG A 1 68  ? -17.302 4.312   3.594   1.00 36.41 ? 77   ARG A CA  1 
ATOM   523  C C   . ARG A 1 68  ? -18.522 4.308   4.492   1.00 37.82 ? 77   ARG A C   1 
ATOM   524  O O   . ARG A 1 68  ? -19.371 5.190   4.404   1.00 38.23 ? 77   ARG A O   1 
ATOM   525  C CB  . ARG A 1 68  ? -16.515 5.615   3.726   1.00 36.19 ? 77   ARG A CB  1 
ATOM   526  C CG  . ARG A 1 68  ? -15.465 5.725   2.672   1.00 37.44 ? 77   ARG A CG  1 
ATOM   527  C CD  . ARG A 1 68  ? -14.190 6.389   3.070   1.00 37.18 ? 77   ARG A CD  1 
ATOM   528  N NE  . ARG A 1 68  ? -13.579 5.799   4.245   1.00 35.08 ? 77   ARG A NE  1 
ATOM   529  C CZ  . ARG A 1 68  ? -12.271 5.613   4.389   1.00 34.20 ? 77   ARG A CZ  1 
ATOM   530  N NH1 . ARG A 1 68  ? -11.449 5.966   3.423   1.00 33.34 ? 77   ARG A NH1 1 
ATOM   531  N NH2 . ARG A 1 68  ? -11.775 5.103   5.509   1.00 31.79 ? 77   ARG A NH2 1 
ATOM   532  N N   . VAL A 1 69  ? -18.628 3.280   5.322   1.00 38.93 ? 78   VAL A N   1 
ATOM   533  C CA  . VAL A 1 69  ? -19.738 3.160   6.246   1.00 40.26 ? 78   VAL A CA  1 
ATOM   534  C C   . VAL A 1 69  ? -19.320 3.766   7.574   1.00 41.06 ? 78   VAL A C   1 
ATOM   535  O O   . VAL A 1 69  ? -19.041 3.057   8.545   1.00 41.18 ? 78   VAL A O   1 
ATOM   536  C CB  . VAL A 1 69  ? -20.190 1.697   6.423   1.00 40.16 ? 78   VAL A CB  1 
ATOM   537  C CG1 . VAL A 1 69  ? -21.384 1.627   7.342   1.00 40.72 ? 78   VAL A CG1 1 
ATOM   538  C CG2 . VAL A 1 69  ? -20.566 1.116   5.084   1.00 40.84 ? 78   VAL A CG2 1 
ATOM   539  N N   . ASN A 1 70  ? -19.235 5.093   7.572   1.00 42.10 ? 79   ASN A N   1 
ATOM   540  C CA  . ASN A 1 70  ? -18.877 5.864   8.749   1.00 42.65 ? 79   ASN A CA  1 
ATOM   541  C C   . ASN A 1 70  ? -17.383 5.885   9.038   1.00 42.13 ? 79   ASN A C   1 
ATOM   542  O O   . ASN A 1 70  ? -16.968 6.076   10.170  1.00 43.46 ? 79   ASN A O   1 
ATOM   543  C CB  . ASN A 1 70  ? -19.640 5.346   9.957   1.00 43.25 ? 79   ASN A CB  1 
ATOM   544  C CG  . ASN A 1 70  ? -21.004 5.994   10.111  1.00 44.86 ? 79   ASN A CG  1 
ATOM   545  O OD1 . ASN A 1 70  ? -21.500 6.680   9.217   1.00 47.50 ? 79   ASN A OD1 1 
ATOM   546  N ND2 . ASN A 1 70  ? -21.610 5.788   11.269  1.00 47.70 ? 79   ASN A ND2 1 
ATOM   547  N N   . GLY A 1 71  ? -16.567 5.732   8.015   1.00 40.96 ? 80   GLY A N   1 
ATOM   548  C CA  . GLY A 1 71  ? -15.133 5.660   8.232   1.00 38.80 ? 80   GLY A CA  1 
ATOM   549  C C   . GLY A 1 71  ? -14.636 4.267   7.889   1.00 36.71 ? 80   GLY A C   1 
ATOM   550  O O   . GLY A 1 71  ? -13.529 4.107   7.398   1.00 37.64 ? 80   GLY A O   1 
ATOM   551  N N   . ALA A 1 72  ? -15.444 3.256   8.171   1.00 34.16 ? 81   ALA A N   1 
ATOM   552  C CA  . ALA A 1 72  ? -15.076 1.900   7.798   1.00 32.21 ? 81   ALA A CA  1 
ATOM   553  C C   . ALA A 1 72  ? -15.144 1.778   6.276   1.00 30.68 ? 81   ALA A C   1 
ATOM   554  O O   . ALA A 1 72  ? -16.079 2.266   5.654   1.00 30.07 ? 81   ALA A O   1 
ATOM   555  C CB  . ALA A 1 72  ? -15.995 0.888   8.449   1.00 31.76 ? 81   ALA A CB  1 
ATOM   556  N N   . ILE A 1 73  ? -14.132 1.135   5.699   1.00 29.08 ? 82   ILE A N   1 
ATOM   557  C CA  . ILE A 1 73  ? -14.057 0.883   4.269   1.00 27.59 ? 82   ILE A CA  1 
ATOM   558  C C   . ILE A 1 73  ? -14.774 -0.412  3.909   1.00 27.26 ? 82   ILE A C   1 
ATOM   559  O O   . ILE A 1 73  ? -14.510 -1.448  4.488   1.00 27.25 ? 82   ILE A O   1 
ATOM   560  C CB  . ILE A 1 73  ? -12.563 0.784   3.842   1.00 27.28 ? 82   ILE A CB  1 
ATOM   561  C CG1 . ILE A 1 73  ? -11.873 2.123   4.138   1.00 26.89 ? 82   ILE A CG1 1 
ATOM   562  C CG2 . ILE A 1 73  ? -12.451 0.506   2.334   1.00 25.74 ? 82   ILE A CG2 1 
ATOM   563  C CD1 . ILE A 1 73  ? -10.339 2.101   4.239   1.00 22.56 ? 82   ILE A CD1 1 
ATOM   564  N N   . VAL A 1 74  ? -15.703 -0.366  2.965   1.00 26.85 ? 83   VAL A N   1 
ATOM   565  C CA  . VAL A 1 74  ? -16.446 -1.571  2.640   1.00 26.24 ? 83   VAL A CA  1 
ATOM   566  C C   . VAL A 1 74  ? -16.257 -1.814  1.137   1.00 25.90 ? 83   VAL A C   1 
ATOM   567  O O   . VAL A 1 74  ? -16.619 -0.979  0.310   1.00 25.60 ? 83   VAL A O   1 
ATOM   568  C CB  . VAL A 1 74  ? -17.928 -1.420  2.959   1.00 26.89 ? 83   VAL A CB  1 
ATOM   569  C CG1 . VAL A 1 74  ? -18.662 -2.688  2.592   1.00 27.67 ? 83   VAL A CG1 1 
ATOM   570  C CG2 . VAL A 1 74  ? -18.138 -1.066  4.449   1.00 27.03 ? 83   VAL A CG2 1 
ATOM   571  N N   . CYS A 1 75  ? -15.657 -2.943  0.793   1.00 25.47 ? 84   CYS A N   1 
ATOM   572  C CA  . CYS A 1 75  ? -15.425 -3.266  -0.615  1.00 25.34 ? 84   CYS A CA  1 
ATOM   573  C C   . CYS A 1 75  ? -16.733 -3.755  -1.222  1.00 26.40 ? 84   CYS A C   1 
ATOM   574  O O   . CYS A 1 75  ? -17.379 -4.620  -0.661  1.00 26.96 ? 84   CYS A O   1 
ATOM   575  C CB  . CYS A 1 75  ? -14.338 -4.320  -0.733  1.00 24.06 ? 84   CYS A CB  1 
ATOM   576  S SG  . CYS A 1 75  ? -12.706 -3.706  -0.280  1.00 21.35 ? 84   CYS A SG  1 
ATOM   577  N N   . GLU A 1 76  ? -17.150 -3.170  -2.338  1.00 27.27 ? 85   GLU A N   1 
ATOM   578  C CA  . GLU A 1 76  ? -18.390 -3.597  -2.982  1.00 28.81 ? 85   GLU A CA  1 
ATOM   579  C C   . GLU A 1 76  ? -18.124 -4.744  -3.953  1.00 28.75 ? 85   GLU A C   1 
ATOM   580  O O   . GLU A 1 76  ? -17.009 -4.917  -4.432  1.00 28.59 ? 85   GLU A O   1 
ATOM   581  C CB  . GLU A 1 76  ? -19.069 -2.410  -3.674  1.00 29.42 ? 85   GLU A CB  1 
ATOM   582  C CG  . GLU A 1 76  ? -19.749 -1.484  -2.664  1.00 32.79 ? 85   GLU A CG  1 
ATOM   583  C CD  . GLU A 1 76  ? -19.908 -0.074  -3.160  1.00 37.28 ? 85   GLU A CD  1 
ATOM   584  O OE1 . GLU A 1 76  ? -18.960 0.446   -3.777  1.00 41.07 ? 85   GLU A OE1 1 
ATOM   585  O OE2 . GLU A 1 76  ? -20.969 0.526   -2.902  1.00 40.54 ? 85   GLU A OE2 1 
ATOM   586  N N   . LYS A 1 77  ? -19.154 -5.545  -4.239  1.00 28.60 ? 86   LYS A N   1 
ATOM   587  C CA  . LYS A 1 77  ? -19.014 -6.704  -5.102  1.00 29.13 ? 86   LYS A CA  1 
ATOM   588  C C   . LYS A 1 77  ? -18.660 -6.378  -6.566  1.00 27.97 ? 86   LYS A C   1 
ATOM   589  O O   . LYS A 1 77  ? -19.304 -5.546  -7.203  1.00 27.37 ? 86   LYS A O   1 
ATOM   590  C CB  . LYS A 1 77  ? -20.333 -7.502  -5.049  1.00 30.05 ? 86   LYS A CB  1 
ATOM   591  C CG  . LYS A 1 77  ? -20.236 -8.905  -5.659  1.00 33.66 ? 86   LYS A CG  1 
ATOM   592  C CD  . LYS A 1 77  ? -21.590 -9.382  -6.182  1.00 37.84 ? 86   LYS A CD  1 
ATOM   593  C CE  . LYS A 1 77  ? -21.465 -10.713 -6.912  1.00 39.55 ? 86   LYS A CE  1 
ATOM   594  N NZ  . LYS A 1 77  ? -20.401 -11.576 -6.316  1.00 41.57 ? 86   LYS A NZ  1 
ATOM   595  N N   . GLY A 1 78  ? -17.662 -7.047  -7.106  1.00 21.41 ? 88   GLY A N   1 
ATOM   596  C CA  . GLY A 1 78  ? -17.252 -6.884  -8.497  1.00 21.17 ? 88   GLY A CA  1 
ATOM   597  C C   . GLY A 1 78  ? -16.765 -8.233  -8.918  1.00 20.75 ? 88   GLY A C   1 
ATOM   598  O O   . GLY A 1 78  ? -17.320 -9.252  -8.508  1.00 19.93 ? 88   GLY A O   1 
ATOM   599  N N   . THR A 1 79  ? -15.719 -8.284  -9.752  1.00 19.66 ? 89   THR A N   1 
ATOM   600  C CA  . THR A 1 79  ? -15.107 -9.544  -10.137 1.00 19.90 ? 89   THR A CA  1 
ATOM   601  C C   . THR A 1 79  ? -14.274 -10.046 -8.965  1.00 20.81 ? 89   THR A C   1 
ATOM   602  O O   . THR A 1 79  ? -14.021 -9.318  -8.010  1.00 19.69 ? 89   THR A O   1 
ATOM   603  C CB  . THR A 1 79  ? -14.178 -9.365  -11.359 1.00 19.74 ? 89   THR A CB  1 
ATOM   604  O OG1 . THR A 1 79  ? -13.130 -8.448  -11.032 1.00 18.68 ? 89   THR A OG1 1 
ATOM   605  C CG2 . THR A 1 79  ? -14.923 -8.707  -12.543 1.00 18.67 ? 89   THR A CG2 1 
ATOM   606  N N   . SER A 1 80  ? -13.901 -11.311 -9.038  1.00 20.34 ? 90   SER A N   1 
ATOM   607  C CA  . SER A 1 80  ? -13.109 -11.945 -8.018  1.00 22.30 ? 90   SER A CA  1 
ATOM   608  C C   . SER A 1 80  ? -11.811 -11.147 -7.808  1.00 20.88 ? 90   SER A C   1 
ATOM   609  O O   . SER A 1 80  ? -11.417 -10.940 -6.682  1.00 21.59 ? 90   SER A O   1 
ATOM   610  C CB  . SER A 1 80  ? -12.859 -13.414 -8.411  1.00 21.96 ? 90   SER A CB  1 
ATOM   611  O OG  . SER A 1 80  ? -11.875 -13.995 -7.605  1.00 28.13 ? 90   SER A OG  1 
ATOM   612  N N   . CYS A 1 81  ? -11.169 -10.693 -8.882  1.00 19.97 ? 91   CYS A N   1 
ATOM   613  C CA  . CYS A 1 81  ? -9.926  -9.906  -8.788  1.00 19.38 ? 91   CYS A CA  1 
ATOM   614  C C   . CYS A 1 81  ? -10.111 -8.538  -8.104  1.00 18.42 ? 91   CYS A C   1 
ATOM   615  O O   . CYS A 1 81  ? -9.314  -8.132  -7.254  1.00 17.57 ? 91   CYS A O   1 
ATOM   616  C CB  . CYS A 1 81  ? -9.294  -9.688  -10.186 1.00 19.16 ? 91   CYS A CB  1 
ATOM   617  S SG  . CYS A 1 81  ? -8.288  -11.079 -10.783 1.00 19.75 ? 91   CYS A SG  1 
ATOM   618  N N   . GLU A 1 82  ? -11.152 -7.836  -8.515  1.00 16.58 ? 92   GLU A N   1 
ATOM   619  C CA  . GLU A 1 82  ? -11.505 -6.548  -7.946  1.00 17.48 ? 92   GLU A CA  1 
ATOM   620  C C   . GLU A 1 82  ? -11.763 -6.661  -6.425  1.00 17.53 ? 92   GLU A C   1 
ATOM   621  O O   . GLU A 1 82  ? -11.372 -5.773  -5.634  1.00 18.04 ? 92   GLU A O   1 
ATOM   622  C CB  . GLU A 1 82  ? -12.771 -6.047  -8.691  1.00 16.43 ? 92   GLU A CB  1 
ATOM   623  C CG  . GLU A 1 82  ? -12.415 -5.719  -10.125 1.00 16.15 ? 92   GLU A CG  1 
ATOM   624  C CD  . GLU A 1 82  ? -13.586 -5.442  -11.037 1.00 17.63 ? 92   GLU A CD  1 
ATOM   625  O OE1 . GLU A 1 82  ? -14.745 -5.608  -10.634 1.00 19.03 ? 92   GLU A OE1 1 
ATOM   626  O OE2 . GLU A 1 82  ? -13.324 -5.012  -12.162 1.00 19.27 ? 92   GLU A OE2 1 
ATOM   627  N N   . ASN A 1 83  ? -12.444 -7.743  -6.010  1.00 17.47 ? 93   ASN A N   1 
ATOM   628  C CA  . ASN A 1 83  ? -12.755 -7.893  -4.602  1.00 19.42 ? 93   ASN A CA  1 
ATOM   629  C C   . ASN A 1 83  ? -11.496 -8.079  -3.774  1.00 18.83 ? 93   ASN A C   1 
ATOM   630  O O   . ASN A 1 83  ? -11.344 -7.501  -2.704  1.00 18.66 ? 93   ASN A O   1 
ATOM   631  C CB  . ASN A 1 83  ? -13.713 -9.058  -4.357  1.00 20.23 ? 93   ASN A CB  1 
ATOM   632  C CG  . ASN A 1 83  ? -15.089 -8.875  -4.947  1.00 22.48 ? 93   ASN A CG  1 
ATOM   633  O OD1 . ASN A 1 83  ? -15.491 -7.766  -5.271  1.00 24.10 ? 93   ASN A OD1 1 
ATOM   634  N ND2 . ASN A 1 83  ? -15.822 -9.974  -5.106  1.00 24.22 ? 93   ASN A ND2 1 
ATOM   635  N N   . ARG A 1 84  ? -10.618 -8.920  -4.302  1.00 18.66 ? 94   ARG A N   1 
ATOM   636  C CA  . ARG A 1 84  ? -9.373  -9.242  -3.640  1.00 19.16 ? 94   ARG A CA  1 
ATOM   637  C C   . ARG A 1 84  ? -8.364  -8.089  -3.699  1.00 18.43 ? 94   ARG A C   1 
ATOM   638  O O   . ARG A 1 84  ? -7.673  -7.838  -2.715  1.00 18.05 ? 94   ARG A O   1 
ATOM   639  C CB  . ARG A 1 84  ? -8.773  -10.537 -4.199  1.00 19.45 ? 94   ARG A CB  1 
ATOM   640  C CG  . ARG A 1 84  ? -9.586  -11.801 -3.911  1.00 22.71 ? 94   ARG A CG  1 
ATOM   641  C CD  . ARG A 1 84  ? -8.968  -13.021 -4.599  1.00 28.15 ? 94   ARG A CD  1 
ATOM   642  N NE  . ARG A 1 84  ? -9.109  -12.954 -6.057  1.00 33.31 ? 94   ARG A NE  1 
ATOM   643  C CZ  . ARG A 1 84  ? -8.563  -13.823 -6.915  1.00 36.09 ? 94   ARG A CZ  1 
ATOM   644  N NH1 . ARG A 1 84  ? -7.823  -14.830 -6.460  1.00 35.66 ? 94   ARG A NH1 1 
ATOM   645  N NH2 . ARG A 1 84  ? -8.758  -13.684 -8.229  1.00 34.70 ? 94   ARG A NH2 1 
ATOM   646  N N   . ILE A 1 85  ? -8.289  -7.380  -4.820  1.00 17.65 ? 95   ILE A N   1 
ATOM   647  C CA  . ILE A 1 85  ? -7.431  -6.205  -4.895  1.00 17.11 ? 95   ILE A CA  1 
ATOM   648  C C   . ILE A 1 85  ? -7.912  -5.192  -3.842  1.00 17.32 ? 95   ILE A C   1 
ATOM   649  O O   . ILE A 1 85  ? -7.143  -4.693  -3.024  1.00 17.96 ? 95   ILE A O   1 
ATOM   650  C CB  . ILE A 1 85  ? -7.485  -5.578  -6.310  1.00 16.46 ? 95   ILE A CB  1 
ATOM   651  C CG1 . ILE A 1 85  ? -6.889  -6.515  -7.360  1.00 18.56 ? 95   ILE A CG1 1 
ATOM   652  C CG2 . ILE A 1 85  ? -6.751  -4.253  -6.326  1.00 16.81 ? 95   ILE A CG2 1 
ATOM   653  C CD1 . ILE A 1 85  ? -7.251  -6.153  -8.787  1.00 18.94 ? 95   ILE A CD1 1 
ATOM   654  N N   . CYS A 1 86  ? -9.219  -4.881  -3.889  1.00 16.32 ? 96   CYS A N   1 
ATOM   655  C CA  . CYS A 1 86  ? -9.770  -3.974  -2.903  1.00 17.31 ? 96   CYS A CA  1 
ATOM   656  C C   . CYS A 1 86  ? -9.398  -4.330  -1.444  1.00 17.74 ? 96   CYS A C   1 
ATOM   657  O O   . CYS A 1 86  ? -9.094  -3.426  -0.670  1.00 18.27 ? 96   CYS A O   1 
ATOM   658  C CB  . CYS A 1 86  ? -11.298 -3.869  -3.048  1.00 16.84 ? 96   CYS A CB  1 
ATOM   659  S SG  . CYS A 1 86  ? -12.042 -2.686  -1.913  1.00 20.57 ? 96   CYS A SG  1 
ATOM   660  N N   . GLU A 1 87  ? -9.484  -5.613  -1.059  1.00 17.21 ? 97   GLU A N   1 
ATOM   661  C CA  . GLU A 1 87  ? -9.132  -6.030  0.293   1.00 18.52 ? 97   GLU A CA  1 
ATOM   662  C C   . GLU A 1 87  ? -7.634  -5.789  0.587   1.00 18.00 ? 97   GLU A C   1 
ATOM   663  O O   . GLU A 1 87  ? -7.318  -5.379  1.698   1.00 17.33 ? 97   GLU A O   1 
ATOM   664  C CB  . GLU A 1 87  ? -9.539  -7.503  0.590   1.00 18.92 ? 97   GLU A CB  1 
ATOM   665  C CG  . GLU A 1 87  ? -11.057 -7.756  0.654   1.00 23.11 ? 97   GLU A CG  1 
ATOM   666  C CD  . GLU A 1 87  ? -11.742 -7.099  1.840   1.00 27.03 ? 97   GLU A CD  1 
ATOM   667  O OE1 . GLU A 1 87  ? -11.042 -6.672  2.775   1.00 28.76 ? 97   GLU A OE1 1 
ATOM   668  O OE2 . GLU A 1 87  ? -12.991 -6.994  1.839   1.00 30.71 ? 97   GLU A OE2 1 
ATOM   669  N N   . CYS A 1 88  ? -6.738  -6.015  -0.399  1.00 16.54 ? 98   CYS A N   1 
ATOM   670  C CA  . CYS A 1 88  ? -5.320  -5.669  -0.250  1.00 16.87 ? 98   CYS A CA  1 
ATOM   671  C C   . CYS A 1 88  ? -5.080  -4.164  0.036   1.00 17.31 ? 98   CYS A C   1 
ATOM   672  O O   . CYS A 1 88  ? -4.243  -3.805  0.901   1.00 17.43 ? 98   CYS A O   1 
ATOM   673  C CB  . CYS A 1 88  ? -4.520  -6.052  -1.496  1.00 16.06 ? 98   CYS A CB  1 
ATOM   674  S SG  . CYS A 1 88  ? -4.365  -7.868  -1.716  1.00 18.86 ? 98   CYS A SG  1 
ATOM   675  N N   . ASP A 1 89  ? -5.791  -3.310  -0.692  1.00 16.06 ? 99   ASP A N   1 
ATOM   676  C CA  . ASP A 1 89  ? -5.614  -1.846  -0.589  1.00 17.03 ? 99   ASP A CA  1 
ATOM   677  C C   . ASP A 1 89  ? -6.181  -1.308  0.714   1.00 17.37 ? 99   ASP A C   1 
ATOM   678  O O   . ASP A 1 89  ? -5.566  -0.471  1.349   1.00 19.15 ? 99   ASP A O   1 
ATOM   679  C CB  . ASP A 1 89  ? -6.289  -1.119  -1.735  1.00 15.55 ? 99   ASP A CB  1 
ATOM   680  C CG  . ASP A 1 89  ? -5.570  -1.316  -3.092  1.00 18.63 ? 99   ASP A CG  1 
ATOM   681  O OD1 . ASP A 1 89  ? -4.466  -1.928  -3.189  1.00 18.22 ? 99   ASP A OD1 1 
ATOM   682  O OD2 . ASP A 1 89  ? -6.065  -0.856  -4.125  1.00 17.67 ? 99   ASP A OD2 1 
ATOM   683  N N   . LYS A 1 90  ? -7.378  -1.759  1.067   1.00 17.34 ? 100  LYS A N   1 
ATOM   684  C CA  . LYS A 1 90  ? -8.009  -1.404  2.332   1.00 18.04 ? 100  LYS A CA  1 
ATOM   685  C C   . LYS A 1 90  ? -7.069  -1.684  3.513   1.00 18.05 ? 100  LYS A C   1 
ATOM   686  O O   . LYS A 1 90  ? -6.919  -0.841  4.401   1.00 18.09 ? 100  LYS A O   1 
ATOM   687  C CB  . LYS A 1 90  ? -9.301  -2.194  2.505   1.00 16.55 ? 100  LYS A CB  1 
ATOM   688  C CG  . LYS A 1 90  ? -9.853  -2.140  3.898   1.00 18.82 ? 100  LYS A CG  1 
ATOM   689  C CD  . LYS A 1 90  ? -11.140 -2.917  4.037   1.00 21.11 ? 100  LYS A CD  1 
ATOM   690  C CE  . LYS A 1 90  ? -11.815 -2.616  5.376   1.00 24.36 ? 100  LYS A CE  1 
ATOM   691  N NZ  . LYS A 1 90  ? -12.866 -3.631  5.586   1.00 24.87 ? 100  LYS A NZ  1 
ATOM   692  N N   . ALA A 1 91  ? -6.489  -2.885  3.533   1.00 17.74 ? 101  ALA A N   1 
ATOM   693  C CA  . ALA A 1 91  ? -5.543  -3.298  4.570   1.00 18.11 ? 101  ALA A CA  1 
ATOM   694  C C   . ALA A 1 91  ? -4.350  -2.356  4.625   1.00 18.49 ? 101  ALA A C   1 
ATOM   695  O O   . ALA A 1 91  ? -3.931  -1.943  5.696   1.00 19.41 ? 101  ALA A O   1 
ATOM   696  C CB  . ALA A 1 91  ? -5.060  -4.741  4.314   1.00 17.75 ? 101  ALA A CB  1 
ATOM   697  N N   . ALA A 1 92  ? -3.776  -2.055  3.468   1.00 17.96 ? 102  ALA A N   1 
ATOM   698  C CA  . ALA A 1 92  ? -2.657  -1.124  3.399   1.00 18.84 ? 102  ALA A CA  1 
ATOM   699  C C   . ALA A 1 92  ? -3.032  0.261   3.962   1.00 18.39 ? 102  ALA A C   1 
ATOM   700  O O   . ALA A 1 92  ? -2.280  0.826   4.740   1.00 17.01 ? 102  ALA A O   1 
ATOM   701  C CB  . ALA A 1 92  ? -2.112  -0.998  1.955   1.00 18.09 ? 102  ALA A CB  1 
ATOM   702  N N   . ALA A 1 93  ? -4.171  0.801   3.528   1.00 18.76 ? 103  ALA A N   1 
ATOM   703  C CA  . ALA A 1 93  ? -4.619  2.115   4.018   1.00 20.12 ? 103  ALA A CA  1 
ATOM   704  C C   . ALA A 1 93  ? -4.787  2.156   5.555   1.00 20.78 ? 103  ALA A C   1 
ATOM   705  O O   . ALA A 1 93  ? -4.468  3.163   6.205   1.00 20.82 ? 103  ALA A O   1 
ATOM   706  C CB  . ALA A 1 93  ? -5.915  2.523   3.339   1.00 19.71 ? 103  ALA A CB  1 
ATOM   707  N N   . ILE A 1 94  ? -5.343  1.085   6.113   1.00 20.49 ? 104  ILE A N   1 
ATOM   708  C CA  . ILE A 1 94  ? -5.499  0.963   7.555   1.00 20.83 ? 104  ILE A CA  1 
ATOM   709  C C   . ILE A 1 94  ? -4.123  0.810   8.189   1.00 21.34 ? 104  ILE A C   1 
ATOM   710  O O   . ILE A 1 94  ? -3.820  1.452   9.184   1.00 21.16 ? 104  ILE A O   1 
ATOM   711  C CB  . ILE A 1 94  ? -6.396  -0.219  7.870   1.00 21.14 ? 104  ILE A CB  1 
ATOM   712  C CG1 . ILE A 1 94  ? -7.822  0.189   7.537   1.00 22.88 ? 104  ILE A CG1 1 
ATOM   713  C CG2 . ILE A 1 94  ? -6.327  -0.654  9.375   1.00 20.47 ? 104  ILE A CG2 1 
ATOM   714  C CD1 . ILE A 1 94  ? -8.844  -1.001  7.419   1.00 27.54 ? 104  ILE A CD1 1 
ATOM   715  N N   . CYS A 1 95  ? -3.279  -0.031  7.606   1.00 20.54 ? 105  CYS A N   1 
ATOM   716  C CA  . CYS A 1 95  ? -1.930  -0.156  8.132   1.00 20.50 ? 105  CYS A CA  1 
ATOM   717  C C   . CYS A 1 95  ? -1.255  1.237   8.161   1.00 20.76 ? 105  CYS A C   1 
ATOM   718  O O   . CYS A 1 95  ? -0.652  1.610   9.165   1.00 19.93 ? 105  CYS A O   1 
ATOM   719  C CB  . CYS A 1 95  ? -1.130  -1.199  7.359   1.00 19.47 ? 105  CYS A CB  1 
ATOM   720  S SG  . CYS A 1 95  ? 0.455   -1.621  8.079   1.00 21.31 ? 105  CYS A SG  1 
ATOM   721  N N   . PHE A 1 96  ? -1.350  2.004   7.073   1.00 21.78 ? 106  PHE A N   1 
ATOM   722  C CA  . PHE A 1 96  ? -0.794  3.352   7.069   1.00 22.90 ? 106  PHE A CA  1 
ATOM   723  C C   . PHE A 1 96  ? -1.355  4.227   8.214   1.00 23.83 ? 106  PHE A C   1 
ATOM   724  O O   . PHE A 1 96  ? -0.611  4.865   8.952   1.00 23.81 ? 106  PHE A O   1 
ATOM   725  C CB  . PHE A 1 96  ? -1.063  4.034   5.735   1.00 23.31 ? 106  PHE A CB  1 
ATOM   726  C CG  . PHE A 1 96  ? -0.254  3.479   4.588   1.00 23.72 ? 106  PHE A CG  1 
ATOM   727  C CD1 . PHE A 1 96  ? 0.982   2.893   4.791   1.00 24.07 ? 106  PHE A CD1 1 
ATOM   728  C CD2 . PHE A 1 96  ? -0.731  3.551   3.316   1.00 23.93 ? 106  PHE A CD2 1 
ATOM   729  C CE1 . PHE A 1 96  ? 1.725   2.396   3.710   1.00 24.23 ? 106  PHE A CE1 1 
ATOM   730  C CE2 . PHE A 1 96  ? 0.011   3.046   2.253   1.00 24.88 ? 106  PHE A CE2 1 
ATOM   731  C CZ  . PHE A 1 96  ? 1.225   2.486   2.446   1.00 23.23 ? 106  PHE A CZ  1 
ATOM   732  N N   . ARG A 1 97  ? -2.673  4.248   8.352   1.00 24.57 ? 107  ARG A N   1 
ATOM   733  C CA  . ARG A 1 97  ? -3.308  5.033   9.395   1.00 25.49 ? 107  ARG A CA  1 
ATOM   734  C C   . ARG A 1 97  ? -2.753  4.665   10.759  1.00 25.95 ? 107  ARG A C   1 
ATOM   735  O O   . ARG A 1 97  ? -2.419  5.554   11.531  1.00 25.68 ? 107  ARG A O   1 
ATOM   736  C CB  . ARG A 1 97  ? -4.843  4.868   9.339   1.00 25.82 ? 107  ARG A CB  1 
ATOM   737  C CG  . ARG A 1 97  ? -5.608  5.514   10.452  1.00 26.88 ? 107  ARG A CG  1 
ATOM   738  C CD  . ARG A 1 97  ? -5.812  7.001   10.314  1.00 30.87 ? 107  ARG A CD  1 
ATOM   739  N NE  . ARG A 1 97  ? -4.937  7.683   11.237  1.00 37.01 ? 107  ARG A NE  1 
ATOM   740  C CZ  . ARG A 1 97  ? -5.304  8.170   12.415  1.00 39.33 ? 107  ARG A CZ  1 
ATOM   741  N NH1 . ARG A 1 97  ? -6.567  8.136   12.806  1.00 41.11 ? 107  ARG A NH1 1 
ATOM   742  N NH2 . ARG A 1 97  ? -4.395  8.732   13.187  1.00 41.01 ? 107  ARG A NH2 1 
ATOM   743  N N   . GLN A 1 98  ? -2.635  3.352   11.026  1.00 26.03 ? 108  GLN A N   1 
ATOM   744  C CA  . GLN A 1 98  ? -2.159  2.857   12.316  1.00 26.14 ? 108  GLN A CA  1 
ATOM   745  C C   . GLN A 1 98  ? -0.736  3.261   12.653  1.00 25.53 ? 108  GLN A C   1 
ATOM   746  O O   . GLN A 1 98  ? -0.375  3.371   13.811  1.00 24.19 ? 108  GLN A O   1 
ATOM   747  C CB  . GLN A 1 98  ? -2.307  1.313   12.411  1.00 27.11 ? 108  GLN A CB  1 
ATOM   748  C CG  . GLN A 1 98  ? -2.227  0.760   13.849  1.00 30.29 ? 108  GLN A CG  1 
ATOM   749  C CD  . GLN A 1 98  ? -2.954  -0.588  14.034  1.00 33.79 ? 108  GLN A CD  1 
ATOM   750  O OE1 . GLN A 1 98  ? -3.642  -0.804  15.041  1.00 34.18 ? 108  GLN A OE1 1 
ATOM   751  N NE2 . GLN A 1 98  ? -2.806  -1.474  13.067  1.00 32.70 ? 108  GLN A NE2 1 
ATOM   752  N N   . ASN A 1 99  ? 0.089   3.462   11.635  1.00 25.29 ? 109  ASN A N   1 
ATOM   753  C CA  . ASN A 1 99  ? 1.486   3.762   11.870  1.00 25.12 ? 109  ASN A CA  1 
ATOM   754  C C   . ASN A 1 99  ? 1.902   5.178   11.491  1.00 25.80 ? 109  ASN A C   1 
ATOM   755  O O   . ASN A 1 99  ? 3.082   5.460   11.354  1.00 24.89 ? 109  ASN A O   1 
ATOM   756  C CB  . ASN A 1 99  ? 2.331   2.737   11.147  1.00 25.60 ? 109  ASN A CB  1 
ATOM   757  C CG  . ASN A 1 99  ? 2.100   1.342   11.675  1.00 26.46 ? 109  ASN A CG  1 
ATOM   758  O OD1 . ASN A 1 99  ? 2.553   1.020   12.754  1.00 28.29 ? 109  ASN A OD1 1 
ATOM   759  N ND2 . ASN A 1 99  ? 1.364   0.521   10.932  1.00 28.30 ? 109  ASN A ND2 1 
ATOM   760  N N   . LEU A 1 100 ? 0.933   6.066   11.313  1.00 27.20 ? 110  LEU A N   1 
ATOM   761  C CA  . LEU A 1 100 ? 1.241   7.470   11.001  1.00 29.57 ? 110  LEU A CA  1 
ATOM   762  C C   . LEU A 1 100 ? 2.192   8.118   12.022  1.00 30.81 ? 110  LEU A C   1 
ATOM   763  O O   . LEU A 1 100 ? 2.994   8.977   11.674  1.00 31.41 ? 110  LEU A O   1 
ATOM   764  C CB  . LEU A 1 100 ? -0.036  8.298   10.936  1.00 28.93 ? 110  LEU A CB  1 
ATOM   765  C CG  . LEU A 1 100 ? -0.618  8.654   9.579   1.00 30.72 ? 110  LEU A CG  1 
ATOM   766  C CD1 . LEU A 1 100 ? -1.776  9.649   9.746   1.00 29.23 ? 110  LEU A CD1 1 
ATOM   767  C CD2 . LEU A 1 100 ? 0.486   9.225   8.684   1.00 31.44 ? 110  LEU A CD2 1 
ATOM   768  N N   . ASN A 1 101 ? 2.083   7.710   13.275  1.00 31.53 ? 111  ASN A N   1 
ATOM   769  C CA  . ASN A 1 101 ? 2.883   8.253   14.356  1.00 33.27 ? 111  ASN A CA  1 
ATOM   770  C C   . ASN A 1 101 ? 4.375   8.054   14.196  1.00 33.59 ? 111  ASN A C   1 
ATOM   771  O O   . ASN A 1 101 ? 5.152   8.854   14.715  1.00 34.19 ? 111  ASN A O   1 
ATOM   772  C CB  . ASN A 1 101 ? 2.423   7.691   15.723  1.00 33.76 ? 111  ASN A CB  1 
ATOM   773  C CG  . ASN A 1 101 ? 2.468   6.167   15.789  1.00 36.37 ? 111  ASN A CG  1 
ATOM   774  O OD1 . ASN A 1 101 ? 2.807   5.596   16.836  1.00 39.25 ? 111  ASN A OD1 1 
ATOM   775  N ND2 . ASN A 1 101 ? 2.099   5.499   14.680  1.00 37.67 ? 111  ASN A ND2 1 
ATOM   776  N N   . THR A 1 102 ? 4.782   6.994   13.507  1.00 32.91 ? 112  THR A N   1 
ATOM   777  C CA  . THR A 1 102 ? 6.191   6.715   13.317  1.00 32.60 ? 112  THR A CA  1 
ATOM   778  C C   . THR A 1 102 ? 6.669   7.038   11.886  1.00 32.14 ? 112  THR A C   1 
ATOM   779  O O   . THR A 1 102 ? 7.827   6.835   11.568  1.00 31.06 ? 112  THR A O   1 
ATOM   780  C CB  . THR A 1 102 ? 6.473   5.247   13.636  1.00 32.64 ? 112  THR A CB  1 
ATOM   781  O OG1 . THR A 1 102 ? 5.602   4.444   12.833  1.00 33.28 ? 112  THR A OG1 1 
ATOM   782  C CG2 . THR A 1 102 ? 6.067   4.880   15.121  1.00 33.22 ? 112  THR A CG2 1 
ATOM   783  N N   . TYR A 1 103 ? 5.787   7.542   11.029  1.00 32.38 ? 113  TYR A N   1 
ATOM   784  C CA  . TYR A 1 103 ? 6.197   7.924   9.670   1.00 32.90 ? 113  TYR A CA  1 
ATOM   785  C C   . TYR A 1 103 ? 7.380   8.883   9.780   1.00 33.25 ? 113  TYR A C   1 
ATOM   786  O O   . TYR A 1 103 ? 7.335   9.815   10.575  1.00 33.41 ? 113  TYR A O   1 
ATOM   787  C CB  . TYR A 1 103 ? 5.033   8.604   8.932   1.00 33.30 ? 113  TYR A CB  1 
ATOM   788  C CG  . TYR A 1 103 ? 5.340   9.058   7.511   1.00 33.18 ? 113  TYR A CG  1 
ATOM   789  C CD1 . TYR A 1 103 ? 5.934   10.289  7.269   1.00 34.29 ? 113  TYR A CD1 1 
ATOM   790  C CD2 . TYR A 1 103 ? 5.020   8.265   6.416   1.00 35.07 ? 113  TYR A CD2 1 
ATOM   791  C CE1 . TYR A 1 103 ? 6.207   10.728  5.979   1.00 34.85 ? 113  TYR A CE1 1 
ATOM   792  C CE2 . TYR A 1 103 ? 5.318   8.678   5.097   1.00 33.70 ? 113  TYR A CE2 1 
ATOM   793  C CZ  . TYR A 1 103 ? 5.909   9.915   4.896   1.00 34.48 ? 113  TYR A CZ  1 
ATOM   794  O OH  . TYR A 1 103 ? 6.207   10.373  3.647   1.00 33.39 ? 113  TYR A OH  1 
ATOM   795  N N   . SER A 1 104 ? 8.435   8.664   8.997   1.00 33.43 ? 114  SER A N   1 
ATOM   796  C CA  . SER A 1 104 ? 9.636   9.503   9.090   1.00 33.78 ? 114  SER A CA  1 
ATOM   797  C C   . SER A 1 104 ? 10.190  9.967   7.737   1.00 33.82 ? 114  SER A C   1 
ATOM   798  O O   . SER A 1 104 ? 10.472  9.160   6.845   1.00 31.79 ? 114  SER A O   1 
ATOM   799  C CB  . SER A 1 104 ? 10.742  8.780   9.864   1.00 34.22 ? 114  SER A CB  1 
ATOM   800  O OG  . SER A 1 104 ? 11.953  9.527   9.826   1.00 36.42 ? 114  SER A OG  1 
ATOM   801  N N   . LYS A 1 105 ? 10.344  11.285  7.629   1.00 34.23 ? 115  LYS A N   1 
ATOM   802  C CA  . LYS A 1 105 ? 10.829  11.938  6.433   1.00 34.78 ? 115  LYS A CA  1 
ATOM   803  C C   . LYS A 1 105 ? 12.202  11.457  6.006   1.00 35.42 ? 115  LYS A C   1 
ATOM   804  O O   . LYS A 1 105 ? 12.559  11.541  4.838   1.00 35.29 ? 115  LYS A O   1 
ATOM   805  N N   . LYS A 1 106 ? 12.980  10.928  6.934   1.00 36.13 ? 116  LYS A N   1 
ATOM   806  C CA  . LYS A 1 106 ? 14.304  10.439  6.551   1.00 37.06 ? 116  LYS A CA  1 
ATOM   807  C C   . LYS A 1 106 ? 14.228  9.208   5.638   1.00 36.83 ? 116  LYS A C   1 
ATOM   808  O O   . LYS A 1 106 ? 15.219  8.813   5.040   1.00 36.66 ? 116  LYS A O   1 
ATOM   809  C CB  . LYS A 1 106 ? 15.166  10.173  7.784   1.00 37.27 ? 116  LYS A CB  1 
ATOM   810  C CG  . LYS A 1 106 ? 15.096  8.769   8.317   1.00 39.94 ? 116  LYS A CG  1 
ATOM   811  C CD  . LYS A 1 106 ? 15.970  8.654   9.553   1.00 43.41 ? 116  LYS A CD  1 
ATOM   812  C CE  . LYS A 1 106 ? 15.792  7.293   10.191  1.00 44.90 ? 116  LYS A CE  1 
ATOM   813  N NZ  . LYS A 1 106 ? 16.530  7.180   11.464  1.00 46.59 ? 116  LYS A NZ  1 
ATOM   814  N N   . TYR A 1 107 ? 13.050  8.602   5.531   1.00 36.43 ? 117  TYR A N   1 
ATOM   815  C CA  . TYR A 1 107 ? 12.897  7.456   4.641   1.00 36.37 ? 117  TYR A CA  1 
ATOM   816  C C   . TYR A 1 107 ? 12.314  7.819   3.279   1.00 35.72 ? 117  TYR A C   1 
ATOM   817  O O   . TYR A 1 107 ? 12.177  6.963   2.420   1.00 35.63 ? 117  TYR A O   1 
ATOM   818  C CB  . TYR A 1 107 ? 12.101  6.335   5.308   1.00 36.19 ? 117  TYR A CB  1 
ATOM   819  C CG  . TYR A 1 107 ? 12.839  5.707   6.459   1.00 37.76 ? 117  TYR A CG  1 
ATOM   820  C CD1 . TYR A 1 107 ? 14.093  5.129   6.273   1.00 37.59 ? 117  TYR A CD1 1 
ATOM   821  C CD2 . TYR A 1 107 ? 12.296  5.708   7.746   1.00 38.81 ? 117  TYR A CD2 1 
ATOM   822  C CE1 . TYR A 1 107 ? 14.778  4.550   7.332   1.00 40.64 ? 117  TYR A CE1 1 
ATOM   823  C CE2 . TYR A 1 107 ? 12.978  5.129   8.808   1.00 39.73 ? 117  TYR A CE2 1 
ATOM   824  C CZ  . TYR A 1 107 ? 14.213  4.544   8.599   1.00 40.44 ? 117  TYR A CZ  1 
ATOM   825  O OH  . TYR A 1 107 ? 14.917  3.951   9.628   1.00 42.69 ? 117  TYR A OH  1 
ATOM   826  N N   . MET A 1 108 ? 11.958  9.081   3.079   1.00 35.45 ? 118  MET A N   1 
ATOM   827  C CA  . MET A 1 108 ? 11.475  9.504   1.764   1.00 35.72 ? 118  MET A CA  1 
ATOM   828  C C   . MET A 1 108 ? 12.640  9.485   0.763   1.00 35.16 ? 118  MET A C   1 
ATOM   829  O O   . MET A 1 108 ? 13.774  9.752   1.133   1.00 35.27 ? 118  MET A O   1 
ATOM   830  C CB  . MET A 1 108 ? 10.866  10.901  1.830   1.00 35.72 ? 118  MET A CB  1 
ATOM   831  C CG  . MET A 1 108 ? 9.592   10.972  2.645   1.00 38.50 ? 118  MET A CG  1 
ATOM   832  S SD  . MET A 1 108 ? 8.962   12.653  2.895   1.00 44.00 ? 118  MET A SD  1 
ATOM   833  C CE  . MET A 1 108 ? 8.177   12.973  1.355   1.00 39.49 ? 118  MET A CE  1 
ATOM   834  N N   . LEU A 1 109 ? 12.360  9.171   -0.494  1.00 34.95 ? 119  LEU A N   1 
ATOM   835  C CA  . LEU A 1 109 ? 13.411  9.120   -1.515  1.00 35.33 ? 119  LEU A CA  1 
ATOM   836  C C   . LEU A 1 109 ? 14.597  8.319   -1.009  1.00 34.50 ? 119  LEU A C   1 
ATOM   837  O O   . LEU A 1 109 ? 15.754  8.722   -1.161  1.00 34.65 ? 119  LEU A O   1 
ATOM   838  C CB  . LEU A 1 109 ? 13.891  10.535  -1.870  1.00 35.58 ? 119  LEU A CB  1 
ATOM   839  C CG  . LEU A 1 109 ? 12.802  11.471  -2.381  1.00 37.79 ? 119  LEU A CG  1 
ATOM   840  C CD1 . LEU A 1 109 ? 13.349  12.867  -2.631  1.00 40.31 ? 119  LEU A CD1 1 
ATOM   841  C CD2 . LEU A 1 109 ? 12.190  10.891  -3.637  1.00 39.28 ? 119  LEU A CD2 1 
ATOM   842  N N   . TYR A 1 110 ? 14.304  7.191   -0.382  1.00 32.97 ? 120  TYR A N   1 
ATOM   843  C CA  . TYR A 1 110 ? 15.335  6.365   0.215   1.00 31.64 ? 120  TYR A CA  1 
ATOM   844  C C   . TYR A 1 110 ? 16.159  5.638   -0.849  1.00 30.78 ? 120  TYR A C   1 
ATOM   845  O O   . TYR A 1 110 ? 15.599  5.004   -1.721  1.00 28.96 ? 120  TYR A O   1 
ATOM   846  C CB  . TYR A 1 110 ? 14.671  5.366   1.141   1.00 31.53 ? 120  TYR A CB  1 
ATOM   847  C CG  . TYR A 1 110 ? 15.606  4.685   2.082   1.00 32.32 ? 120  TYR A CG  1 
ATOM   848  C CD1 . TYR A 1 110 ? 16.097  5.338   3.201   1.00 33.26 ? 120  TYR A CD1 1 
ATOM   849  C CD2 . TYR A 1 110 ? 15.967  3.364   1.879   1.00 33.81 ? 120  TYR A CD2 1 
ATOM   850  C CE1 . TYR A 1 110 ? 16.939  4.708   4.076   1.00 32.97 ? 120  TYR A CE1 1 
ATOM   851  C CE2 . TYR A 1 110 ? 16.804  2.730   2.746   1.00 33.06 ? 120  TYR A CE2 1 
ATOM   852  C CZ  . TYR A 1 110 ? 17.281  3.400   3.842   1.00 33.85 ? 120  TYR A CZ  1 
ATOM   853  O OH  . TYR A 1 110 ? 18.133  2.754   4.696   1.00 34.74 ? 120  TYR A OH  1 
ATOM   854  N N   . PRO A 1 111 ? 17.484  5.740   -0.760  1.00 30.94 ? 121  PRO A N   1 
ATOM   855  C CA  . PRO A 1 111 ? 18.388  5.165   -1.769  1.00 31.13 ? 121  PRO A CA  1 
ATOM   856  C C   . PRO A 1 111 ? 18.319  3.655   -1.889  1.00 30.95 ? 121  PRO A C   1 
ATOM   857  O O   . PRO A 1 111 ? 18.363  2.940   -0.901  1.00 31.49 ? 121  PRO A O   1 
ATOM   858  C CB  . PRO A 1 111 ? 19.800  5.559   -1.280  1.00 31.25 ? 121  PRO A CB  1 
ATOM   859  C CG  . PRO A 1 111 ? 19.614  6.602   -0.279  1.00 31.53 ? 121  PRO A CG  1 
ATOM   860  C CD  . PRO A 1 111 ? 18.217  6.433   0.311   1.00 31.17 ? 121  PRO A CD  1 
ATOM   861  N N   . ASP A 1 112 ? 18.338  3.176   -3.104  1.00 31.20 ? 122  ASP A N   1 
ATOM   862  C CA  . ASP A 1 112 ? 18.291  1.732   -3.340  1.00 31.78 ? 122  ASP A CA  1 
ATOM   863  C C   . ASP A 1 112 ? 19.501  0.908   -2.849  1.00 32.44 ? 122  ASP A C   1 
ATOM   864  O O   . ASP A 1 112 ? 19.356  -0.295  -2.707  1.00 31.51 ? 122  ASP A O   1 
ATOM   865  C CB  . ASP A 1 112 ? 18.091  1.476   -4.829  1.00 32.20 ? 122  ASP A CB  1 
ATOM   866  C CG  . ASP A 1 112 ? 18.296  0.014   -5.178  1.00 32.67 ? 122  ASP A CG  1 
ATOM   867  O OD1 . ASP A 1 112 ? 19.455  -0.451  -5.153  1.00 33.56 ? 122  ASP A OD1 1 
ATOM   868  O OD2 . ASP A 1 112 ? 17.301  -0.672  -5.481  1.00 34.25 ? 122  ASP A OD2 1 
ATOM   869  N N   . PHE A 1 113 ? 20.707  1.462   -2.576  1.00 35.45 ? 124  PHE A N   1 
ATOM   870  C CA  . PHE A 1 113 ? 21.772  0.554   -2.110  1.00 35.90 ? 124  PHE A CA  1 
ATOM   871  C C   . PHE A 1 113 ? 21.569  0.224   -0.638  1.00 36.09 ? 124  PHE A C   1 
ATOM   872  O O   . PHE A 1 113 ? 22.129  -0.756  -0.146  1.00 36.22 ? 124  PHE A O   1 
ATOM   873  C CB  . PHE A 1 113 ? 23.173  1.168   -2.293  1.00 35.33 ? 124  PHE A CB  1 
ATOM   874  C CG  . PHE A 1 113 ? 23.472  2.347   -1.390  1.00 34.80 ? 124  PHE A CG  1 
ATOM   875  C CD1 . PHE A 1 113 ? 22.771  3.523   -1.552  1.00 35.16 ? 124  PHE A CD1 1 
ATOM   876  C CD2 . PHE A 1 113 ? 24.418  2.254   -0.393  1.00 37.68 ? 124  PHE A CD2 1 
ATOM   877  C CE1 . PHE A 1 113 ? 23.012  4.601   -0.741  1.00 36.18 ? 124  PHE A CE1 1 
ATOM   878  C CE2 . PHE A 1 113 ? 24.670  3.317   0.429   1.00 36.31 ? 124  PHE A CE2 1 
ATOM   879  C CZ  . PHE A 1 113 ? 23.970  4.512   0.269   1.00 36.32 ? 124  PHE A CZ  1 
ATOM   880  N N   . LEU A 1 114 ? 20.784  1.025   0.069   1.00 36.52 ? 125  LEU A N   1 
ATOM   881  C CA  . LEU A 1 114 ? 20.557  0.767   1.482   1.00 37.01 ? 125  LEU A CA  1 
ATOM   882  C C   . LEU A 1 114 ? 19.489  -0.314  1.732   1.00 37.76 ? 125  LEU A C   1 
ATOM   883  O O   . LEU A 1 114 ? 19.242  -0.696  2.888   1.00 37.79 ? 125  LEU A O   1 
ATOM   884  C CB  . LEU A 1 114 ? 20.203  2.067   2.201   1.00 37.06 ? 125  LEU A CB  1 
ATOM   885  C CG  . LEU A 1 114 ? 21.324  3.109   2.257   1.00 38.49 ? 125  LEU A CG  1 
ATOM   886  C CD1 . LEU A 1 114 ? 20.825  4.400   2.884   1.00 38.73 ? 125  LEU A CD1 1 
ATOM   887  C CD2 . LEU A 1 114 ? 22.513  2.580   3.026   1.00 38.48 ? 125  LEU A CD2 1 
ATOM   888  N N   . CYS A 1 115 ? 18.864  -0.806  0.668   1.00 38.42 ? 126  CYS A N   1 
ATOM   889  C CA  . CYS A 1 115 ? 17.936  -1.887  0.808   1.00 39.26 ? 126  CYS A CA  1 
ATOM   890  C C   . CYS A 1 115 ? 18.763  -3.159  0.693   1.00 41.70 ? 126  CYS A C   1 
ATOM   891  O O   . CYS A 1 115 ? 19.112  -3.616  -0.388  1.00 42.32 ? 126  CYS A O   1 
ATOM   892  C CB  . CYS A 1 115 ? 16.781  -1.750  -0.216  1.00 38.10 ? 126  CYS A CB  1 
ATOM   893  S SG  . CYS A 1 115 ? 15.671  -0.336  0.090   1.00 32.48 ? 126  CYS A SG  1 
ATOM   894  N N   . LYS A 1 116 ? 19.044  -3.694  1.851   1.00 44.44 ? 127  LYS A N   1 
ATOM   895  C CA  . LYS A 1 116 ? 19.792  -4.877  1.942   1.00 47.17 ? 127  LYS A CA  1 
ATOM   896  C C   . LYS A 1 116 ? 18.984  -5.901  2.698   1.00 48.34 ? 127  LYS A C   1 
ATOM   897  O O   . LYS A 1 116 ? 18.384  -5.582  3.731   1.00 48.26 ? 127  LYS A O   1 
ATOM   898  C CB  . LYS A 1 116 ? 21.116  -4.620  2.663   1.00 47.13 ? 127  LYS A CB  1 
ATOM   899  C CG  . LYS A 1 116 ? 22.104  -3.757  1.887   1.00 49.01 ? 127  LYS A CG  1 
ATOM   900  C CD  . LYS A 1 116 ? 23.393  -3.567  2.667   1.00 50.81 ? 127  LYS A CD  1 
ATOM   901  C CE  . LYS A 1 116 ? 24.385  -2.666  1.940   1.00 52.16 ? 127  LYS A CE  1 
ATOM   902  N NZ  . LYS A 1 116 ? 23.881  -1.267  1.792   1.00 52.69 ? 127  LYS A NZ  1 
ATOM   903  N N   . GLY A 1 117 ? 18.961  -7.111  2.183   1.00 50.20 ? 128  GLY A N   1 
ATOM   904  C CA  . GLY A 1 117 ? 18.265  -8.119  2.924   1.00 51.98 ? 128  GLY A CA  1 
ATOM   905  C C   . GLY A 1 117 ? 17.615  -9.195  2.118   1.00 53.37 ? 128  GLY A C   1 
ATOM   906  O O   . GLY A 1 117 ? 17.894  -9.426  0.942   1.00 53.53 ? 128  GLY A O   1 
ATOM   907  N N   . GLU A 1 118 ? 16.774  -9.880  2.819   1.00 54.60 ? 129  GLU A N   1 
ATOM   908  C CA  . GLU A 1 118 ? 16.025  -10.959 2.308   1.00 55.79 ? 129  GLU A CA  1 
ATOM   909  C C   . GLU A 1 118 ? 14.859  -11.063 3.200   1.00 55.82 ? 129  GLU A C   1 
ATOM   910  O O   . GLU A 1 118 ? 14.974  -10.968 4.428   1.00 55.84 ? 129  GLU A O   1 
ATOM   911  C CB  . GLU A 1 118 ? 16.866  -12.246 2.260   1.00 56.16 ? 129  GLU A CB  1 
ATOM   912  C CG  . GLU A 1 118 ? 16.313  -13.473 2.969   1.00 58.37 ? 129  GLU A CG  1 
ATOM   913  C CD  . GLU A 1 118 ? 17.392  -14.413 3.541   1.00 61.36 ? 129  GLU A CD  1 
ATOM   914  O OE1 . GLU A 1 118 ? 18.526  -14.432 2.996   1.00 62.55 ? 129  GLU A OE1 1 
ATOM   915  O OE2 . GLU A 1 118 ? 17.091  -15.128 4.511   1.00 62.62 ? 129  GLU A OE2 1 
ATOM   916  N N   . LEU A 1 119 ? 13.756  -11.279 2.592   1.00 55.85 ? 130  LEU A N   1 
ATOM   917  C CA  . LEU A 1 119 ? 12.607  -11.490 3.395   1.00 55.75 ? 130  LEU A CA  1 
ATOM   918  C C   . LEU A 1 119 ? 11.607  -12.208 2.517   1.00 55.46 ? 130  LEU A C   1 
ATOM   919  O O   . LEU A 1 119 ? 11.464  -11.849 1.355   1.00 55.57 ? 130  LEU A O   1 
ATOM   920  C CB  . LEU A 1 119 ? 12.017  -10.169 3.888   1.00 55.71 ? 130  LEU A CB  1 
ATOM   921  C CG  . LEU A 1 119 ? 10.838  -10.316 4.813   1.00 56.20 ? 130  LEU A CG  1 
ATOM   922  C CD1 . LEU A 1 119 ? 11.211  -11.151 6.027   1.00 57.15 ? 130  LEU A CD1 1 
ATOM   923  C CD2 . LEU A 1 119 ? 10.332  -8.949  5.248   1.00 56.33 ? 130  LEU A CD2 1 
ATOM   924  N N   . LYS A 1 120 ? 10.865  -13.201 3.054   1.00 55.12 ? 131  LYS A N   1 
ATOM   925  C CA  . LYS A 1 120 ? 9.836   -13.900 2.241   1.00 54.82 ? 131  LYS A CA  1 
ATOM   926  C C   . LYS A 1 120 ? 8.407   -13.497 2.668   1.00 54.02 ? 131  LYS A C   1 
ATOM   927  O O   . LYS A 1 120 ? 8.156   -13.381 3.861   1.00 53.67 ? 131  LYS A O   1 
ATOM   928  C CB  . LYS A 1 120 ? 10.010  -15.418 2.384   1.00 54.84 ? 131  LYS A CB  1 
ATOM   929  C CG  . LYS A 1 120 ? 9.796   -16.231 1.111   1.00 56.46 ? 131  LYS A CG  1 
ATOM   930  C CD  . LYS A 1 120 ? 10.637  -17.514 1.107   1.00 58.36 ? 131  LYS A CD  1 
ATOM   931  C CE  . LYS A 1 120 ? 10.193  -18.484 2.200   1.00 59.80 ? 131  LYS A CE  1 
ATOM   932  N NZ  . LYS A 1 120 ? 10.785  -19.846 2.025   1.00 61.21 ? 131  LYS A NZ  1 
ATOM   933  N N   . CYS A 1 121 ? 7.487   -13.322 1.701   1.00 27.53 ? 133  CYS A N   1 
ATOM   934  C CA  . CYS A 1 121 ? 6.094   -12.982 1.929   1.00 28.49 ? 133  CYS A CA  1 
ATOM   935  C C   . CYS A 1 121 ? 5.424   -14.032 2.805   1.00 28.90 ? 133  CYS A C   1 
ATOM   936  O O   . CYS A 1 121 ? 5.594   -15.231 2.579   1.00 29.97 ? 133  CYS A O   1 
ATOM   937  C CB  . CYS A 1 121 ? 5.342   -12.872 0.594   1.00 28.33 ? 133  CYS A CB  1 
ATOM   938  S SG  . CYS A 1 121 ? 5.439   -11.240 -0.205  1.00 28.37 ? 133  CYS A SG  1 
HETATM 939  S S   . SO4 B 2 .   ? -6.579  4.630   -13.202 1.00 93.30 ? 1001 SO4 A S   1 
HETATM 940  O O1  . SO4 B 2 .   ? -5.573  4.379   -12.174 1.00 93.05 ? 1001 SO4 A O1  1 
HETATM 941  O O2  . SO4 B 2 .   ? -6.442  3.635   -14.263 1.00 93.27 ? 1001 SO4 A O2  1 
HETATM 942  O O3  . SO4 B 2 .   ? -7.907  4.546   -12.599 1.00 92.79 ? 1001 SO4 A O3  1 
HETATM 943  O O4  . SO4 B 2 .   ? -6.387  5.962   -13.771 1.00 93.31 ? 1001 SO4 A O4  1 
HETATM 944  C C1  . TYL C 3 .   ? 1.283   2.240   -4.312  1.00 47.50 ? 2001 TYL A C1  1 
HETATM 945  C C2  . TYL C 3 .   ? 2.461   1.676   -3.873  1.00 47.18 ? 2001 TYL A C2  1 
HETATM 946  C C3  . TYL C 3 .   ? 2.646   0.310   -3.889  1.00 47.36 ? 2001 TYL A C3  1 
HETATM 947  C C4  . TYL C 3 .   ? 1.641   -0.523  -4.364  1.00 46.89 ? 2001 TYL A C4  1 
HETATM 948  C C5  . TYL C 3 .   ? 0.438   0.018   -4.811  1.00 46.07 ? 2001 TYL A C5  1 
HETATM 949  C C6  . TYL C 3 .   ? 0.263   1.410   -4.788  1.00 47.50 ? 2001 TYL A C6  1 
HETATM 950  N N   . TYL C 3 .   ? 1.258   3.593   -4.221  1.00 48.32 ? 2001 TYL A N   1 
HETATM 951  C C   . TYL C 3 .   ? 0.292   4.437   -4.546  1.00 49.85 ? 2001 TYL A C   1 
HETATM 952  C CM  . TYL C 3 .   ? 0.664   5.866   -4.289  1.00 51.10 ? 2001 TYL A CM  1 
HETATM 953  O O4  . TYL C 3 .   ? 1.883   -1.868  -4.372  1.00 47.81 ? 2001 TYL A O4  1 
HETATM 954  O O   . TYL C 3 .   ? -0.786  4.113   -5.013  1.00 51.96 ? 2001 TYL A O   1 
HETATM 955  O O   . HOH D 4 .   ? -11.401 -8.190  -13.100 1.00 20.68 ? 2002 HOH A O   1 
HETATM 956  O O   . HOH D 4 .   ? 9.480   -14.302 5.759   1.00 54.74 ? 2003 HOH A O   1 
HETATM 957  O O   . HOH D 4 .   ? 10.659  2.504   -1.912  1.00 27.30 ? 2004 HOH A O   1 
HETATM 958  O O   . HOH D 4 .   ? 1.246   14.810  1.263   1.00 51.68 ? 2005 HOH A O   1 
HETATM 959  O O   . HOH D 4 .   ? 6.371   4.165   10.168  1.00 23.34 ? 2006 HOH A O   1 
HETATM 960  O O   . HOH D 4 .   ? 4.913   -3.732  11.538  1.00 50.86 ? 2007 HOH A O   1 
HETATM 961  O O   . HOH D 4 .   ? 3.319   -2.510  9.626   1.00 22.37 ? 2008 HOH A O   1 
HETATM 962  O O   . HOH D 4 .   ? -14.853 3.562   -11.389 1.00 69.65 ? 2009 HOH A O   1 
HETATM 963  O O   . HOH D 4 .   ? -18.555 2.807   -13.381 1.00 48.12 ? 2010 HOH A O   1 
HETATM 964  O O   . HOH D 4 .   ? -0.582  -3.757  4.050   1.00 14.21 ? 2011 HOH A O   1 
HETATM 965  O O   . HOH D 4 .   ? -7.361  -10.105 -0.996  1.00 27.37 ? 2012 HOH A O   1 
HETATM 966  O O   . HOH D 4 .   ? -7.479  -7.593  -12.447 1.00 17.82 ? 2013 HOH A O   1 
HETATM 967  O O   . HOH D 4 .   ? -11.568 -12.216 -11.485 1.00 28.34 ? 2014 HOH A O   1 
HETATM 968  O O   . HOH D 4 .   ? -12.109 -6.874  5.583   1.00 39.64 ? 2015 HOH A O   1 
HETATM 969  O O   . HOH D 4 .   ? -21.826 -4.436  -3.701  1.00 37.50 ? 2016 HOH A O   1 
HETATM 970  O O   . HOH D 4 .   ? 10.880  12.494  11.711  1.00 58.28 ? 2017 HOH A O   1 
HETATM 971  O O   . HOH D 4 .   ? 18.080  2.509   9.673   1.00 54.98 ? 2018 HOH A O   1 
HETATM 972  O O   . HOH D 4 .   ? -2.560  -0.066  -7.076  1.00 32.66 ? 2019 HOH A O   1 
HETATM 973  O O   . HOH D 4 .   ? 3.235   -16.090 4.517   1.00 26.38 ? 2020 HOH A O   1 
HETATM 974  O O   . HOH D 4 .   ? 2.143   5.800   7.838   1.00 25.81 ? 2021 HOH A O   1 
HETATM 975  O O   . HOH D 4 .   ? 18.025  9.688   -1.826  1.00 54.28 ? 2022 HOH A O   1 
HETATM 976  O O   . HOH D 4 .   ? 8.201   1.940   12.927  1.00 30.37 ? 2023 HOH A O   1 
HETATM 977  O O   . HOH D 4 .   ? 4.052   2.858   14.215  1.00 28.40 ? 2024 HOH A O   1 
HETATM 978  O O   . HOH D 4 .   ? 5.806   -9.480  -3.792  1.00 61.93 ? 2025 HOH A O   1 
HETATM 979  O O   . HOH D 4 .   ? 2.920   -13.227 -1.777  1.00 34.73 ? 2026 HOH A O   1 
HETATM 980  O O   . HOH D 4 .   ? 18.952  4.410   6.559   1.00 50.05 ? 2027 HOH A O   1 
HETATM 981  O O   . HOH D 4 .   ? -11.958 0.025   7.533   1.00 40.73 ? 2028 HOH A O   1 
HETATM 982  O O   . HOH D 4 .   ? -16.159 -7.625  -2.176  1.00 43.65 ? 2029 HOH A O   1 
HETATM 983  O O   . HOH D 4 .   ? -0.432  6.214   14.088  1.00 45.89 ? 2030 HOH A O   1 
HETATM 984  O O   . HOH D 4 .   ? -4.812  -14.452 -9.400  1.00 23.72 ? 2031 HOH A O   1 
HETATM 985  O O   . HOH D 4 .   ? 16.995  -2.643  4.614   1.00 40.21 ? 2032 HOH A O   1 
HETATM 986  O O   . HOH D 4 .   ? -18.611 0.703   10.292  1.00 70.21 ? 2033 HOH A O   1 
HETATM 987  O O   . HOH D 4 .   ? -15.653 -13.731 -4.945  1.00 57.49 ? 2034 HOH A O   1 
HETATM 988  O O   . HOH D 4 .   ? 13.038  11.873  10.938  1.00 58.00 ? 2035 HOH A O   1 
HETATM 989  O O   . HOH D 4 .   ? 12.484  -14.164 5.216   1.00 46.61 ? 2036 HOH A O   1 
HETATM 990  O O   . HOH D 4 .   ? 4.906   12.901  4.020   1.00 51.69 ? 2037 HOH A O   1 
HETATM 991  O O   . HOH D 4 .   ? -25.828 -1.120  0.884   1.00 61.07 ? 2038 HOH A O   1 
HETATM 992  O O   . HOH D 4 .   ? -7.396  -14.572 -10.351 1.00 73.47 ? 2039 HOH A O   1 
HETATM 993  O O   . HOH D 4 .   ? 0.155   -9.622  -12.644 1.00 63.12 ? 2040 HOH A O   1 
HETATM 994  O O   . HOH D 4 .   ? -16.871 -13.889 -9.594  1.00 44.55 ? 2041 HOH A O   1 
HETATM 995  O O   . HOH D 4 .   ? 22.128  -0.020  -5.144  1.00 54.77 ? 2042 HOH A O   1 
HETATM 996  O O   . HOH D 4 .   ? -2.435  8.700   14.448  1.00 66.45 ? 2043 HOH A O   1 
HETATM 997  O O   . HOH D 4 .   ? 12.364  -9.160  -0.822  1.00 48.51 ? 2044 HOH A O   1 
HETATM 998  O O   . HOH D 4 .   ? 18.409  -6.776  8.270   1.00 56.65 ? 2045 HOH A O   1 
HETATM 999  O O   . HOH D 4 .   ? -13.089 -6.585  -14.988 1.00 22.14 ? 2046 HOH A O   1 
HETATM 1000 O O   . HOH D 4 .   ? -7.128  -9.690  -14.755 1.00 19.77 ? 2047 HOH A O   1 
HETATM 1001 O O   . HOH D 4 .   ? -2.044  -5.227  2.247   1.00 19.67 ? 2048 HOH A O   1 
HETATM 1002 O O   . HOH D 4 .   ? -2.869  -7.481  3.835   1.00 23.81 ? 2049 HOH A O   1 
HETATM 1003 O O   . HOH D 4 .   ? 9.486   -12.027 -1.027  1.00 58.36 ? 2050 HOH A O   1 
HETATM 1004 O O   . HOH D 4 .   ? -8.576  -5.756  4.099   1.00 21.14 ? 2051 HOH A O   1 
HETATM 1005 O O   . HOH D 4 .   ? -14.915 -12.846 -11.236 1.00 24.08 ? 2052 HOH A O   1 
HETATM 1006 O O   . HOH D 4 .   ? 2.929   -1.315  -1.319  1.00 31.96 ? 2053 HOH A O   1 
HETATM 1007 O O   . HOH D 4 .   ? -5.456  -7.673  3.109   1.00 27.92 ? 2054 HOH A O   1 
HETATM 1008 O O   . HOH D 4 .   ? -7.812  -13.922 -13.396 1.00 23.94 ? 2055 HOH A O   1 
HETATM 1009 O O   . HOH D 4 .   ? -3.780  -11.212 -1.767  1.00 42.13 ? 2056 HOH A O   1 
HETATM 1010 O O   . HOH D 4 .   ? -11.470 -1.521  -14.432 1.00 32.14 ? 2057 HOH A O   1 
HETATM 1011 O O   . HOH D 4 .   ? 7.059   -8.264  -1.104  1.00 34.97 ? 2058 HOH A O   1 
HETATM 1012 O O   . HOH D 4 .   ? 0.695   -2.327  11.459  1.00 41.89 ? 2059 HOH A O   1 
HETATM 1013 O O   . HOH D 4 .   ? -15.962 -3.547  -7.020  1.00 33.07 ? 2060 HOH A O   1 
HETATM 1014 O O   . HOH D 4 .   ? 7.419   -2.400  -3.930  1.00 33.77 ? 2061 HOH A O   1 
HETATM 1015 O O   . HOH D 4 .   ? -8.973  3.502   -16.653 1.00 60.18 ? 2062 HOH A O   1 
HETATM 1016 O O   . HOH D 4 .   ? -14.826 -4.686  2.729   1.00 36.95 ? 2063 HOH A O   1 
HETATM 1017 O O   . HOH D 4 .   ? -16.369 -4.917  -12.910 1.00 26.02 ? 2064 HOH A O   1 
HETATM 1018 O O   . HOH D 4 .   ? 2.791   5.370   -7.692  1.00 68.51 ? 2065 HOH A O   1 
HETATM 1019 O O   . HOH D 4 .   ? -3.439  10.412  -2.739  1.00 34.05 ? 2066 HOH A O   1 
HETATM 1020 O O   . HOH D 4 .   ? 10.289  5.336   11.442  1.00 35.10 ? 2067 HOH A O   1 
HETATM 1021 O O   . HOH D 4 .   ? 18.787  -6.450  -0.122  1.00 49.71 ? 2068 HOH A O   1 
HETATM 1022 O O   . HOH D 4 .   ? -18.910 6.122   0.515   1.00 51.29 ? 2069 HOH A O   1 
HETATM 1023 O O   . HOH D 4 .   ? 2.379   -0.906  14.085  1.00 44.09 ? 2070 HOH A O   1 
HETATM 1024 O O   . HOH D 4 .   ? -21.615 -4.369  -6.447  1.00 45.27 ? 2071 HOH A O   1 
HETATM 1025 O O   . HOH D 4 .   ? 16.535  -5.793  10.936  1.00 54.55 ? 2072 HOH A O   1 
HETATM 1026 O O   . HOH D 4 .   ? -10.675 12.183  -3.730  1.00 42.18 ? 2073 HOH A O   1 
HETATM 1027 O O   . HOH D 4 .   ? 7.018   12.977  9.955   1.00 56.97 ? 2074 HOH A O   1 
HETATM 1028 O O   . HOH D 4 .   ? 2.910   3.217   -1.344  1.00 43.87 ? 2075 HOH A O   1 
HETATM 1029 O O   . HOH D 4 .   ? 6.064   -0.758  -5.685  1.00 52.26 ? 2076 HOH A O   1 
HETATM 1030 O O   . HOH D 4 .   ? 3.510   3.292   17.397  1.00 52.78 ? 2077 HOH A O   1 
HETATM 1031 O O   . HOH D 4 .   ? -9.474  -11.173 -0.083  1.00 38.61 ? 2078 HOH A O   1 
HETATM 1032 O O   . HOH D 4 .   ? -15.359 11.246  -4.919  1.00 65.58 ? 2079 HOH A O   1 
HETATM 1033 O O   . HOH D 4 .   ? 3.031   -18.767 4.613   1.00 53.87 ? 2080 HOH A O   1 
HETATM 1034 O O   . HOH D 4 .   ? -3.898  6.549   -14.958 1.00 52.64 ? 2081 HOH A O   1 
HETATM 1035 O O   . HOH D 4 .   ? -14.687 -4.965  -4.880  1.00 49.19 ? 2082 HOH A O   1 
HETATM 1036 O O   . HOH D 4 .   ? 14.097  -4.618  -6.383  1.00 66.46 ? 2083 HOH A O   1 
HETATM 1037 O O   . HOH D 4 .   ? -0.333  -9.038  -9.399  1.00 44.42 ? 2084 HOH A O   1 
HETATM 1038 O O   . HOH D 4 .   ? -10.339 -15.483 -4.272  1.00 72.22 ? 2085 HOH A O   1 
HETATM 1039 O O   . HOH D 4 .   ? 18.057  -3.230  -6.971  1.00 63.12 ? 2086 HOH A O   1 
HETATM 1040 O O   . HOH D 4 .   ? 21.743  -14.194 4.300   1.00 60.00 ? 2087 HOH A O   1 
HETATM 1041 O O   . HOH D 4 .   ? 21.783  -3.037  -3.492  1.00 63.38 ? 2088 HOH A O   1 
HETATM 1042 O O   . HOH D 4 .   ? 15.565  12.325  11.435  1.00 56.93 ? 2089 HOH A O   1 
HETATM 1043 O O   . HOH D 4 .   ? -15.060 7.337   -0.027  1.00 57.62 ? 2090 HOH A O   1 
HETATM 1044 O O   . HOH D 4 .   ? -15.473 5.726   -2.637  1.00 51.16 ? 2091 HOH A O   1 
HETATM 1045 O O   . HOH D 4 .   ? 19.304  -8.204  -2.682  1.00 59.30 ? 2092 HOH A O   1 
HETATM 1046 O O   . HOH D 4 .   ? 15.517  0.059   10.237  1.00 56.31 ? 2093 HOH A O   1 
HETATM 1047 O O   . HOH D 4 .   ? -16.059 4.393   12.490  1.00 55.24 ? 2094 HOH A O   1 
HETATM 1048 O O   . HOH D 4 .   ? 8.396   -9.519  -5.225  1.00 59.83 ? 2095 HOH A O   1 
HETATM 1049 O O   . HOH D 4 .   ? -1.664  0.243   17.181  1.00 63.55 ? 2096 HOH A O   1 
HETATM 1050 O O   . HOH D 4 .   ? 0.516   2.505   16.404  1.00 60.99 ? 2097 HOH A O   1 
HETATM 1051 O O   . HOH D 4 .   ? -1.884  9.768   -5.782  1.00 71.31 ? 2098 HOH A O   1 
HETATM 1052 O O   . HOH D 4 .   ? 10.853  -3.348  14.074  1.00 48.96 ? 2099 HOH A O   1 
HETATM 1053 O O   . HOH D 4 .   ? 5.307   -14.801 -2.308  1.00 56.61 ? 2100 HOH A O   1 
HETATM 1054 O O   . HOH D 4 .   ? -22.809 7.460   12.403  1.00 35.99 ? 2101 HOH A O   1 
HETATM 1055 O O   . HOH D 4 .   ? 9.371   13.594  10.296  1.00 59.33 ? 2102 HOH A O   1 
HETATM 1056 O O   . HOH D 4 .   ? 15.799  -2.189  8.581   1.00 60.29 ? 2103 HOH A O   1 
HETATM 1057 O O   . HOH D 4 .   ? -5.568  0.825   16.928  1.00 55.72 ? 2104 HOH A O   1 
HETATM 1058 O O   . HOH D 4 .   ? 13.286  1.016   -6.109  1.00 53.07 ? 2105 HOH A O   1 
HETATM 1059 O O   . HOH D 4 .   ? 18.929  -17.219 2.723   1.00 49.20 ? 2106 HOH A O   1 
HETATM 1060 O O   . HOH D 4 .   ? -15.385 -1.445  -10.943 1.00 41.58 ? 2107 HOH A O   1 
HETATM 1061 O O   . HOH D 4 .   ? 2.387   -13.988 -7.823  1.00 62.96 ? 2108 HOH A O   1 
HETATM 1062 O O   . HOH D 4 .   ? -23.898 4.753   10.142  1.00 71.10 ? 2109 HOH A O   1 
HETATM 1063 O O   . HOH D 4 .   ? -20.440 7.677   4.121   1.00 47.04 ? 2110 HOH A O   1 
HETATM 1064 O O   . HOH D 4 .   ? -15.517 0.801   -12.173 1.00 51.72 ? 2111 HOH A O   1 
HETATM 1065 O O   . HOH D 4 .   ? 13.536  -1.651  -3.112  1.00 49.29 ? 2112 HOH A O   1 
HETATM 1066 O O   . HOH D 4 .   ? 14.673  -13.654 6.770   1.00 46.00 ? 2113 HOH A O   1 
HETATM 1067 O O   . HOH D 4 .   ? -16.123 -13.224 -2.435  1.00 71.16 ? 2114 HOH A O   1 
HETATM 1068 O O   . HOH D 4 .   ? -5.601  -1.068  -6.745  1.00 17.61 ? 2115 HOH A O   1 
HETATM 1069 O O   . HOH D 4 .   ? -10.187 -14.821 -10.772 1.00 52.87 ? 2116 HOH A O   1 
HETATM 1070 O O   . HOH D 4 .   ? -1.979  13.670  8.646   1.00 56.48 ? 2117 HOH A O   1 
HETATM 1071 O O   . HOH D 4 .   ? -13.516 -8.176  -1.068  1.00 63.52 ? 2118 HOH A O   1 
HETATM 1072 O O   . HOH D 4 .   ? 2.326   -8.061  -7.966  1.00 58.96 ? 2119 HOH A O   1 
HETATM 1073 O O   . HOH D 4 .   ? 11.240  -4.341  9.387   1.00 38.75 ? 2120 HOH A O   1 
HETATM 1074 O O   . HOH D 4 .   ? -19.012 8.142   5.904   1.00 63.54 ? 2121 HOH A O   1 
HETATM 1075 O O   . HOH D 4 .   ? -21.613 3.279   12.053  1.00 77.38 ? 2122 HOH A O   1 
HETATM 1076 O O   . HOH D 4 .   ? 3.298   3.096   -6.412  1.00 81.62 ? 2123 HOH A O   1 
HETATM 1077 O O   . HOH D 4 .   ? -21.082 1.878   -6.123  1.00 73.64 ? 2124 HOH A O   1 
HETATM 1078 O O   . HOH D 4 .   ? 11.978  15.531  10.913  1.00 50.11 ? 2125 HOH A O   1 
HETATM 1079 O O   . HOH D 4 .   ? -1.716  6.119   -6.286  1.00 60.09 ? 2126 HOH A O   1 
HETATM 1080 O O   . HOH D 4 .   ? 9.114   -9.661  -1.005  1.00 56.89 ? 2127 HOH A O   1 
HETATM 1081 O O   . HOH D 4 .   ? 1.932   -4.526  7.938   1.00 51.59 ? 2128 HOH A O   1 
# 
